data_1B6Y
# 
_entry.id   1B6Y 
# 
_audit_conform.dict_name       mmcif_pdbx.dic 
_audit_conform.dict_version    5.390 
_audit_conform.dict_location   http://mmcif.pdb.org/dictionaries/ascii/mmcif_pdbx.dic 
# 
loop_
_database_2.database_id 
_database_2.database_code 
_database_2.pdbx_database_accession 
_database_2.pdbx_DOI 
PDB   1B6Y         pdb_00001b6y 10.2210/pdb1b6y/pdb 
WWPDB D_1000171507 ?            ?                   
# 
loop_
_pdbx_audit_revision_history.ordinal 
_pdbx_audit_revision_history.data_content_type 
_pdbx_audit_revision_history.major_revision 
_pdbx_audit_revision_history.minor_revision 
_pdbx_audit_revision_history.revision_date 
1 'Structure model' 1 0 1999-01-27 
2 'Structure model' 1 1 2008-03-24 
3 'Structure model' 1 2 2011-07-13 
4 'Structure model' 1 3 2012-01-18 
5 'Structure model' 1 4 2024-04-10 
# 
_pdbx_audit_revision_details.ordinal             1 
_pdbx_audit_revision_details.revision_ordinal    1 
_pdbx_audit_revision_details.data_content_type   'Structure model' 
_pdbx_audit_revision_details.provider            repository 
_pdbx_audit_revision_details.type                'Initial release' 
_pdbx_audit_revision_details.description         ? 
_pdbx_audit_revision_details.details             ? 
# 
loop_
_pdbx_audit_revision_group.ordinal 
_pdbx_audit_revision_group.revision_ordinal 
_pdbx_audit_revision_group.data_content_type 
_pdbx_audit_revision_group.group 
1 2 'Structure model' 'Version format compliance' 
2 3 'Structure model' 'Version format compliance' 
3 4 'Structure model' 'Atomic model'              
4 5 'Structure model' 'Data collection'           
5 5 'Structure model' 'Database references'       
6 5 'Structure model' 'Derived calculations'      
7 5 'Structure model' Other                       
# 
loop_
_pdbx_audit_revision_category.ordinal 
_pdbx_audit_revision_category.revision_ordinal 
_pdbx_audit_revision_category.data_content_type 
_pdbx_audit_revision_category.category 
1 5 'Structure model' chem_comp_atom       
2 5 'Structure model' chem_comp_bond       
3 5 'Structure model' database_2           
4 5 'Structure model' pdbx_database_status 
5 5 'Structure model' pdbx_nmr_software    
6 5 'Structure model' struct_conn          
# 
loop_
_pdbx_audit_revision_item.ordinal 
_pdbx_audit_revision_item.revision_ordinal 
_pdbx_audit_revision_item.data_content_type 
_pdbx_audit_revision_item.item 
1  5 'Structure model' '_database_2.pdbx_DOI'                
2  5 'Structure model' '_database_2.pdbx_database_accession' 
3  5 'Structure model' '_pdbx_database_status.process_site'  
4  5 'Structure model' '_pdbx_nmr_software.name'             
5  5 'Structure model' '_struct_conn.pdbx_leaving_atom_flag' 
6  5 'Structure model' '_struct_conn.ptnr1_auth_comp_id'     
7  5 'Structure model' '_struct_conn.ptnr1_auth_seq_id'      
8  5 'Structure model' '_struct_conn.ptnr1_label_atom_id'    
9  5 'Structure model' '_struct_conn.ptnr1_label_comp_id'    
10 5 'Structure model' '_struct_conn.ptnr1_label_seq_id'     
11 5 'Structure model' '_struct_conn.ptnr2_auth_comp_id'     
12 5 'Structure model' '_struct_conn.ptnr2_auth_seq_id'      
13 5 'Structure model' '_struct_conn.ptnr2_label_atom_id'    
14 5 'Structure model' '_struct_conn.ptnr2_label_comp_id'    
15 5 'Structure model' '_struct_conn.ptnr2_label_seq_id'     
# 
_pdbx_database_status.status_code                     REL 
_pdbx_database_status.entry_id                        1B6Y 
_pdbx_database_status.recvd_initial_deposition_date   1999-01-19 
_pdbx_database_status.deposit_site                    ? 
_pdbx_database_status.process_site                    BNL 
_pdbx_database_status.status_code_sf                  ? 
_pdbx_database_status.status_code_mr                  REL 
_pdbx_database_status.SG_entry                        ? 
_pdbx_database_status.status_code_cs                  ? 
_pdbx_database_status.methods_development_category    ? 
_pdbx_database_status.pdb_format_compatible           Y 
_pdbx_database_status.status_code_nmr_data            ? 
# 
loop_
_audit_author.name 
_audit_author.pdbx_ordinal 
'Korobka, A.'       1 
'Cullinan, D.'      2 
'Cosman, M.'        3 
'Grollman, A.P.'    4 
'Patel, D.J.'       5 
'Eisenberg, M.'     6 
'De Los Santos, C.' 7 
# 
_citation.id                        primary 
_citation.title                     
;Solution structure of an oligodeoxynucleotide duplex containing the exocyclic lesion 3,N4-etheno-2'-deoxycytidine opposite 2'-deoxyadenosine, determined by NMR spectroscopy and restrained molecular dynamics.
;
_citation.journal_abbrev            Biochemistry 
_citation.journal_volume            35 
_citation.page_first                13310 
_citation.page_last                 13318 
_citation.year                      1996 
_citation.journal_id_ASTM           BICHAW 
_citation.country                   US 
_citation.journal_id_ISSN           0006-2960 
_citation.journal_id_CSD            0033 
_citation.book_publisher            ? 
_citation.pdbx_database_id_PubMed   8873597 
_citation.pdbx_database_id_DOI      10.1021/bi9605696 
# 
loop_
_citation_author.citation_id 
_citation_author.name 
_citation_author.ordinal 
_citation_author.identifier_ORCID 
primary 'Korobka, A.'       1 ? 
primary 'Cullinan, D.'      2 ? 
primary 'Cosman, M.'        3 ? 
primary 'Grollman, A.P.'    4 ? 
primary 'Patel, D.J.'       5 ? 
primary 'Eisenberg, M.'     6 ? 
primary 'de los Santos, C.' 7 ? 
# 
loop_
_entity.id 
_entity.type 
_entity.src_method 
_entity.pdbx_description 
_entity.formula_weight 
_entity.pdbx_number_of_molecules 
_entity.pdbx_ec 
_entity.pdbx_mutation 
_entity.pdbx_fragment 
_entity.details 
1 polymer syn "5'-D(*CP*GP*TP*AP*CP*(EDC)P*CP*AP*TP*GP*C)-3'" 3318.184 1 ? ? ? ? 
2 polymer syn "5'-D(*GP*CP*AP*TP*GP*AP*GP*TP*AP*CP*G)-3'"     3398.235 1 ? ? ? ? 
# 
loop_
_entity_poly.entity_id 
_entity_poly.type 
_entity_poly.nstd_linkage 
_entity_poly.nstd_monomer 
_entity_poly.pdbx_seq_one_letter_code 
_entity_poly.pdbx_seq_one_letter_code_can 
_entity_poly.pdbx_strand_id 
_entity_poly.pdbx_target_identifier 
1 polydeoxyribonucleotide no yes '(DC)(DG)(DT)(DA)(DC)(EDC)(DC)(DA)(DT)(DG)(DC)' CGTACXCATGC A ? 
2 polydeoxyribonucleotide no no  '(DG)(DC)(DA)(DT)(DG)(DA)(DG)(DT)(DA)(DC)(DG)'  GCATGAGTACG B ? 
# 
loop_
_entity_poly_seq.entity_id 
_entity_poly_seq.num 
_entity_poly_seq.mon_id 
_entity_poly_seq.hetero 
1 1  DC  n 
1 2  DG  n 
1 3  DT  n 
1 4  DA  n 
1 5  DC  n 
1 6  EDC n 
1 7  DC  n 
1 8  DA  n 
1 9  DT  n 
1 10 DG  n 
1 11 DC  n 
2 1  DG  n 
2 2  DC  n 
2 3  DA  n 
2 4  DT  n 
2 5  DG  n 
2 6  DA  n 
2 7  DG  n 
2 8  DT  n 
2 9  DA  n 
2 10 DC  n 
2 11 DG  n 
# 
loop_
_chem_comp.id 
_chem_comp.type 
_chem_comp.mon_nstd_flag 
_chem_comp.name 
_chem_comp.pdbx_synonyms 
_chem_comp.formula 
_chem_comp.formula_weight 
DA  'DNA linking' y "2'-DEOXYADENOSINE-5'-MONOPHOSPHATE"             ? 'C10 H14 N5 O6 P' 331.222 
DC  'DNA linking' y "2'-DEOXYCYTIDINE-5'-MONOPHOSPHATE"              ? 'C9 H14 N3 O7 P'  307.197 
DG  'DNA linking' y "2'-DEOXYGUANOSINE-5'-MONOPHOSPHATE"             ? 'C10 H14 N5 O7 P' 347.221 
DT  'DNA linking' y "THYMIDINE-5'-MONOPHOSPHATE"                     ? 'C10 H15 N2 O8 P' 322.208 
EDC 'DNA linking' . "N3,N4-ETHENO-2'-DEOXYCYTIDINE-5'-MONOPHOSPHATE" 
'6-(2-deoxy-5-O-phosphono-beta-D-erythro-pentofuranosyl)imidazo[1,2-c]pyrimidin-5(6H)-one' 'C11 H14 N3 O7 P' 331.219 
# 
loop_
_pdbx_poly_seq_scheme.asym_id 
_pdbx_poly_seq_scheme.entity_id 
_pdbx_poly_seq_scheme.seq_id 
_pdbx_poly_seq_scheme.mon_id 
_pdbx_poly_seq_scheme.ndb_seq_num 
_pdbx_poly_seq_scheme.pdb_seq_num 
_pdbx_poly_seq_scheme.auth_seq_num 
_pdbx_poly_seq_scheme.pdb_mon_id 
_pdbx_poly_seq_scheme.auth_mon_id 
_pdbx_poly_seq_scheme.pdb_strand_id 
_pdbx_poly_seq_scheme.pdb_ins_code 
_pdbx_poly_seq_scheme.hetero 
A 1 1  DC  1  1  1  DC  C   A . n 
A 1 2  DG  2  2  2  DG  G   A . n 
A 1 3  DT  3  3  3  DT  T   A . n 
A 1 4  DA  4  4  4  DA  A   A . n 
A 1 5  DC  5  5  5  DC  C   A . n 
A 1 6  EDC 6  6  6  EDC EDC A . n 
A 1 7  DC  7  7  7  DC  C   A . n 
A 1 8  DA  8  8  8  DA  A   A . n 
A 1 9  DT  9  9  9  DT  T   A . n 
A 1 10 DG  10 10 10 DG  G   A . n 
A 1 11 DC  11 11 11 DC  C   A . n 
B 2 1  DG  1  1  1  DG  G   B . n 
B 2 2  DC  2  2  2  DC  C   B . n 
B 2 3  DA  3  3  3  DA  A   B . n 
B 2 4  DT  4  4  4  DT  T   B . n 
B 2 5  DG  5  5  5  DG  G   B . n 
B 2 6  DA  6  6  6  DA  A   B . n 
B 2 7  DG  7  7  7  DG  G   B . n 
B 2 8  DT  8  8  8  DT  T   B . n 
B 2 9  DA  9  9  9  DA  A   B . n 
B 2 10 DC  10 10 10 DC  C   B . n 
B 2 11 DG  11 11 11 DG  G   B . n 
# 
loop_
_software.name 
_software.classification 
_software.version 
_software.citation_id 
_software.pdbx_ordinal 
X-PLOR 'model building' 3.1 ? 1 
X-PLOR refinement       3.1 ? 2 
X-PLOR phasing          3.1 ? 3 
# 
_cell.entry_id           1B6Y 
_cell.length_a           1.000 
_cell.length_b           1.000 
_cell.length_c           1.000 
_cell.angle_alpha        90.00 
_cell.angle_beta         90.00 
_cell.angle_gamma        90.00 
_cell.Z_PDB              1 
_cell.pdbx_unique_axis   ? 
# 
_symmetry.entry_id                         1B6Y 
_symmetry.space_group_name_H-M             'P 1' 
_symmetry.pdbx_full_space_group_name_H-M   ? 
_symmetry.cell_setting                     ? 
_symmetry.Int_Tables_number                1 
# 
_exptl.entry_id          1B6Y 
_exptl.method            'SOLUTION NMR' 
_exptl.crystals_number   ? 
# 
_struct.entry_id                  1B6Y 
_struct.title                     
;3,N4-ETHENO-2'-DEOXYCYTIDINE OPPOSITE ADENINE IN AN 11-MER DUPLEX, SOLUTION STRUCTURE FROM NMR AND MOLECULAR DYNAMICS, 2 STRUCTURES
;
_struct.pdbx_model_details        ? 
_struct.pdbx_CASP_flag            ? 
_struct.pdbx_model_type_details   ? 
# 
_struct_keywords.entry_id        1B6Y 
_struct_keywords.pdbx_keywords   DNA 
_struct_keywords.text            'DEOXYRIBONUCLEIC ACID, ETHENODC, EDC, EXOCYCLIC LESION, DNA' 
# 
loop_
_struct_asym.id 
_struct_asym.pdbx_blank_PDB_chainid_flag 
_struct_asym.pdbx_modified 
_struct_asym.entity_id 
_struct_asym.details 
A N N 1 ? 
B N N 2 ? 
# 
loop_
_struct_ref.id 
_struct_ref.entity_id 
_struct_ref.db_name 
_struct_ref.db_code 
_struct_ref.pdbx_db_accession 
_struct_ref.pdbx_align_begin 
_struct_ref.pdbx_seq_one_letter_code 
_struct_ref.pdbx_db_isoform 
1 1 PDB 1B6Y 1B6Y ? ? ? 
2 2 PDB 1B6Y 1B6Y ? ? ? 
# 
loop_
_struct_ref_seq.align_id 
_struct_ref_seq.ref_id 
_struct_ref_seq.pdbx_PDB_id_code 
_struct_ref_seq.pdbx_strand_id 
_struct_ref_seq.seq_align_beg 
_struct_ref_seq.pdbx_seq_align_beg_ins_code 
_struct_ref_seq.seq_align_end 
_struct_ref_seq.pdbx_seq_align_end_ins_code 
_struct_ref_seq.pdbx_db_accession 
_struct_ref_seq.db_align_beg 
_struct_ref_seq.pdbx_db_align_beg_ins_code 
_struct_ref_seq.db_align_end 
_struct_ref_seq.pdbx_db_align_end_ins_code 
_struct_ref_seq.pdbx_auth_seq_align_beg 
_struct_ref_seq.pdbx_auth_seq_align_end 
1 1 1B6Y A 1 ? 11 ? 1B6Y 1 ? 11 ? 1 11 
2 2 1B6Y B 1 ? 11 ? 1B6Y 1 ? 11 ? 1 11 
# 
_pdbx_struct_assembly.id                   1 
_pdbx_struct_assembly.details              author_defined_assembly 
_pdbx_struct_assembly.method_details       ? 
_pdbx_struct_assembly.oligomeric_details   dimeric 
_pdbx_struct_assembly.oligomeric_count     2 
# 
_pdbx_struct_assembly_gen.assembly_id       1 
_pdbx_struct_assembly_gen.oper_expression   1 
_pdbx_struct_assembly_gen.asym_id_list      A,B 
# 
_pdbx_struct_oper_list.id                   1 
_pdbx_struct_oper_list.type                 'identity operation' 
_pdbx_struct_oper_list.name                 1_555 
_pdbx_struct_oper_list.symmetry_operation   x,y,z 
_pdbx_struct_oper_list.matrix[1][1]         1.0000000000 
_pdbx_struct_oper_list.matrix[1][2]         0.0000000000 
_pdbx_struct_oper_list.matrix[1][3]         0.0000000000 
_pdbx_struct_oper_list.vector[1]            0.0000000000 
_pdbx_struct_oper_list.matrix[2][1]         0.0000000000 
_pdbx_struct_oper_list.matrix[2][2]         1.0000000000 
_pdbx_struct_oper_list.matrix[2][3]         0.0000000000 
_pdbx_struct_oper_list.vector[2]            0.0000000000 
_pdbx_struct_oper_list.matrix[3][1]         0.0000000000 
_pdbx_struct_oper_list.matrix[3][2]         0.0000000000 
_pdbx_struct_oper_list.matrix[3][3]         1.0000000000 
_pdbx_struct_oper_list.vector[3]            0.0000000000 
# 
_struct_biol.id        1 
_struct_biol.details   ? 
# 
loop_
_struct_conn.id 
_struct_conn.conn_type_id 
_struct_conn.pdbx_leaving_atom_flag 
_struct_conn.pdbx_PDB_id 
_struct_conn.ptnr1_label_asym_id 
_struct_conn.ptnr1_label_comp_id 
_struct_conn.ptnr1_label_seq_id 
_struct_conn.ptnr1_label_atom_id 
_struct_conn.pdbx_ptnr1_label_alt_id 
_struct_conn.pdbx_ptnr1_PDB_ins_code 
_struct_conn.pdbx_ptnr1_standard_comp_id 
_struct_conn.ptnr1_symmetry 
_struct_conn.ptnr2_label_asym_id 
_struct_conn.ptnr2_label_comp_id 
_struct_conn.ptnr2_label_seq_id 
_struct_conn.ptnr2_label_atom_id 
_struct_conn.pdbx_ptnr2_label_alt_id 
_struct_conn.pdbx_ptnr2_PDB_ins_code 
_struct_conn.ptnr1_auth_asym_id 
_struct_conn.ptnr1_auth_comp_id 
_struct_conn.ptnr1_auth_seq_id 
_struct_conn.ptnr2_auth_asym_id 
_struct_conn.ptnr2_auth_comp_id 
_struct_conn.ptnr2_auth_seq_id 
_struct_conn.ptnr2_symmetry 
_struct_conn.pdbx_ptnr3_label_atom_id 
_struct_conn.pdbx_ptnr3_label_seq_id 
_struct_conn.pdbx_ptnr3_label_comp_id 
_struct_conn.pdbx_ptnr3_label_asym_id 
_struct_conn.pdbx_ptnr3_label_alt_id 
_struct_conn.pdbx_ptnr3_PDB_ins_code 
_struct_conn.details 
_struct_conn.pdbx_dist_value 
_struct_conn.pdbx_value_order 
_struct_conn.pdbx_role 
covale1  covale both ? A DC  5  "O3'" ? ? ? 1_555 A EDC 6  P  ? ? A DC  5  A EDC 6  1_555 ? ? ? ? ? ? ?            1.620 ? ? 
covale2  covale both ? A EDC 6  "O3'" ? ? ? 1_555 A DC  7  P  ? ? A EDC 6  A DC  7  1_555 ? ? ? ? ? ? ?            1.619 ? ? 
hydrog1  hydrog ?    ? A DC  1  N3    ? ? ? 1_555 B DG  11 N1 ? ? A DC  1  B DG  11 1_555 ? ? ? ? ? ? WATSON-CRICK ?     ? ? 
hydrog2  hydrog ?    ? A DC  1  N4    ? ? ? 1_555 B DG  11 O6 ? ? A DC  1  B DG  11 1_555 ? ? ? ? ? ? WATSON-CRICK ?     ? ? 
hydrog3  hydrog ?    ? A DC  1  O2    ? ? ? 1_555 B DG  11 N2 ? ? A DC  1  B DG  11 1_555 ? ? ? ? ? ? WATSON-CRICK ?     ? ? 
hydrog4  hydrog ?    ? A DG  2  N1    ? ? ? 1_555 B DC  10 N3 ? ? A DG  2  B DC  10 1_555 ? ? ? ? ? ? WATSON-CRICK ?     ? ? 
hydrog5  hydrog ?    ? A DG  2  N2    ? ? ? 1_555 B DC  10 O2 ? ? A DG  2  B DC  10 1_555 ? ? ? ? ? ? WATSON-CRICK ?     ? ? 
hydrog6  hydrog ?    ? A DG  2  O6    ? ? ? 1_555 B DC  10 N4 ? ? A DG  2  B DC  10 1_555 ? ? ? ? ? ? WATSON-CRICK ?     ? ? 
hydrog7  hydrog ?    ? A DT  3  N3    ? ? ? 1_555 B DA  9  N1 ? ? A DT  3  B DA  9  1_555 ? ? ? ? ? ? WATSON-CRICK ?     ? ? 
hydrog8  hydrog ?    ? A DT  3  O4    ? ? ? 1_555 B DA  9  N6 ? ? A DT  3  B DA  9  1_555 ? ? ? ? ? ? WATSON-CRICK ?     ? ? 
hydrog9  hydrog ?    ? A DA  4  N1    ? ? ? 1_555 B DT  8  N3 ? ? A DA  4  B DT  8  1_555 ? ? ? ? ? ? WATSON-CRICK ?     ? ? 
hydrog10 hydrog ?    ? A DA  4  N6    ? ? ? 1_555 B DT  8  O4 ? ? A DA  4  B DT  8  1_555 ? ? ? ? ? ? WATSON-CRICK ?     ? ? 
hydrog11 hydrog ?    ? A DC  5  N3    ? ? ? 1_555 B DG  7  N1 ? ? A DC  5  B DG  7  1_555 ? ? ? ? ? ? WATSON-CRICK ?     ? ? 
hydrog12 hydrog ?    ? A DC  5  N4    ? ? ? 1_555 B DG  7  O6 ? ? A DC  5  B DG  7  1_555 ? ? ? ? ? ? WATSON-CRICK ?     ? ? 
hydrog13 hydrog ?    ? A DC  5  O2    ? ? ? 1_555 B DG  7  N2 ? ? A DC  5  B DG  7  1_555 ? ? ? ? ? ? WATSON-CRICK ?     ? ? 
hydrog14 hydrog ?    ? A DC  7  N3    ? ? ? 1_555 B DG  5  N1 ? ? A DC  7  B DG  5  1_555 ? ? ? ? ? ? WATSON-CRICK ?     ? ? 
hydrog15 hydrog ?    ? A DC  7  N4    ? ? ? 1_555 B DG  5  O6 ? ? A DC  7  B DG  5  1_555 ? ? ? ? ? ? WATSON-CRICK ?     ? ? 
hydrog16 hydrog ?    ? A DC  7  O2    ? ? ? 1_555 B DG  5  N2 ? ? A DC  7  B DG  5  1_555 ? ? ? ? ? ? WATSON-CRICK ?     ? ? 
hydrog17 hydrog ?    ? A DA  8  N1    ? ? ? 1_555 B DT  4  N3 ? ? A DA  8  B DT  4  1_555 ? ? ? ? ? ? WATSON-CRICK ?     ? ? 
hydrog18 hydrog ?    ? A DA  8  N6    ? ? ? 1_555 B DT  4  O4 ? ? A DA  8  B DT  4  1_555 ? ? ? ? ? ? WATSON-CRICK ?     ? ? 
hydrog19 hydrog ?    ? A DT  9  N3    ? ? ? 1_555 B DA  3  N1 ? ? A DT  9  B DA  3  1_555 ? ? ? ? ? ? WATSON-CRICK ?     ? ? 
hydrog20 hydrog ?    ? A DT  9  O4    ? ? ? 1_555 B DA  3  N6 ? ? A DT  9  B DA  3  1_555 ? ? ? ? ? ? WATSON-CRICK ?     ? ? 
hydrog21 hydrog ?    ? A DG  10 N1    ? ? ? 1_555 B DC  2  N3 ? ? A DG  10 B DC  2  1_555 ? ? ? ? ? ? WATSON-CRICK ?     ? ? 
hydrog22 hydrog ?    ? A DG  10 N2    ? ? ? 1_555 B DC  2  O2 ? ? A DG  10 B DC  2  1_555 ? ? ? ? ? ? WATSON-CRICK ?     ? ? 
hydrog23 hydrog ?    ? A DG  10 O6    ? ? ? 1_555 B DC  2  N4 ? ? A DG  10 B DC  2  1_555 ? ? ? ? ? ? WATSON-CRICK ?     ? ? 
hydrog24 hydrog ?    ? A DC  11 N3    ? ? ? 1_555 B DG  1  N1 ? ? A DC  11 B DG  1  1_555 ? ? ? ? ? ? WATSON-CRICK ?     ? ? 
hydrog25 hydrog ?    ? A DC  11 N4    ? ? ? 1_555 B DG  1  O6 ? ? A DC  11 B DG  1  1_555 ? ? ? ? ? ? WATSON-CRICK ?     ? ? 
hydrog26 hydrog ?    ? A DC  11 O2    ? ? ? 1_555 B DG  1  N2 ? ? A DC  11 B DG  1  1_555 ? ? ? ? ? ? WATSON-CRICK ?     ? ? 
# 
loop_
_struct_conn_type.id 
_struct_conn_type.criteria 
_struct_conn_type.reference 
covale ? ? 
hydrog ? ? 
# 
loop_
_pdbx_validate_rmsd_bond.id 
_pdbx_validate_rmsd_bond.PDB_model_num 
_pdbx_validate_rmsd_bond.auth_atom_id_1 
_pdbx_validate_rmsd_bond.auth_asym_id_1 
_pdbx_validate_rmsd_bond.auth_comp_id_1 
_pdbx_validate_rmsd_bond.auth_seq_id_1 
_pdbx_validate_rmsd_bond.PDB_ins_code_1 
_pdbx_validate_rmsd_bond.label_alt_id_1 
_pdbx_validate_rmsd_bond.auth_atom_id_2 
_pdbx_validate_rmsd_bond.auth_asym_id_2 
_pdbx_validate_rmsd_bond.auth_comp_id_2 
_pdbx_validate_rmsd_bond.auth_seq_id_2 
_pdbx_validate_rmsd_bond.PDB_ins_code_2 
_pdbx_validate_rmsd_bond.label_alt_id_2 
_pdbx_validate_rmsd_bond.bond_value 
_pdbx_validate_rmsd_bond.bond_target_value 
_pdbx_validate_rmsd_bond.bond_deviation 
_pdbx_validate_rmsd_bond.bond_standard_deviation 
_pdbx_validate_rmsd_bond.linker_flag 
1  1 C4 A DC 1  ? ? N4 A DC 1  ? ? 1.429 1.335 0.094 0.009 N 
2  1 C2 A DG 2  ? ? N2 A DG 2  ? ? 1.425 1.341 0.084 0.010 N 
3  1 C5 A DT 3  ? ? C7 A DT 3  ? ? 1.533 1.496 0.037 0.006 N 
4  1 C6 A DA 4  ? ? N6 A DA 4  ? ? 1.426 1.335 0.091 0.008 N 
5  1 C4 A DC 5  ? ? N4 A DC 5  ? ? 1.428 1.335 0.093 0.009 N 
6  1 C4 A DC 7  ? ? N4 A DC 7  ? ? 1.428 1.335 0.093 0.009 N 
7  1 C6 A DA 8  ? ? N6 A DA 8  ? ? 1.428 1.335 0.093 0.008 N 
8  1 C5 A DT 9  ? ? C7 A DT 9  ? ? 1.533 1.496 0.037 0.006 N 
9  1 C2 A DG 10 ? ? N2 A DG 10 ? ? 1.423 1.341 0.082 0.010 N 
10 1 C4 A DC 11 ? ? N4 A DC 11 ? ? 1.426 1.335 0.091 0.009 N 
11 1 C2 B DG 1  ? ? N2 B DG 1  ? ? 1.422 1.341 0.081 0.010 N 
12 1 C4 B DC 2  ? ? N4 B DC 2  ? ? 1.430 1.335 0.095 0.009 N 
13 1 C6 B DA 3  ? ? N6 B DA 3  ? ? 1.429 1.335 0.094 0.008 N 
14 1 C5 B DT 4  ? ? C7 B DT 4  ? ? 1.532 1.496 0.036 0.006 N 
15 1 C2 B DG 5  ? ? N2 B DG 5  ? ? 1.422 1.341 0.081 0.010 N 
16 1 C6 B DA 6  ? ? N6 B DA 6  ? ? 1.428 1.335 0.093 0.008 N 
17 1 C2 B DG 7  ? ? N2 B DG 7  ? ? 1.420 1.341 0.079 0.010 N 
18 1 C5 B DT 8  ? ? C7 B DT 8  ? ? 1.535 1.496 0.039 0.006 N 
19 1 C6 B DA 9  ? ? N6 B DA 9  ? ? 1.427 1.335 0.092 0.008 N 
20 1 C4 B DC 10 ? ? N4 B DC 10 ? ? 1.427 1.335 0.092 0.009 N 
21 1 C2 B DG 11 ? ? N2 B DG 11 ? ? 1.427 1.341 0.086 0.010 N 
22 2 C4 A DC 1  ? ? N4 A DC 1  ? ? 1.430 1.335 0.095 0.009 N 
23 2 C2 A DG 2  ? ? N2 A DG 2  ? ? 1.424 1.341 0.083 0.010 N 
24 2 C6 A DA 4  ? ? N6 A DA 4  ? ? 1.427 1.335 0.092 0.008 N 
25 2 C4 A DC 5  ? ? N4 A DC 5  ? ? 1.427 1.335 0.092 0.009 N 
26 2 C4 A DC 7  ? ? N4 A DC 7  ? ? 1.429 1.335 0.094 0.009 N 
27 2 C6 A DA 8  ? ? N6 A DA 8  ? ? 1.427 1.335 0.092 0.008 N 
28 2 C2 A DG 10 ? ? N2 A DG 10 ? ? 1.423 1.341 0.082 0.010 N 
29 2 C4 A DC 11 ? ? N4 A DC 11 ? ? 1.427 1.335 0.092 0.009 N 
30 2 C2 B DG 1  ? ? N2 B DG 1  ? ? 1.421 1.341 0.080 0.010 N 
31 2 C4 B DC 2  ? ? N4 B DC 2  ? ? 1.430 1.335 0.095 0.009 N 
32 2 C6 B DA 3  ? ? N6 B DA 3  ? ? 1.427 1.335 0.092 0.008 N 
33 2 C2 B DG 5  ? ? N2 B DG 5  ? ? 1.423 1.341 0.082 0.010 N 
34 2 C6 B DA 6  ? ? N6 B DA 6  ? ? 1.428 1.335 0.093 0.008 N 
35 2 C2 B DG 7  ? ? N2 B DG 7  ? ? 1.419 1.341 0.078 0.010 N 
36 2 C5 B DT 8  ? ? C7 B DT 8  ? ? 1.534 1.496 0.038 0.006 N 
37 2 C6 B DA 9  ? ? N6 B DA 9  ? ? 1.429 1.335 0.094 0.008 N 
38 2 C4 B DC 10 ? ? N4 B DC 10 ? ? 1.428 1.335 0.093 0.009 N 
39 2 C2 B DG 11 ? ? N2 B DG 11 ? ? 1.428 1.341 0.087 0.010 N 
# 
loop_
_pdbx_validate_rmsd_angle.id 
_pdbx_validate_rmsd_angle.PDB_model_num 
_pdbx_validate_rmsd_angle.auth_atom_id_1 
_pdbx_validate_rmsd_angle.auth_asym_id_1 
_pdbx_validate_rmsd_angle.auth_comp_id_1 
_pdbx_validate_rmsd_angle.auth_seq_id_1 
_pdbx_validate_rmsd_angle.PDB_ins_code_1 
_pdbx_validate_rmsd_angle.label_alt_id_1 
_pdbx_validate_rmsd_angle.auth_atom_id_2 
_pdbx_validate_rmsd_angle.auth_asym_id_2 
_pdbx_validate_rmsd_angle.auth_comp_id_2 
_pdbx_validate_rmsd_angle.auth_seq_id_2 
_pdbx_validate_rmsd_angle.PDB_ins_code_2 
_pdbx_validate_rmsd_angle.label_alt_id_2 
_pdbx_validate_rmsd_angle.auth_atom_id_3 
_pdbx_validate_rmsd_angle.auth_asym_id_3 
_pdbx_validate_rmsd_angle.auth_comp_id_3 
_pdbx_validate_rmsd_angle.auth_seq_id_3 
_pdbx_validate_rmsd_angle.PDB_ins_code_3 
_pdbx_validate_rmsd_angle.label_alt_id_3 
_pdbx_validate_rmsd_angle.angle_value 
_pdbx_validate_rmsd_angle.angle_target_value 
_pdbx_validate_rmsd_angle.angle_deviation 
_pdbx_validate_rmsd_angle.angle_standard_deviation 
_pdbx_validate_rmsd_angle.linker_flag 
1  1 N7    A DG 2  ? ? C8    A DG 2  ? ? N9 A DG 2  ? ? 116.61 113.10 3.51  0.50 N 
2  1 C6    A DT 3  ? ? C5    A DT 3  ? ? C7 A DT 3  ? ? 119.27 122.90 -3.63 0.60 N 
3  1 "O4'" A DG 10 ? ? "C1'" A DG 10 ? ? N9 A DG 10 ? ? 110.17 108.30 1.87  0.30 N 
4  1 "O4'" A DC 11 ? ? "C1'" A DC 11 ? ? N1 A DC 11 ? ? 114.97 108.30 6.67  0.30 N 
5  1 N7    B DG 1  ? ? C8    B DG 1  ? ? N9 B DG 1  ? ? 116.29 113.10 3.19  0.50 N 
6  1 "O4'" B DC 2  ? ? "C1'" B DC 2  ? ? N1 B DC 2  ? ? 113.38 108.30 5.08  0.30 N 
7  1 N7    B DG 5  ? ? C8    B DG 5  ? ? N9 B DG 5  ? ? 116.13 113.10 3.03  0.50 N 
8  1 "O4'" B DG 7  ? ? "C1'" B DG 7  ? ? N9 B DG 7  ? ? 111.35 108.30 3.05  0.30 N 
9  1 "O4'" B DC 10 ? ? "C1'" B DC 10 ? ? N1 B DC 10 ? ? 110.26 108.30 1.96  0.30 N 
10 1 "O4'" B DG 11 ? ? "C1'" B DG 11 ? ? N9 B DG 11 ? ? 115.15 108.30 6.85  0.30 N 
11 1 N7    B DG 11 ? ? C8    B DG 11 ? ? N9 B DG 11 ? ? 116.20 113.10 3.10  0.50 N 
12 2 N1    A DC 1  ? ? C2    A DC 1  ? ? O2 A DC 1  ? ? 122.66 118.90 3.76  0.60 N 
13 2 N7    A DG 2  ? ? C8    A DG 2  ? ? N9 A DG 2  ? ? 116.43 113.10 3.33  0.50 N 
14 2 "O4'" A DT 3  ? ? "C1'" A DT 3  ? ? N1 A DT 3  ? ? 110.11 108.30 1.81  0.30 N 
15 2 C6    A DT 3  ? ? C5    A DT 3  ? ? C7 A DT 3  ? ? 119.15 122.90 -3.75 0.60 N 
16 2 "O4'" A DG 10 ? ? "C1'" A DG 10 ? ? N9 A DG 10 ? ? 110.44 108.30 2.14  0.30 N 
17 2 "O4'" A DC 11 ? ? "C1'" A DC 11 ? ? N1 A DC 11 ? ? 115.01 108.30 6.71  0.30 N 
18 2 N7    B DG 1  ? ? C8    B DG 1  ? ? N9 B DG 1  ? ? 116.33 113.10 3.23  0.50 N 
19 2 "O4'" B DC 2  ? ? "C1'" B DC 2  ? ? N1 B DC 2  ? ? 113.36 108.30 5.06  0.30 N 
20 2 "O4'" B DG 7  ? ? "C1'" B DG 7  ? ? N9 B DG 7  ? ? 111.20 108.30 2.90  0.30 N 
21 2 "O4'" B DC 10 ? ? "C1'" B DC 10 ? ? N1 B DC 10 ? ? 110.36 108.30 2.06  0.30 N 
22 2 "O4'" B DG 11 ? ? "C1'" B DG 11 ? ? N9 B DG 11 ? ? 114.80 108.30 6.50  0.30 N 
23 2 N7    B DG 11 ? ? C8    B DG 11 ? ? N9 B DG 11 ? ? 116.25 113.10 3.15  0.50 N 
# 
_pdbx_nmr_ensemble.entry_id                                      1B6Y 
_pdbx_nmr_ensemble.conformers_calculated_total_number            2 
_pdbx_nmr_ensemble.conformers_submitted_total_number             2 
_pdbx_nmr_ensemble.conformer_selection_criteria                  ? 
_pdbx_nmr_ensemble.average_constraints_per_residue               ? 
_pdbx_nmr_ensemble.average_constraint_violations_per_residue     ? 
_pdbx_nmr_ensemble.maximum_distance_constraint_violation         ? 
_pdbx_nmr_ensemble.average_distance_constraint_violation         ? 
_pdbx_nmr_ensemble.maximum_upper_distance_constraint_violation   ? 
_pdbx_nmr_ensemble.maximum_lower_distance_constraint_violation   ? 
_pdbx_nmr_ensemble.distance_constraint_violation_method          ? 
_pdbx_nmr_ensemble.maximum_torsion_angle_constraint_violation    ? 
_pdbx_nmr_ensemble.average_torsion_angle_constraint_violation    ? 
_pdbx_nmr_ensemble.torsion_angle_constraint_violation_method     ? 
# 
_pdbx_nmr_exptl_sample_conditions.conditions_id       1 
_pdbx_nmr_exptl_sample_conditions.temperature         298 
_pdbx_nmr_exptl_sample_conditions.pressure            ? 
_pdbx_nmr_exptl_sample_conditions.pH                  6.9 
_pdbx_nmr_exptl_sample_conditions.ionic_strength      ? 
_pdbx_nmr_exptl_sample_conditions.pressure_units      . 
_pdbx_nmr_exptl_sample_conditions.temperature_units   K 
# 
loop_
_pdbx_nmr_exptl.experiment_id 
_pdbx_nmr_exptl.conditions_id 
_pdbx_nmr_exptl.type 
_pdbx_nmr_exptl.solution_id 
1 1 NOESY    1 
2 1 COSY     1 
3 1 DQF-COSY 1 
# 
_pdbx_nmr_details.entry_id   1B6Y 
_pdbx_nmr_details.text       
;THE STRUCTURE WAS DETERMINED USING 2D PROTON NMR FOLLOWED BY DISTANCE RESTRAINED MOLECULAR DYNAMICS SIMULATIONS, AND FURTHER REFINED USING THE FULL RELAXATION MATRIX BACK CALCULATION APPROACH.
;
# 
_pdbx_nmr_refine.entry_id           1B6Y 
_pdbx_nmr_refine.method             'RESTRAINED MOLECULAR DYNAMICS SIMULATIONS' 
_pdbx_nmr_refine.details            'REFINEMENT DETAILS CAN BE FOUND IN THE JRNL CITATION ABOVE.' 
_pdbx_nmr_refine.software_ordinal   1 
# 
loop_
_pdbx_nmr_software.classification 
_pdbx_nmr_software.name 
_pdbx_nmr_software.version 
_pdbx_nmr_software.authors 
_pdbx_nmr_software.ordinal 
refinement           X-PLOR 3.1 BRUNGER 1 
'structure solution' Felix  ?   ?       2 
'structure solution' X-PLOR ?   ?       3 
# 
loop_
_chem_comp_atom.comp_id 
_chem_comp_atom.atom_id 
_chem_comp_atom.type_symbol 
_chem_comp_atom.pdbx_aromatic_flag 
_chem_comp_atom.pdbx_stereo_config 
_chem_comp_atom.pdbx_ordinal 
DA  OP3    O N N 1   
DA  P      P N N 2   
DA  OP1    O N N 3   
DA  OP2    O N N 4   
DA  "O5'"  O N N 5   
DA  "C5'"  C N N 6   
DA  "C4'"  C N R 7   
DA  "O4'"  O N N 8   
DA  "C3'"  C N S 9   
DA  "O3'"  O N N 10  
DA  "C2'"  C N N 11  
DA  "C1'"  C N R 12  
DA  N9     N Y N 13  
DA  C8     C Y N 14  
DA  N7     N Y N 15  
DA  C5     C Y N 16  
DA  C6     C Y N 17  
DA  N6     N N N 18  
DA  N1     N Y N 19  
DA  C2     C Y N 20  
DA  N3     N Y N 21  
DA  C4     C Y N 22  
DA  HOP3   H N N 23  
DA  HOP2   H N N 24  
DA  "H5'"  H N N 25  
DA  "H5''" H N N 26  
DA  "H4'"  H N N 27  
DA  "H3'"  H N N 28  
DA  "HO3'" H N N 29  
DA  "H2'"  H N N 30  
DA  "H2''" H N N 31  
DA  "H1'"  H N N 32  
DA  H8     H N N 33  
DA  H61    H N N 34  
DA  H62    H N N 35  
DA  H2     H N N 36  
DC  OP3    O N N 37  
DC  P      P N N 38  
DC  OP1    O N N 39  
DC  OP2    O N N 40  
DC  "O5'"  O N N 41  
DC  "C5'"  C N N 42  
DC  "C4'"  C N R 43  
DC  "O4'"  O N N 44  
DC  "C3'"  C N S 45  
DC  "O3'"  O N N 46  
DC  "C2'"  C N N 47  
DC  "C1'"  C N R 48  
DC  N1     N N N 49  
DC  C2     C N N 50  
DC  O2     O N N 51  
DC  N3     N N N 52  
DC  C4     C N N 53  
DC  N4     N N N 54  
DC  C5     C N N 55  
DC  C6     C N N 56  
DC  HOP3   H N N 57  
DC  HOP2   H N N 58  
DC  "H5'"  H N N 59  
DC  "H5''" H N N 60  
DC  "H4'"  H N N 61  
DC  "H3'"  H N N 62  
DC  "HO3'" H N N 63  
DC  "H2'"  H N N 64  
DC  "H2''" H N N 65  
DC  "H1'"  H N N 66  
DC  H41    H N N 67  
DC  H42    H N N 68  
DC  H5     H N N 69  
DC  H6     H N N 70  
DG  OP3    O N N 71  
DG  P      P N N 72  
DG  OP1    O N N 73  
DG  OP2    O N N 74  
DG  "O5'"  O N N 75  
DG  "C5'"  C N N 76  
DG  "C4'"  C N R 77  
DG  "O4'"  O N N 78  
DG  "C3'"  C N S 79  
DG  "O3'"  O N N 80  
DG  "C2'"  C N N 81  
DG  "C1'"  C N R 82  
DG  N9     N Y N 83  
DG  C8     C Y N 84  
DG  N7     N Y N 85  
DG  C5     C Y N 86  
DG  C6     C N N 87  
DG  O6     O N N 88  
DG  N1     N N N 89  
DG  C2     C N N 90  
DG  N2     N N N 91  
DG  N3     N N N 92  
DG  C4     C Y N 93  
DG  HOP3   H N N 94  
DG  HOP2   H N N 95  
DG  "H5'"  H N N 96  
DG  "H5''" H N N 97  
DG  "H4'"  H N N 98  
DG  "H3'"  H N N 99  
DG  "HO3'" H N N 100 
DG  "H2'"  H N N 101 
DG  "H2''" H N N 102 
DG  "H1'"  H N N 103 
DG  H8     H N N 104 
DG  H1     H N N 105 
DG  H21    H N N 106 
DG  H22    H N N 107 
DT  OP3    O N N 108 
DT  P      P N N 109 
DT  OP1    O N N 110 
DT  OP2    O N N 111 
DT  "O5'"  O N N 112 
DT  "C5'"  C N N 113 
DT  "C4'"  C N R 114 
DT  "O4'"  O N N 115 
DT  "C3'"  C N S 116 
DT  "O3'"  O N N 117 
DT  "C2'"  C N N 118 
DT  "C1'"  C N R 119 
DT  N1     N N N 120 
DT  C2     C N N 121 
DT  O2     O N N 122 
DT  N3     N N N 123 
DT  C4     C N N 124 
DT  O4     O N N 125 
DT  C5     C N N 126 
DT  C7     C N N 127 
DT  C6     C N N 128 
DT  HOP3   H N N 129 
DT  HOP2   H N N 130 
DT  "H5'"  H N N 131 
DT  "H5''" H N N 132 
DT  "H4'"  H N N 133 
DT  "H3'"  H N N 134 
DT  "HO3'" H N N 135 
DT  "H2'"  H N N 136 
DT  "H2''" H N N 137 
DT  "H1'"  H N N 138 
DT  H3     H N N 139 
DT  H71    H N N 140 
DT  H72    H N N 141 
DT  H73    H N N 142 
DT  H6     H N N 143 
EDC OP3    O N N 144 
EDC P      P N N 145 
EDC N1     N N N 146 
EDC C2     C N N 147 
EDC O2     O N N 148 
EDC N3     N Y N 149 
EDC C4     C Y N 150 
EDC N4     N Y N 151 
EDC C5     C N N 152 
EDC C6     C N N 153 
EDC C7     C Y N 154 
EDC C8     C Y N 155 
EDC "C1'"  C N R 156 
EDC "C2'"  C N N 157 
EDC "C3'"  C N S 158 
EDC "O3'"  O N N 159 
EDC "C4'"  C N R 160 
EDC "O4'"  O N N 161 
EDC "C5'"  C N N 162 
EDC "O5'"  O N N 163 
EDC OP1    O N N 164 
EDC OP2    O N N 165 
EDC HOP3   H N N 166 
EDC H5     H N N 167 
EDC H6     H N N 168 
EDC H7     H N N 169 
EDC H8     H N N 170 
EDC "H1'"  H N N 171 
EDC "H2'"  H N N 172 
EDC "H2''" H N N 173 
EDC "H3'"  H N N 174 
EDC "HO3'" H N N 175 
EDC "H4'"  H N N 176 
EDC "H5'"  H N N 177 
EDC "H5''" H N N 178 
EDC HOP2   H N N 179 
# 
loop_
_chem_comp_bond.comp_id 
_chem_comp_bond.atom_id_1 
_chem_comp_bond.atom_id_2 
_chem_comp_bond.value_order 
_chem_comp_bond.pdbx_aromatic_flag 
_chem_comp_bond.pdbx_stereo_config 
_chem_comp_bond.pdbx_ordinal 
DA  OP3   P      sing N N 1   
DA  OP3   HOP3   sing N N 2   
DA  P     OP1    doub N N 3   
DA  P     OP2    sing N N 4   
DA  P     "O5'"  sing N N 5   
DA  OP2   HOP2   sing N N 6   
DA  "O5'" "C5'"  sing N N 7   
DA  "C5'" "C4'"  sing N N 8   
DA  "C5'" "H5'"  sing N N 9   
DA  "C5'" "H5''" sing N N 10  
DA  "C4'" "O4'"  sing N N 11  
DA  "C4'" "C3'"  sing N N 12  
DA  "C4'" "H4'"  sing N N 13  
DA  "O4'" "C1'"  sing N N 14  
DA  "C3'" "O3'"  sing N N 15  
DA  "C3'" "C2'"  sing N N 16  
DA  "C3'" "H3'"  sing N N 17  
DA  "O3'" "HO3'" sing N N 18  
DA  "C2'" "C1'"  sing N N 19  
DA  "C2'" "H2'"  sing N N 20  
DA  "C2'" "H2''" sing N N 21  
DA  "C1'" N9     sing N N 22  
DA  "C1'" "H1'"  sing N N 23  
DA  N9    C8     sing Y N 24  
DA  N9    C4     sing Y N 25  
DA  C8    N7     doub Y N 26  
DA  C8    H8     sing N N 27  
DA  N7    C5     sing Y N 28  
DA  C5    C6     sing Y N 29  
DA  C5    C4     doub Y N 30  
DA  C6    N6     sing N N 31  
DA  C6    N1     doub Y N 32  
DA  N6    H61    sing N N 33  
DA  N6    H62    sing N N 34  
DA  N1    C2     sing Y N 35  
DA  C2    N3     doub Y N 36  
DA  C2    H2     sing N N 37  
DA  N3    C4     sing Y N 38  
DC  OP3   P      sing N N 39  
DC  OP3   HOP3   sing N N 40  
DC  P     OP1    doub N N 41  
DC  P     OP2    sing N N 42  
DC  P     "O5'"  sing N N 43  
DC  OP2   HOP2   sing N N 44  
DC  "O5'" "C5'"  sing N N 45  
DC  "C5'" "C4'"  sing N N 46  
DC  "C5'" "H5'"  sing N N 47  
DC  "C5'" "H5''" sing N N 48  
DC  "C4'" "O4'"  sing N N 49  
DC  "C4'" "C3'"  sing N N 50  
DC  "C4'" "H4'"  sing N N 51  
DC  "O4'" "C1'"  sing N N 52  
DC  "C3'" "O3'"  sing N N 53  
DC  "C3'" "C2'"  sing N N 54  
DC  "C3'" "H3'"  sing N N 55  
DC  "O3'" "HO3'" sing N N 56  
DC  "C2'" "C1'"  sing N N 57  
DC  "C2'" "H2'"  sing N N 58  
DC  "C2'" "H2''" sing N N 59  
DC  "C1'" N1     sing N N 60  
DC  "C1'" "H1'"  sing N N 61  
DC  N1    C2     sing N N 62  
DC  N1    C6     sing N N 63  
DC  C2    O2     doub N N 64  
DC  C2    N3     sing N N 65  
DC  N3    C4     doub N N 66  
DC  C4    N4     sing N N 67  
DC  C4    C5     sing N N 68  
DC  N4    H41    sing N N 69  
DC  N4    H42    sing N N 70  
DC  C5    C6     doub N N 71  
DC  C5    H5     sing N N 72  
DC  C6    H6     sing N N 73  
DG  OP3   P      sing N N 74  
DG  OP3   HOP3   sing N N 75  
DG  P     OP1    doub N N 76  
DG  P     OP2    sing N N 77  
DG  P     "O5'"  sing N N 78  
DG  OP2   HOP2   sing N N 79  
DG  "O5'" "C5'"  sing N N 80  
DG  "C5'" "C4'"  sing N N 81  
DG  "C5'" "H5'"  sing N N 82  
DG  "C5'" "H5''" sing N N 83  
DG  "C4'" "O4'"  sing N N 84  
DG  "C4'" "C3'"  sing N N 85  
DG  "C4'" "H4'"  sing N N 86  
DG  "O4'" "C1'"  sing N N 87  
DG  "C3'" "O3'"  sing N N 88  
DG  "C3'" "C2'"  sing N N 89  
DG  "C3'" "H3'"  sing N N 90  
DG  "O3'" "HO3'" sing N N 91  
DG  "C2'" "C1'"  sing N N 92  
DG  "C2'" "H2'"  sing N N 93  
DG  "C2'" "H2''" sing N N 94  
DG  "C1'" N9     sing N N 95  
DG  "C1'" "H1'"  sing N N 96  
DG  N9    C8     sing Y N 97  
DG  N9    C4     sing Y N 98  
DG  C8    N7     doub Y N 99  
DG  C8    H8     sing N N 100 
DG  N7    C5     sing Y N 101 
DG  C5    C6     sing N N 102 
DG  C5    C4     doub Y N 103 
DG  C6    O6     doub N N 104 
DG  C6    N1     sing N N 105 
DG  N1    C2     sing N N 106 
DG  N1    H1     sing N N 107 
DG  C2    N2     sing N N 108 
DG  C2    N3     doub N N 109 
DG  N2    H21    sing N N 110 
DG  N2    H22    sing N N 111 
DG  N3    C4     sing N N 112 
DT  OP3   P      sing N N 113 
DT  OP3   HOP3   sing N N 114 
DT  P     OP1    doub N N 115 
DT  P     OP2    sing N N 116 
DT  P     "O5'"  sing N N 117 
DT  OP2   HOP2   sing N N 118 
DT  "O5'" "C5'"  sing N N 119 
DT  "C5'" "C4'"  sing N N 120 
DT  "C5'" "H5'"  sing N N 121 
DT  "C5'" "H5''" sing N N 122 
DT  "C4'" "O4'"  sing N N 123 
DT  "C4'" "C3'"  sing N N 124 
DT  "C4'" "H4'"  sing N N 125 
DT  "O4'" "C1'"  sing N N 126 
DT  "C3'" "O3'"  sing N N 127 
DT  "C3'" "C2'"  sing N N 128 
DT  "C3'" "H3'"  sing N N 129 
DT  "O3'" "HO3'" sing N N 130 
DT  "C2'" "C1'"  sing N N 131 
DT  "C2'" "H2'"  sing N N 132 
DT  "C2'" "H2''" sing N N 133 
DT  "C1'" N1     sing N N 134 
DT  "C1'" "H1'"  sing N N 135 
DT  N1    C2     sing N N 136 
DT  N1    C6     sing N N 137 
DT  C2    O2     doub N N 138 
DT  C2    N3     sing N N 139 
DT  N3    C4     sing N N 140 
DT  N3    H3     sing N N 141 
DT  C4    O4     doub N N 142 
DT  C4    C5     sing N N 143 
DT  C5    C7     sing N N 144 
DT  C5    C6     doub N N 145 
DT  C7    H71    sing N N 146 
DT  C7    H72    sing N N 147 
DT  C7    H73    sing N N 148 
DT  C6    H6     sing N N 149 
EDC P     OP3    sing N N 150 
EDC OP3   HOP3   sing N N 151 
EDC OP1   P      doub N N 152 
EDC "O5'" P      sing N N 153 
EDC P     OP2    sing N N 154 
EDC C2    N1     sing N N 155 
EDC N1    "C1'"  sing N N 156 
EDC N1    C6     sing N N 157 
EDC O2    C2     doub N N 158 
EDC N3    C2     sing N N 159 
EDC C8    N3     sing Y N 160 
EDC N3    C4     sing Y N 161 
EDC N4    C4     doub Y N 162 
EDC C4    C5     sing N N 163 
EDC C7    N4     sing Y N 164 
EDC C5    C6     doub N N 165 
EDC C5    H5     sing N N 166 
EDC C6    H6     sing N N 167 
EDC C8    C7     doub Y N 168 
EDC C7    H7     sing N N 169 
EDC C8    H8     sing N N 170 
EDC "C1'" "C2'"  sing N N 171 
EDC "C1'" "O4'"  sing N N 172 
EDC "C1'" "H1'"  sing N N 173 
EDC "C2'" "C3'"  sing N N 174 
EDC "C2'" "H2'"  sing N N 175 
EDC "C2'" "H2''" sing N N 176 
EDC "O3'" "C3'"  sing N N 177 
EDC "C3'" "C4'"  sing N N 178 
EDC "C3'" "H3'"  sing N N 179 
EDC "O3'" "HO3'" sing N N 180 
EDC "O4'" "C4'"  sing N N 181 
EDC "C4'" "C5'"  sing N N 182 
EDC "C4'" "H4'"  sing N N 183 
EDC "O5'" "C5'"  sing N N 184 
EDC "C5'" "H5'"  sing N N 185 
EDC "C5'" "H5''" sing N N 186 
EDC OP2   HOP2   sing N N 187 
# 
loop_
_ndb_struct_conf_na.entry_id 
_ndb_struct_conf_na.feature 
1B6Y 'double helix'         
1B6Y 'b-form double helix'  
1B6Y 'mismatched base pair' 
# 
loop_
_ndb_struct_na_base_pair.model_number 
_ndb_struct_na_base_pair.i_label_asym_id 
_ndb_struct_na_base_pair.i_label_comp_id 
_ndb_struct_na_base_pair.i_label_seq_id 
_ndb_struct_na_base_pair.i_symmetry 
_ndb_struct_na_base_pair.j_label_asym_id 
_ndb_struct_na_base_pair.j_label_comp_id 
_ndb_struct_na_base_pair.j_label_seq_id 
_ndb_struct_na_base_pair.j_symmetry 
_ndb_struct_na_base_pair.shear 
_ndb_struct_na_base_pair.stretch 
_ndb_struct_na_base_pair.stagger 
_ndb_struct_na_base_pair.buckle 
_ndb_struct_na_base_pair.propeller 
_ndb_struct_na_base_pair.opening 
_ndb_struct_na_base_pair.pair_number 
_ndb_struct_na_base_pair.pair_name 
_ndb_struct_na_base_pair.i_auth_asym_id 
_ndb_struct_na_base_pair.i_auth_seq_id 
_ndb_struct_na_base_pair.i_PDB_ins_code 
_ndb_struct_na_base_pair.j_auth_asym_id 
_ndb_struct_na_base_pair.j_auth_seq_id 
_ndb_struct_na_base_pair.j_PDB_ins_code 
_ndb_struct_na_base_pair.hbond_type_28 
_ndb_struct_na_base_pair.hbond_type_12 
1 A DC 1  1_555 B DG 11 1_555 0.527  -0.218 0.326 -9.215  -9.540  -2.901 1  A_DC1:DG11_B A 1  ? B 11 ? 19 1 
1 A DG 2  1_555 B DC 10 1_555 -0.831 -0.384 0.289 1.365   -16.722 -2.543 2  A_DG2:DC10_B A 2  ? B 10 ? 19 1 
1 A DT 3  1_555 B DA 9  1_555 -0.055 -0.175 0.211 0.327   -14.883 -3.490 3  A_DT3:DA9_B  A 3  ? B 9  ? 20 1 
1 A DA 4  1_555 B DT 8  1_555 0.231  -0.184 0.386 4.849   -10.051 -2.968 4  A_DA4:DT8_B  A 4  ? B 8  ? 20 1 
1 A DC 5  1_555 B DG 7  1_555 0.737  -0.319 0.132 13.399  -6.817  -1.943 5  A_DC5:DG7_B  A 5  ? B 7  ? 19 1 
1 A DC 7  1_555 B DG 5  1_555 0.623  -0.231 0.432 -10.563 1.829   -1.284 6  A_DC7:DG5_B  A 7  ? B 5  ? 19 1 
1 A DA 8  1_555 B DT 4  1_555 0.286  -0.154 0.153 1.688   -13.265 -2.820 7  A_DA8:DT4_B  A 8  ? B 4  ? 20 1 
1 A DT 9  1_555 B DA 3  1_555 -0.169 -0.170 0.164 -1.775  -13.085 -2.554 8  A_DT9:DA3_B  A 9  ? B 3  ? 20 1 
1 A DG 10 1_555 B DC 2  1_555 -0.504 -0.198 0.200 0.102   -10.142 -1.817 9  A_DG10:DC2_B A 10 ? B 2  ? 19 1 
1 A DC 11 1_555 B DG 1  1_555 0.691  -0.266 0.442 -10.551 -2.083  -1.970 10 A_DC11:DG1_B A 11 ? B 1  ? 19 1 
# 
loop_
_ndb_struct_na_base_pair_step.model_number 
_ndb_struct_na_base_pair_step.i_label_asym_id_1 
_ndb_struct_na_base_pair_step.i_label_comp_id_1 
_ndb_struct_na_base_pair_step.i_label_seq_id_1 
_ndb_struct_na_base_pair_step.i_symmetry_1 
_ndb_struct_na_base_pair_step.j_label_asym_id_1 
_ndb_struct_na_base_pair_step.j_label_comp_id_1 
_ndb_struct_na_base_pair_step.j_label_seq_id_1 
_ndb_struct_na_base_pair_step.j_symmetry_1 
_ndb_struct_na_base_pair_step.i_label_asym_id_2 
_ndb_struct_na_base_pair_step.i_label_comp_id_2 
_ndb_struct_na_base_pair_step.i_label_seq_id_2 
_ndb_struct_na_base_pair_step.i_symmetry_2 
_ndb_struct_na_base_pair_step.j_label_asym_id_2 
_ndb_struct_na_base_pair_step.j_label_comp_id_2 
_ndb_struct_na_base_pair_step.j_label_seq_id_2 
_ndb_struct_na_base_pair_step.j_symmetry_2 
_ndb_struct_na_base_pair_step.shift 
_ndb_struct_na_base_pair_step.slide 
_ndb_struct_na_base_pair_step.rise 
_ndb_struct_na_base_pair_step.tilt 
_ndb_struct_na_base_pair_step.roll 
_ndb_struct_na_base_pair_step.twist 
_ndb_struct_na_base_pair_step.x_displacement 
_ndb_struct_na_base_pair_step.y_displacement 
_ndb_struct_na_base_pair_step.helical_rise 
_ndb_struct_na_base_pair_step.inclination 
_ndb_struct_na_base_pair_step.tip 
_ndb_struct_na_base_pair_step.helical_twist 
_ndb_struct_na_base_pair_step.step_number 
_ndb_struct_na_base_pair_step.step_name 
_ndb_struct_na_base_pair_step.i_auth_asym_id_1 
_ndb_struct_na_base_pair_step.i_auth_seq_id_1 
_ndb_struct_na_base_pair_step.i_PDB_ins_code_1 
_ndb_struct_na_base_pair_step.j_auth_asym_id_1 
_ndb_struct_na_base_pair_step.j_auth_seq_id_1 
_ndb_struct_na_base_pair_step.j_PDB_ins_code_1 
_ndb_struct_na_base_pair_step.i_auth_asym_id_2 
_ndb_struct_na_base_pair_step.i_auth_seq_id_2 
_ndb_struct_na_base_pair_step.i_PDB_ins_code_2 
_ndb_struct_na_base_pair_step.j_auth_asym_id_2 
_ndb_struct_na_base_pair_step.j_auth_seq_id_2 
_ndb_struct_na_base_pair_step.j_PDB_ins_code_2 
1 A DC 1  1_555 B DG 11 1_555 A DG 2  1_555 B DC 10 1_555 -0.239 -1.287 2.567 -2.276 12.312  27.692 -4.215 0.133  1.853 24.215  
4.477  30.340 1 AA_DC1DG2:DC10DG11_BB A 1  ? B 11 ? A 2  ? B 10 ? 
1 A DG 2  1_555 B DC 10 1_555 A DT 3  1_555 B DA 9  1_555 -0.223 -0.879 3.119 -0.585 1.371   34.960 -1.657 0.287  3.086 2.281   
0.974  34.990 2 AA_DG2DT3:DA9DC10_BB  A 2  ? B 10 ? A 3  ? B 9  ? 
1 A DT 3  1_555 B DA 9  1_555 A DA 4  1_555 B DT 8  1_555 -0.012 -0.845 2.854 -0.545 7.778   39.260 -1.993 -0.035 2.646 11.439  
0.802  39.997 3 AA_DT3DA4:DT8DA9_BB   A 3  ? B 9  ? A 4  ? B 8  ? 
1 A DA 4  1_555 B DT 8  1_555 A DC 5  1_555 B DG 7  1_555 0.399  -0.918 2.953 0.548  -0.520  35.509 -1.436 -0.582 2.971 -0.853  
-0.899 35.517 4 AA_DA4DC5:DG7DT8_BB   A 4  ? B 8  ? A 5  ? B 7  ? 
1 A DC 7  1_555 B DG 5  1_555 A DA 8  1_555 B DT 4  1_555 -0.424 -1.345 2.582 3.303  10.624  28.489 -4.055 1.272  1.910 20.621  
-6.411 30.542 5 AA_DC7DA8:DT4DG5_BB   A 7  ? B 5  ? A 8  ? B 4  ? 
1 A DA 8  1_555 B DT 4  1_555 A DT 9  1_555 B DA 3  1_555 -0.093 -1.105 3.154 0.015  -4.213  34.054 -1.223 0.160  3.263 -7.160  
-0.025 34.306 6 AA_DA8DT9:DA3DT4_BB   A 8  ? B 4  ? A 9  ? B 3  ? 
1 A DT 9  1_555 B DA 3  1_555 A DG 10 1_555 B DC 2  1_555 0.719  -1.301 2.859 0.792  8.570   34.168 -3.211 -1.091 2.486 14.306  
-1.322 35.204 7 AA_DT9DG10:DC2DA3_BB  A 9  ? B 3  ? A 10 ? B 2  ? 
1 A DG 10 1_555 B DC 2  1_555 A DC 11 1_555 B DG 1  1_555 -0.124 -1.130 3.652 -3.068 -11.401 41.311 -0.224 -0.186 3.819 -15.775 
4.246  42.894 8 AA_DG10DC11:DG1DC2_BB A 10 ? B 2  ? A 11 ? B 1  ? 
# 
loop_
_pdbx_nmr_spectrometer.spectrometer_id 
_pdbx_nmr_spectrometer.model 
_pdbx_nmr_spectrometer.manufacturer 
_pdbx_nmr_spectrometer.field_strength 
_pdbx_nmr_spectrometer.type 
1 AM  Bruker 500 ? 
2 AMX Bruker 600 ? 
# 
_atom_sites.entry_id                    1B6Y 
_atom_sites.fract_transf_matrix[1][1]   1.000000 
_atom_sites.fract_transf_matrix[1][2]   0.000000 
_atom_sites.fract_transf_matrix[1][3]   0.000000 
_atom_sites.fract_transf_matrix[2][1]   0.000000 
_atom_sites.fract_transf_matrix[2][2]   1.000000 
_atom_sites.fract_transf_matrix[2][3]   0.000000 
_atom_sites.fract_transf_matrix[3][1]   0.000000 
_atom_sites.fract_transf_matrix[3][2]   0.000000 
_atom_sites.fract_transf_matrix[3][3]   1.000000 
_atom_sites.fract_transf_vector[1]      0.00000 
_atom_sites.fract_transf_vector[2]      0.00000 
_atom_sites.fract_transf_vector[3]      0.00000 
# 
loop_
_atom_type.symbol 
C 
H 
N 
O 
P 
# 
loop_
_atom_site.group_PDB 
_atom_site.id 
_atom_site.type_symbol 
_atom_site.label_atom_id 
_atom_site.label_alt_id 
_atom_site.label_comp_id 
_atom_site.label_asym_id 
_atom_site.label_entity_id 
_atom_site.label_seq_id 
_atom_site.pdbx_PDB_ins_code 
_atom_site.Cartn_x 
_atom_site.Cartn_y 
_atom_site.Cartn_z 
_atom_site.occupancy 
_atom_site.B_iso_or_equiv 
_atom_site.pdbx_formal_charge 
_atom_site.auth_seq_id 
_atom_site.auth_comp_id 
_atom_site.auth_asym_id 
_atom_site.auth_atom_id 
_atom_site.pdbx_PDB_model_num 
ATOM   1    O "O5'"  . DC  A 1 1  ? -6.255  -5.216  15.026  1.00 0.33 ? 1  DC  A "O5'"  1 
ATOM   2    C "C5'"  . DC  A 1 1  ? -6.083  -5.584  16.400  1.00 0.32 ? 1  DC  A "C5'"  1 
ATOM   3    C "C4'"  . DC  A 1 1  ? -4.915  -6.557  16.619  1.00 0.32 ? 1  DC  A "C4'"  1 
ATOM   4    O "O4'"  . DC  A 1 1  ? -5.081  -7.787  15.880  1.00 0.27 ? 1  DC  A "O4'"  1 
ATOM   5    C "C3'"  . DC  A 1 1  ? -3.557  -5.996  16.193  1.00 0.31 ? 1  DC  A "C3'"  1 
ATOM   6    O "O3'"  . DC  A 1 1  ? -2.482  -6.477  17.016  1.00 0.39 ? 1  DC  A "O3'"  1 
ATOM   7    C "C2'"  . DC  A 1 1  ? -3.490  -6.477  14.778  1.00 0.21 ? 1  DC  A "C2'"  1 
ATOM   8    C "C1'"  . DC  A 1 1  ? -4.010  -7.907  14.918  1.00 0.19 ? 1  DC  A "C1'"  1 
ATOM   9    N N1     . DC  A 1 1  ? -4.566  -8.371  13.618  1.00 0.12 ? 1  DC  A N1     1 
ATOM   10   C C2     . DC  A 1 1  ? -3.976  -9.441  12.949  1.00 0.15 ? 1  DC  A C2     1 
ATOM   11   O O2     . DC  A 1 1  ? -2.987  -10.026 13.386  1.00 0.19 ? 1  DC  A O2     1 
ATOM   12   N N3     . DC  A 1 1  ? -4.520  -9.835  11.769  1.00 0.17 ? 1  DC  A N3     1 
ATOM   13   C C4     . DC  A 1 1  ? -5.592  -9.220  11.253  1.00 0.12 ? 1  DC  A C4     1 
ATOM   14   N N4     . DC  A 1 1  ? -6.129  -9.674  10.010  1.00 0.19 ? 1  DC  A N4     1 
ATOM   15   C C5     . DC  A 1 1  ? -6.205  -8.123  11.927  1.00 0.08 ? 1  DC  A C5     1 
ATOM   16   C C6     . DC  A 1 1  ? -5.662  -7.738  13.095  1.00 0.11 ? 1  DC  A C6     1 
ATOM   17   H "H5'"  . DC  A 1 1  ? -6.999  -6.060  16.749  1.00 0.44 ? 1  DC  A "H5'"  1 
ATOM   18   H "H5''" . DC  A 1 1  ? -5.909  -4.683  16.989  1.00 0.43 ? 1  DC  A "H5''" 1 
ATOM   19   H "H4'"  . DC  A 1 1  ? -4.864  -6.799  17.681  1.00 0.37 ? 1  DC  A "H4'"  1 
ATOM   20   H "H3'"  . DC  A 1 1  ? -3.525  -4.908  16.200  1.00 0.36 ? 1  DC  A "H3'"  1 
ATOM   21   H "H2'"  . DC  A 1 1  ? -4.216  -5.921  14.184  1.00 0.27 ? 1  DC  A "H2'"  1 
ATOM   22   H "H2''" . DC  A 1 1  ? -2.487  -6.365  14.368  1.00 0.25 ? 1  DC  A "H2''" 1 
ATOM   23   H "H1'"  . DC  A 1 1  ? -3.245  -8.575  15.311  1.00 0.33 ? 1  DC  A "H1'"  1 
ATOM   24   H H41    . DC  A 1 1  ? -5.724  -10.491 9.576   1.00 0.25 ? 1  DC  A H41    1 
ATOM   25   H H42    . DC  A 1 1  ? -6.903  -9.186  9.582   1.00 0.19 ? 1  DC  A H42    1 
ATOM   26   H H5     . DC  A 1 1  ? -7.077  -7.603  11.529  1.00 0.20 ? 1  DC  A H5     1 
ATOM   27   H H6     . DC  A 1 1  ? -6.110  -6.900  13.628  1.00 0.22 ? 1  DC  A H6     1 
ATOM   28   H "HO5'" . DC  A 1 1  ? -6.945  -4.550  14.994  1.00 0.42 ? 1  DC  A "HO5'" 1 
ATOM   29   P P      . DG  A 1 2  ? -1.013  -5.806  16.931  1.00 0.37 ? 2  DG  A P      1 
ATOM   30   O OP1    . DG  A 1 2  ? -0.326  -6.063  18.218  1.00 0.50 ? 2  DG  A OP1    1 
ATOM   31   O OP2    . DG  A 1 2  ? -1.163  -4.412  16.453  1.00 0.48 ? 2  DG  A OP2    1 
ATOM   32   O "O5'"  . DG  A 1 2  ? -0.282  -6.657  15.769  1.00 0.28 ? 2  DG  A "O5'"  1 
ATOM   33   C "C5'"  . DG  A 1 2  ? 0.457   -7.850  16.071  1.00 0.32 ? 2  DG  A "C5'"  1 
ATOM   34   C "C4'"  . DG  A 1 2  ? 1.151   -8.466  14.853  1.00 0.26 ? 2  DG  A "C4'"  1 
ATOM   35   O "O4'"  . DG  A 1 2  ? 0.263   -9.039  13.870  1.00 0.28 ? 2  DG  A "O4'"  1 
ATOM   36   C "C3'"  . DG  A 1 2  ? 2.085   -7.511  14.098  1.00 0.23 ? 2  DG  A "C3'"  1 
ATOM   37   O "O3'"  . DG  A 1 2  ? 3.370   -8.129  13.953  1.00 0.29 ? 2  DG  A "O3'"  1 
ATOM   38   C "C2'"  . DG  A 1 2  ? 1.307   -7.306  12.806  1.00 0.20 ? 2  DG  A "C2'"  1 
ATOM   39   C "C1'"  . DG  A 1 2  ? 0.778   -8.712  12.571  1.00 0.22 ? 2  DG  A "C1'"  1 
ATOM   40   N N9     . DG  A 1 2  ? -0.344  -8.714  11.611  1.00 0.16 ? 2  DG  A N9     1 
ATOM   41   C C8     . DG  A 1 2  ? -1.421  -7.883  11.560  1.00 0.14 ? 2  DG  A C8     1 
ATOM   42   N N7     . DG  A 1 2  ? -2.295  -8.123  10.634  1.00 0.14 ? 2  DG  A N7     1 
ATOM   43   C C5     . DG  A 1 2  ? -1.740  -9.230  9.996   1.00 0.13 ? 2  DG  A C5     1 
ATOM   44   C C6     . DG  A 1 2  ? -2.226  -9.967  8.893   1.00 0.17 ? 2  DG  A C6     1 
ATOM   45   O O6     . DG  A 1 2  ? -3.262  -9.809  8.255   1.00 0.21 ? 2  DG  A O6     1 
ATOM   46   N N1     . DG  A 1 2  ? -1.374  -10.997 8.560   1.00 0.19 ? 2  DG  A N1     1 
ATOM   47   C C2     . DG  A 1 2  ? -0.195  -11.302 9.196   1.00 0.20 ? 2  DG  A C2     1 
ATOM   48   N N2     . DG  A 1 2  ? 0.532   -12.408 8.669   1.00 0.24 ? 2  DG  A N2     1 
ATOM   49   N N3     . DG  A 1 2  ? 0.271   -10.615 10.239  1.00 0.18 ? 2  DG  A N3     1 
ATOM   50   C C4     . DG  A 1 2  ? -0.550  -9.596  10.583  1.00 0.13 ? 2  DG  A C4     1 
ATOM   51   H "H5'"  . DG  A 1 2  ? -0.212  -8.594  16.505  1.00 0.39 ? 2  DG  A "H5'"  1 
ATOM   52   H "H5''" . DG  A 1 2  ? 1.223   -7.599  16.805  1.00 0.34 ? 2  DG  A "H5''" 1 
ATOM   53   H "H4'"  . DG  A 1 2  ? 1.782   -9.277  15.216  1.00 0.38 ? 2  DG  A "H4'"  1 
ATOM   54   H "H3'"  . DG  A 1 2  ? 2.244   -6.569  14.622  1.00 0.21 ? 2  DG  A "H3'"  1 
ATOM   55   H "H2'"  . DG  A 1 2  ? 0.421   -6.695  12.984  1.00 0.20 ? 2  DG  A "H2'"  1 
ATOM   56   H "H2''" . DG  A 1 2  ? 1.879   -6.891  11.977  1.00 0.20 ? 2  DG  A "H2''" 1 
ATOM   57   H "H1'"  . DG  A 1 2  ? 1.560   -9.421  12.300  1.00 0.30 ? 2  DG  A "H1'"  1 
ATOM   58   H H8     . DG  A 1 2  ? -1.520  -7.050  12.256  1.00 0.18 ? 2  DG  A H8     1 
ATOM   59   H H1     . DG  A 1 2  ? -1.687  -11.550 7.776   1.00 0.26 ? 2  DG  A H1     1 
ATOM   60   H H21    . DG  A 1 2  ? 0.168   -12.868 7.847   1.00 0.27 ? 2  DG  A H21    1 
ATOM   61   H H22    . DG  A 1 2  ? 1.387   -12.711 9.113   1.00 0.30 ? 2  DG  A H22    1 
ATOM   62   P P      . DT  A 1 3  ? 4.625   -7.421  13.224  1.00 0.32 ? 3  DT  A P      1 
ATOM   63   O OP1    . DT  A 1 3  ? 5.859   -7.807  13.946  1.00 0.46 ? 3  DT  A OP1    1 
ATOM   64   O OP2    . DT  A 1 3  ? 4.318   -5.989  13.007  1.00 0.33 ? 3  DT  A OP2    1 
ATOM   65   O "O5'"  . DT  A 1 3  ? 4.608   -8.160  11.796  1.00 0.30 ? 3  DT  A "O5'"  1 
ATOM   66   C "C5'"  . DT  A 1 3  ? 4.951   -9.548  11.673  1.00 0.32 ? 3  DT  A "C5'"  1 
ATOM   67   C "C4'"  . DT  A 1 3  ? 4.785   -10.040 10.238  1.00 0.32 ? 3  DT  A "C4'"  1 
ATOM   68   O "O4'"  . DT  A 1 3  ? 3.426   -9.979  9.760   1.00 0.29 ? 3  DT  A "O4'"  1 
ATOM   69   C "C3'"  . DT  A 1 3  ? 5.648   -9.270  9.231   1.00 0.29 ? 3  DT  A "C3'"  1 
ATOM   70   O "O3'"  . DT  A 1 3  ? 6.392   -10.165 8.390   1.00 0.34 ? 3  DT  A "O3'"  1 
ATOM   71   C "C2'"  . DT  A 1 3  ? 4.613   -8.411  8.549   1.00 0.24 ? 3  DT  A "C2'"  1 
ATOM   72   C "C1'"  . DT  A 1 3  ? 3.456   -9.388  8.455   1.00 0.27 ? 3  DT  A "C1'"  1 
ATOM   73   N N1     . DT  A 1 3  ? 2.141   -8.756  8.156   1.00 0.23 ? 3  DT  A N1     1 
ATOM   74   C C2     . DT  A 1 3  ? 1.380   -9.330  7.145   1.00 0.25 ? 3  DT  A C2     1 
ATOM   75   O O2     . DT  A 1 3  ? 1.737   -10.309 6.492   1.00 0.29 ? 3  DT  A O2     1 
ATOM   76   N N3     . DT  A 1 3  ? 0.164   -8.741  6.890   1.00 0.27 ? 3  DT  A N3     1 
ATOM   77   C C4     . DT  A 1 3  ? -0.362  -7.645  7.536   1.00 0.25 ? 3  DT  A C4     1 
ATOM   78   O O4     . DT  A 1 3  ? -1.472  -7.229  7.212   1.00 0.29 ? 3  DT  A O4     1 
ATOM   79   C C5     . DT  A 1 3  ? 0.485   -7.099  8.573   1.00 0.22 ? 3  DT  A C5     1 
ATOM   80   C C7     . DT  A 1 3  ? 0.027   -5.868  9.364   1.00 0.23 ? 3  DT  A C7     1 
ATOM   81   C C6     . DT  A 1 3  ? 1.682   -7.653  8.851   1.00 0.22 ? 3  DT  A C6     1 
ATOM   82   H "H5'"  . DT  A 1 3  ? 4.302   -10.139 12.318  1.00 0.37 ? 3  DT  A "H5'"  1 
ATOM   83   H "H5''" . DT  A 1 3  ? 5.986   -9.693  11.982  1.00 0.39 ? 3  DT  A "H5''" 1 
ATOM   84   H "H4'"  . DT  A 1 3  ? 5.103   -11.082 10.198  1.00 0.39 ? 3  DT  A "H4'"  1 
ATOM   85   H "H3'"  . DT  A 1 3  ? 6.356   -8.625  9.754   1.00 0.31 ? 3  DT  A "H3'"  1 
ATOM   86   H "H2'"  . DT  A 1 3  ? 4.331   -7.619  9.242   1.00 0.21 ? 3  DT  A "H2'"  1 
ATOM   87   H "H2''" . DT  A 1 3  ? 4.926   -7.998  7.589   1.00 0.25 ? 3  DT  A "H2''" 1 
ATOM   88   H "H1'"  . DT  A 1 3  ? 3.718   -10.142 7.712   1.00 0.32 ? 3  DT  A "H1'"  1 
ATOM   89   H H3     . DT  A 1 3  ? -0.387  -9.160  6.154   1.00 0.32 ? 3  DT  A H3     1 
ATOM   90   H H71    . DT  A 1 3  ? -0.982  -5.582  9.067   1.00 0.42 ? 3  DT  A H71    1 
ATOM   91   H H72    . DT  A 1 3  ? 0.040   -6.083  10.432  1.00 0.35 ? 3  DT  A H72    1 
ATOM   92   H H73    . DT  A 1 3  ? 0.706   -5.039  9.164   1.00 0.38 ? 3  DT  A H73    1 
ATOM   93   H H6     . DT  A 1 3  ? 2.261   -7.191  9.651   1.00 0.26 ? 3  DT  A H6     1 
ATOM   94   P P      . DA  A 1 4  ? 7.447   -9.648  7.280   1.00 0.29 ? 4  DA  A P      1 
ATOM   95   O OP1    . DA  A 1 4  ? 8.553   -10.633 7.214   1.00 0.37 ? 4  DA  A OP1    1 
ATOM   96   O OP2    . DA  A 1 4  ? 7.756   -8.223  7.540   1.00 0.32 ? 4  DA  A OP2    1 
ATOM   97   O "O5'"  . DA  A 1 4  ? 6.601   -9.730  5.908   1.00 0.19 ? 4  DA  A "O5'"  1 
ATOM   98   C "C5'"  . DA  A 1 4  ? 6.439   -10.967 5.195   1.00 0.16 ? 4  DA  A "C5'"  1 
ATOM   99   C "C4'"  . DA  A 1 4  ? 5.725   -10.788 3.853   1.00 0.14 ? 4  DA  A "C4'"  1 
ATOM   100  O "O4'"  . DA  A 1 4  ? 4.355   -10.354 3.960   1.00 0.16 ? 4  DA  A "O4'"  1 
ATOM   101  C "C3'"  . DA  A 1 4  ? 6.431   -9.824  2.890   1.00 0.10 ? 4  DA  A "C3'"  1 
ATOM   102  O "O3'"  . DA  A 1 4  ? 6.587   -10.434 1.598   1.00 0.16 ? 4  DA  A "O3'"  1 
ATOM   103  C "C2'"  . DA  A 1 4  ? 5.501   -8.616  2.943   1.00 0.11 ? 4  DA  A "C2'"  1 
ATOM   104  C "C1'"  . DA  A 1 4  ? 4.137   -9.280  3.032   1.00 0.14 ? 4  DA  A "C1'"  1 
ATOM   105  N N9     . DA  A 1 4  ? 3.134   -8.374  3.630   1.00 0.16 ? 4  DA  A N9     1 
ATOM   106  C C8     . DA  A 1 4  ? 3.275   -7.528  4.688   1.00 0.14 ? 4  DA  A C8     1 
ATOM   107  N N7     . DA  A 1 4  ? 2.223   -6.851  5.030   1.00 0.16 ? 4  DA  A N7     1 
ATOM   108  C C5     . DA  A 1 4  ? 1.283   -7.291  4.102   1.00 0.21 ? 4  DA  A C5     1 
ATOM   109  C C6     . DA  A 1 4  ? -0.060  -6.966  3.903   1.00 0.28 ? 4  DA  A C6     1 
ATOM   110  N N6     . DA  A 1 4  ? -0.745  -6.019  4.721   1.00 0.28 ? 4  DA  A N6     1 
ATOM   111  N N1     . DA  A 1 4  ? -0.703  -7.579  2.900   1.00 0.37 ? 4  DA  A N1     1 
ATOM   112  C C2     . DA  A 1 4  ? -0.060  -8.458  2.140   1.00 0.39 ? 4  DA  A C2     1 
ATOM   113  N N3     . DA  A 1 4  ? 1.201   -8.847  2.230   1.00 0.32 ? 4  DA  A N3     1 
ATOM   114  C C4     . DA  A 1 4  ? 1.826   -8.216  3.247   1.00 0.23 ? 4  DA  A C4     1 
ATOM   115  H "H5'"  . DA  A 1 4  ? 5.861   -11.659 5.806   1.00 0.25 ? 4  DA  A "H5'"  1 
ATOM   116  H "H5''" . DA  A 1 4  ? 7.424   -11.398 5.009   1.00 0.20 ? 4  DA  A "H5''" 1 
ATOM   117  H "H4'"  . DA  A 1 4  ? 5.715   -11.761 3.362   1.00 0.20 ? 4  DA  A "H4'"  1 
ATOM   118  H "H3'"  . DA  A 1 4  ? 7.432   -9.618  3.273   1.00 0.13 ? 4  DA  A "H3'"  1 
ATOM   119  H "H2'"  . DA  A 1 4  ? 5.658   -8.084  3.882   1.00 0.15 ? 4  DA  A "H2'"  1 
ATOM   120  H "H2''" . DA  A 1 4  ? 5.532   -7.931  2.095   1.00 0.18 ? 4  DA  A "H2''" 1 
ATOM   121  H "H1'"  . DA  A 1 4  ? 3.817   -9.634  2.051   1.00 0.19 ? 4  DA  A "H1'"  1 
ATOM   122  H H8     . DA  A 1 4  ? 4.229   -7.429  5.205   1.00 0.22 ? 4  DA  A H8     1 
ATOM   123  H H61    . DA  A 1 4  ? -1.727  -5.839  4.566   1.00 0.40 ? 4  DA  A H61    1 
ATOM   124  H H62    . DA  A 1 4  ? -0.242  -5.535  5.451   1.00 0.26 ? 4  DA  A H62    1 
ATOM   125  H H2     . DA  A 1 4  ? -0.644  -8.918  1.342   1.00 0.46 ? 4  DA  A H2     1 
ATOM   126  P P      . DC  A 1 5  ? 7.116   -9.638  0.294   1.00 0.22 ? 5  DC  A P      1 
ATOM   127  O OP1    . DC  A 1 5  ? 7.748   -10.621 -0.616  1.00 0.34 ? 5  DC  A OP1    1 
ATOM   128  O OP2    . DC  A 1 5  ? 7.881   -8.449  0.734   1.00 0.36 ? 5  DC  A OP2    1 
ATOM   129  O "O5'"  . DC  A 1 5  ? 5.739   -9.127  -0.374  1.00 0.23 ? 5  DC  A "O5'"  1 
ATOM   130  C "C5'"  . DC  A 1 5  ? 4.847   -10.043 -1.027  1.00 0.21 ? 5  DC  A "C5'"  1 
ATOM   131  C "C4'"  . DC  A 1 5  ? 3.634   -9.352  -1.653  1.00 0.19 ? 5  DC  A "C4'"  1 
ATOM   132  O "O4'"  . DC  A 1 5  ? 2.803   -8.691  -0.675  1.00 0.27 ? 5  DC  A "O4'"  1 
ATOM   133  C "C3'"  . DC  A 1 5  ? 3.992   -8.300  -2.714  1.00 0.20 ? 5  DC  A "C3'"  1 
ATOM   134  O "O3'"  . DC  A 1 5  ? 3.124   -8.388  -3.856  1.00 0.20 ? 5  DC  A "O3'"  1 
ATOM   135  C "C2'"  . DC  A 1 5  ? 3.837   -7.021  -1.919  1.00 0.21 ? 5  DC  A "C2'"  1 
ATOM   136  C "C1'"  . DC  A 1 5  ? 2.584   -7.350  -1.130  1.00 0.22 ? 5  DC  A "C1'"  1 
ATOM   137  N N1     . DC  A 1 5  ? 2.316   -6.458  0.036   1.00 0.24 ? 5  DC  A N1     1 
ATOM   138  C C2     . DC  A 1 5  ? 1.002   -6.048  0.248   1.00 0.33 ? 5  DC  A C2     1 
ATOM   139  O O2     . DC  A 1 5  ? 0.096   -6.397  -0.498  1.00 0.39 ? 5  DC  A O2     1 
ATOM   140  N N3     . DC  A 1 5  ? 0.726   -5.242  1.308   1.00 0.35 ? 5  DC  A N3     1 
ATOM   141  C C4     . DC  A 1 5  ? 1.707   -4.851  2.136   1.00 0.30 ? 5  DC  A C4     1 
ATOM   142  N N4     . DC  A 1 5  ? 1.398   -4.007  3.245   1.00 0.32 ? 5  DC  A N4     1 
ATOM   143  C C5     . DC  A 1 5  ? 3.061   -5.260  1.937   1.00 0.22 ? 5  DC  A C5     1 
ATOM   144  C C6     . DC  A 1 5  ? 3.319   -6.056  0.883   1.00 0.19 ? 5  DC  A C6     1 
ATOM   145  H "H5'"  . DC  A 1 5  ? 4.488   -10.769 -0.297  1.00 0.26 ? 5  DC  A "H5'"  1 
ATOM   146  H "H5''" . DC  A 1 5  ? 5.392   -10.572 -1.810  1.00 0.25 ? 5  DC  A "H5''" 1 
ATOM   147  H "H4'"  . DC  A 1 5  ? 3.028   -10.112 -2.145  1.00 0.18 ? 5  DC  A "H4'"  1 
ATOM   148  H "H3'"  . DC  A 1 5  ? 5.014   -8.446  -3.063  1.00 0.24 ? 5  DC  A "H3'"  1 
ATOM   149  H "H2'"  . DC  A 1 5  ? 4.683   -6.942  -1.237  1.00 0.23 ? 5  DC  A "H2'"  1 
ATOM   150  H "H2''" . DC  A 1 5  ? 3.655   -6.136  -2.531  1.00 0.29 ? 5  DC  A "H2''" 1 
ATOM   151  H "H1'"  . DC  A 1 5  ? 1.764   -7.330  -1.847  1.00 0.29 ? 5  DC  A "H1'"  1 
ATOM   152  H H41    . DC  A 1 5  ? 0.436   -3.733  3.387   1.00 0.38 ? 5  DC  A H41    1 
ATOM   153  H H42    . DC  A 1 5  ? 2.131   -3.697  3.866   1.00 0.33 ? 5  DC  A H42    1 
ATOM   154  H H5     . DC  A 1 5  ? 3.860   -4.947  2.608   1.00 0.25 ? 5  DC  A H5     1 
ATOM   155  H H6     . DC  A 1 5  ? 4.357   -6.357  0.745   1.00 0.21 ? 5  DC  A H6     1 
HETATM 156  P P      . EDC A 1 6  ? 3.284   -7.446  -5.164  1.00 0.22 ? 6  EDC A P      1 
HETATM 157  N N1     . EDC A 1 6  ? -0.100  -3.433  -2.930  1.00 0.09 ? 6  EDC A N1     1 
HETATM 158  C C2     . EDC A 1 6  ? -1.059  -2.912  -2.052  1.00 0.08 ? 6  EDC A C2     1 
HETATM 159  O O2     . EDC A 1 6  ? -2.255  -2.999  -2.330  1.00 0.11 ? 6  EDC A O2     1 
HETATM 160  N N3     . EDC A 1 6  ? -0.540  -2.327  -0.911  1.00 0.07 ? 6  EDC A N3     1 
HETATM 161  C C4     . EDC A 1 6  ? 0.764   -2.243  -0.633  1.00 0.10 ? 6  EDC A C4     1 
HETATM 162  N N4     . EDC A 1 6  ? 1.000   -1.627  0.540   1.00 0.12 ? 6  EDC A N4     1 
HETATM 163  C C5     . EDC A 1 6  ? 1.728   -2.775  -1.531  1.00 0.13 ? 6  EDC A C5     1 
HETATM 164  C C6     . EDC A 1 6  ? 1.254   -3.354  -2.655  1.00 0.13 ? 6  EDC A C6     1 
HETATM 165  C C7     . EDC A 1 6  ? -0.311  -1.325  0.982   1.00 0.10 ? 6  EDC A C7     1 
HETATM 166  C C8     . EDC A 1 6  ? -1.215  -1.759  0.085   1.00 0.09 ? 6  EDC A C8     1 
HETATM 167  C "C1'"  . EDC A 1 6  ? -0.606  -4.083  -4.176  1.00 0.11 ? 6  EDC A "C1'"  1 
HETATM 168  C "C2'"  . EDC A 1 6  ? 0.203   -3.837  -5.434  1.00 0.12 ? 6  EDC A "C2'"  1 
HETATM 169  C "C3'"  . EDC A 1 6  ? -0.353  -4.928  -6.335  1.00 0.12 ? 6  EDC A "C3'"  1 
HETATM 170  O "O3'"  . EDC A 1 6  ? -1.638  -4.642  -6.913  1.00 0.11 ? 6  EDC A "O3'"  1 
HETATM 171  C "C4'"  . EDC A 1 6  ? -0.473  -6.092  -5.338  1.00 0.12 ? 6  EDC A "C4'"  1 
HETATM 172  O "O4'"  . EDC A 1 6  ? -0.606  -5.510  -4.026  1.00 0.17 ? 6  EDC A "O4'"  1 
HETATM 173  C "C5'"  . EDC A 1 6  ? 0.666   -7.112  -5.408  1.00 0.15 ? 6  EDC A "C5'"  1 
HETATM 174  O "O5'"  . EDC A 1 6  ? 1.950   -6.542  -5.116  1.00 0.22 ? 6  EDC A "O5'"  1 
HETATM 175  O OP1    . EDC A 1 6  ? 3.222   -8.313  -6.363  1.00 0.23 ? 6  EDC A OP1    1 
HETATM 176  O OP2    . EDC A 1 6  ? 4.445   -6.546  -4.974  1.00 0.31 ? 6  EDC A OP2    1 
HETATM 177  H H5     . EDC A 1 6  ? 2.800   -2.720  -1.339  1.00 0.21 ? 6  EDC A H5     1 
HETATM 178  H H6     . EDC A 1 6  ? 2.005   -3.758  -3.333  1.00 0.21 ? 6  EDC A H6     1 
HETATM 179  H H7     . EDC A 1 6  ? -0.551  -0.813  1.914   1.00 0.16 ? 6  EDC A H7     1 
HETATM 180  H H8     . EDC A 1 6  ? -2.302  -1.684  0.143   1.00 0.11 ? 6  EDC A H8     1 
HETATM 181  H "H1'"  . EDC A 1 6  ? -1.600  -3.704  -4.413  1.00 0.14 ? 6  EDC A "H1'"  1 
HETATM 182  H "H2'"  . EDC A 1 6  ? 1.250   -4.055  -5.223  1.00 0.14 ? 6  EDC A "H2'"  1 
HETATM 183  H "H2''" . EDC A 1 6  ? 0.016   -2.816  -5.767  1.00 0.19 ? 6  EDC A "H2''" 1 
HETATM 184  H "H3'"  . EDC A 1 6  ? 0.317   -5.194  -7.152  1.00 0.16 ? 6  EDC A "H3'"  1 
HETATM 185  H "H4'"  . EDC A 1 6  ? -1.402  -6.615  -5.565  1.00 0.16 ? 6  EDC A "H4'"  1 
HETATM 186  H "H5'"  . EDC A 1 6  ? 0.459   -7.900  -4.684  1.00 0.22 ? 6  EDC A "H5'"  1 
HETATM 187  H "H5''" . EDC A 1 6  ? 0.684   -7.548  -6.407  1.00 0.18 ? 6  EDC A "H5''" 1 
ATOM   188  P P      . DC  A 1 7  ? -1.859  -3.676  -8.193  1.00 0.22 ? 7  DC  A P      1 
ATOM   189  O OP1    . DC  A 1 7  ? -2.713  -4.394  -9.168  1.00 0.26 ? 7  DC  A OP1    1 
ATOM   190  O OP2    . DC  A 1 7  ? -0.546  -3.146  -8.624  1.00 0.35 ? 7  DC  A OP2    1 
ATOM   191  O "O5'"  . DC  A 1 7  ? -2.702  -2.444  -7.591  1.00 0.30 ? 7  DC  A "O5'"  1 
ATOM   192  C "C5'"  . DC  A 1 7  ? -4.005  -2.629  -7.016  1.00 0.33 ? 7  DC  A "C5'"  1 
ATOM   193  C "C4'"  . DC  A 1 7  ? -4.669  -1.297  -6.663  1.00 0.34 ? 7  DC  A "C4'"  1 
ATOM   194  O "O4'"  . DC  A 1 7  ? -3.846  -0.513  -5.776  1.00 0.27 ? 7  DC  A "O4'"  1 
ATOM   195  C "C3'"  . DC  A 1 7  ? -5.010  -0.403  -7.864  1.00 0.35 ? 7  DC  A "C3'"  1 
ATOM   196  O "O3'"  . DC  A 1 7  ? -6.283  0.237   -7.681  1.00 0.34 ? 7  DC  A "O3'"  1 
ATOM   197  C "C2'"  . DC  A 1 7  ? -3.801  0.523   -7.892  1.00 0.27 ? 7  DC  A "C2'"  1 
ATOM   198  C "C1'"  . DC  A 1 7  ? -3.590  0.756   -6.396  1.00 0.22 ? 7  DC  A "C1'"  1 
ATOM   199  N N1     . DC  A 1 7  ? -2.208  1.191   -6.036  1.00 0.14 ? 7  DC  A N1     1 
ATOM   200  C C2     . DC  A 1 7  ? -2.078  2.198   -5.089  1.00 0.11 ? 7  DC  A C2     1 
ATOM   201  O O2     . DC  A 1 7  ? -3.056  2.723   -4.567  1.00 0.20 ? 7  DC  A O2     1 
ATOM   202  N N3     . DC  A 1 7  ? -0.833  2.608   -4.737  1.00 0.11 ? 7  DC  A N3     1 
ATOM   203  C C4     . DC  A 1 7  ? 0.254   2.059   -5.286  1.00 0.12 ? 7  DC  A C4     1 
ATOM   204  N N4     . DC  A 1 7  ? 1.545   2.521   -4.883  1.00 0.17 ? 7  DC  A N4     1 
ATOM   205  C C5     . DC  A 1 7  ? 0.148   1.024   -6.263  1.00 0.17 ? 7  DC  A C5     1 
ATOM   206  C C6     . DC  A 1 7  ? -1.092  0.621   -6.608  1.00 0.19 ? 7  DC  A C6     1 
ATOM   207  H "H5'"  . DC  A 1 7  ? -3.890  -3.203  -6.097  1.00 0.37 ? 7  DC  A "H5'"  1 
ATOM   208  H "H5''" . DC  A 1 7  ? -4.648  -3.182  -7.701  1.00 0.38 ? 7  DC  A "H5''" 1 
ATOM   209  H "H4'"  . DC  A 1 7  ? -5.602  -1.518  -6.145  1.00 0.37 ? 7  DC  A "H4'"  1 
ATOM   210  H "H3'"  . DC  A 1 7  ? -5.114  -1.031  -8.749  1.00 0.38 ? 7  DC  A "H3'"  1 
ATOM   211  H "H2'"  . DC  A 1 7  ? -2.961  -0.052  -8.281  1.00 0.29 ? 7  DC  A "H2'"  1 
ATOM   212  H "H2''" . DC  A 1 7  ? -3.925  1.472   -8.415  1.00 0.30 ? 7  DC  A "H2''" 1 
ATOM   213  H "H1'"  . DC  A 1 7  ? -4.334  1.475   -6.050  1.00 0.25 ? 7  DC  A "H1'"  1 
ATOM   214  H H41    . DC  A 1 7  ? 1.604   3.234   -4.170  1.00 0.16 ? 7  DC  A H41    1 
ATOM   215  H H42    . DC  A 1 7  ? 2.375   2.132   -5.307  1.00 0.28 ? 7  DC  A H42    1 
ATOM   216  H H5     . DC  A 1 7  ? 1.039   0.582   -6.711  1.00 0.30 ? 7  DC  A H5     1 
ATOM   217  H H6     . DC  A 1 7  ? -1.165  -0.173  -7.351  1.00 0.33 ? 7  DC  A H6     1 
ATOM   218  P P      . DA  A 1 8  ? -6.878  1.342   -8.701  1.00 0.33 ? 8  DA  A P      1 
ATOM   219  O OP1    . DA  A 1 8  ? -8.348  1.168   -8.754  1.00 0.36 ? 8  DA  A OP1    1 
ATOM   220  O OP2    . DA  A 1 8  ? -6.094  1.311   -9.957  1.00 0.38 ? 8  DA  A OP2    1 
ATOM   221  O "O5'"  . DA  A 1 8  ? -6.548  2.727   -7.939  1.00 0.30 ? 8  DA  A "O5'"  1 
ATOM   222  C "C5'"  . DA  A 1 8  ? -7.317  3.131   -6.798  1.00 0.27 ? 8  DA  A "C5'"  1 
ATOM   223  C "C4'"  . DA  A 1 8  ? -6.912  4.496   -6.240  1.00 0.19 ? 8  DA  A "C4'"  1 
ATOM   224  O "O4'"  . DA  A 1 8  ? -5.571  4.530   -5.712  1.00 0.21 ? 8  DA  A "O4'"  1 
ATOM   225  C "C3'"  . DA  A 1 8  ? -7.032  5.658   -7.238  1.00 0.11 ? 8  DA  A "C3'"  1 
ATOM   226  O "O3'"  . DA  A 1 8  ? -7.847  6.690   -6.662  1.00 0.08 ? 8  DA  A "O3'"  1 
ATOM   227  C "C2'"  . DA  A 1 8  ? -5.567  6.008   -7.490  1.00 0.11 ? 8  DA  A "C2'"  1 
ATOM   228  C "C1'"  . DA  A 1 8  ? -4.963  5.764   -6.114  1.00 0.13 ? 8  DA  A "C1'"  1 
ATOM   229  N N9     . DA  A 1 8  ? -3.495  5.566   -6.147  1.00 0.09 ? 8  DA  A N9     1 
ATOM   230  C C8     . DA  A 1 8  ? -2.736  4.803   -6.992  1.00 0.11 ? 8  DA  A C8     1 
ATOM   231  N N7     . DA  A 1 8  ? -1.456  4.809   -6.777  1.00 0.11 ? 8  DA  A N7     1 
ATOM   232  C C5     . DA  A 1 8  ? -1.346  5.660   -5.679  1.00 0.09 ? 8  DA  A C5     1 
ATOM   233  C C6     . DA  A 1 8  ? -0.244  6.101   -4.939  1.00 0.13 ? 8  DA  A C6     1 
ATOM   234  N N6     . DA  A 1 8  ? 1.091   5.691   -5.234  1.00 0.16 ? 8  DA  A N6     1 
ATOM   235  N N1     . DA  A 1 8  ? -0.476  6.937   -3.916  1.00 0.18 ? 8  DA  A N1     1 
ATOM   236  C C2     . DA  A 1 8  ? -1.721  7.313   -3.643  1.00 0.19 ? 8  DA  A C2     1 
ATOM   237  N N3     . DA  A 1 8  ? -2.837  6.965   -4.265  1.00 0.15 ? 8  DA  A N3     1 
ATOM   238  C C4     . DA  A 1 8  ? -2.576  6.125   -5.289  1.00 0.10 ? 8  DA  A C4     1 
ATOM   239  H "H5'"  . DA  A 1 8  ? -7.196  2.390   -6.008  1.00 0.33 ? 8  DA  A "H5'"  1 
ATOM   240  H "H5''" . DA  A 1 8  ? -8.369  3.174   -7.079  1.00 0.29 ? 8  DA  A "H5''" 1 
ATOM   241  H "H4'"  . DA  A 1 8  ? -7.589  4.732   -5.419  1.00 0.22 ? 8  DA  A "H4'"  1 
ATOM   242  H "H3'"  . DA  A 1 8  ? -7.533  5.314   -8.143  1.00 0.17 ? 8  DA  A "H3'"  1 
ATOM   243  H "H2'"  . DA  A 1 8  ? -5.142  5.256   -8.153  1.00 0.18 ? 8  DA  A "H2'"  1 
ATOM   244  H "H2''" . DA  A 1 8  ? -5.370  7.016   -7.853  1.00 0.19 ? 8  DA  A "H2''" 1 
ATOM   245  H "H1'"  . DA  A 1 8  ? -5.237  6.582   -5.447  1.00 0.18 ? 8  DA  A "H1'"  1 
ATOM   246  H H8     . DA  A 1 8  ? -3.160  4.214   -7.806  1.00 0.19 ? 8  DA  A H8     1 
ATOM   247  H H61    . DA  A 1 8  ? 1.845   5.998   -4.636  1.00 0.22 ? 8  DA  A H61    1 
ATOM   248  H H62    . DA  A 1 8  ? 1.266   5.099   -6.033  1.00 0.26 ? 8  DA  A H62    1 
ATOM   249  H H2     . DA  A 1 8  ? -1.839  7.993   -2.799  1.00 0.28 ? 8  DA  A H2     1 
ATOM   250  P P      . DT  A 1 9  ? -8.097  8.141   -7.324  1.00 0.11 ? 9  DT  A P      1 
ATOM   251  O OP1    . DT  A 1 9  ? -9.504  8.529   -7.075  1.00 0.19 ? 9  DT  A OP1    1 
ATOM   252  O OP2    . DT  A 1 9  ? -7.568  8.142   -8.709  1.00 0.18 ? 9  DT  A OP2    1 
ATOM   253  O "O5'"  . DT  A 1 9  ? -7.139  9.070   -6.427  1.00 0.14 ? 9  DT  A "O5'"  1 
ATOM   254  C "C5'"  . DT  A 1 9  ? -7.428  9.284   -5.037  1.00 0.15 ? 9  DT  A "C5'"  1 
ATOM   255  C "C4'"  . DT  A 1 9  ? -6.373  10.155  -4.365  1.00 0.15 ? 9  DT  A "C4'"  1 
ATOM   256  O "O4'"  . DT  A 1 9  ? -5.056  9.571   -4.407  1.00 0.14 ? 9  DT  A "O4'"  1 
ATOM   257  C "C3'"  . DT  A 1 9  ? -6.262  11.566  -4.957  1.00 0.16 ? 9  DT  A "C3'"  1 
ATOM   258  O "O3'"  . DT  A 1 9  ? -6.296  12.571  -3.934  1.00 0.14 ? 9  DT  A "O3'"  1 
ATOM   259  C "C2'"  . DT  A 1 9  ? -4.973  11.469  -5.742  1.00 0.12 ? 9  DT  A "C2'"  1 
ATOM   260  C "C1'"  . DT  A 1 9  ? -4.142  10.597  -4.814  1.00 0.12 ? 9  DT  A "C1'"  1 
ATOM   261  N N1     . DT  A 1 9  ? -2.990  9.993   -5.526  1.00 0.11 ? 9  DT  A N1     1 
ATOM   262  C C2     . DT  A 1 9  ? -1.720  10.190  -5.009  1.00 0.12 ? 9  DT  A C2     1 
ATOM   263  O O2     . DT  A 1 9  ? -1.488  10.836  -3.991  1.00 0.16 ? 9  DT  A O2     1 
ATOM   264  N N3     . DT  A 1 9  ? -0.694  9.605   -5.712  1.00 0.12 ? 9  DT  A N3     1 
ATOM   265  C C4     . DT  A 1 9  ? -0.807  8.856   -6.862  1.00 0.11 ? 9  DT  A C4     1 
ATOM   266  O O4     . DT  A 1 9  ? 0.201   8.388   -7.381  1.00 0.17 ? 9  DT  A O4     1 
ATOM   267  C C5     . DT  A 1 9  ? -2.161  8.698   -7.337  1.00 0.11 ? 9  DT  A C5     1 
ATOM   268  C C7     . DT  A 1 9  ? -2.433  7.894   -8.614  1.00 0.14 ? 9  DT  A C7     1 
ATOM   269  C C6     . DT  A 1 9  ? -3.186  9.257   -6.669  1.00 0.12 ? 9  DT  A C6     1 
ATOM   270  H "H5'"  . DT  A 1 9  ? -7.446  8.320   -4.528  1.00 0.19 ? 9  DT  A "H5'"  1 
ATOM   271  H "H5''" . DT  A 1 9  ? -8.403  9.759   -4.934  1.00 0.19 ? 9  DT  A "H5''" 1 
ATOM   272  H "H4'"  . DT  A 1 9  ? -6.649  10.275  -3.317  1.00 0.17 ? 9  DT  A "H4'"  1 
ATOM   273  H "H3'"  . DT  A 1 9  ? -7.105  11.756  -5.621  1.00 0.19 ? 9  DT  A "H3'"  1 
ATOM   274  H "H2'"  . DT  A 1 9  ? -5.163  10.879  -6.639  1.00 0.13 ? 9  DT  A "H2'"  1 
ATOM   275  H "H2''" . DT  A 1 9  ? -4.495  12.417  -5.986  1.00 0.16 ? 9  DT  A "H2''" 1 
ATOM   276  H "H1'"  . DT  A 1 9  ? -3.836  11.175  -3.942  1.00 0.13 ? 9  DT  A "H1'"  1 
ATOM   277  H H3     . DT  A 1 9  ? 0.236   9.745   -5.342  1.00 0.14 ? 9  DT  A H3     1 
ATOM   278  H H71    . DT  A 1 9  ? -3.111  7.068   -8.398  1.00 0.15 ? 9  DT  A H71    1 
ATOM   279  H H72    . DT  A 1 9  ? -2.889  8.543   -9.362  1.00 0.19 ? 9  DT  A H72    1 
ATOM   280  H H73    . DT  A 1 9  ? -1.500  7.495   -9.012  1.00 0.23 ? 9  DT  A H73    1 
ATOM   281  H H6     . DT  A 1 9  ? -4.203  9.125   -7.040  1.00 0.17 ? 9  DT  A H6     1 
ATOM   282  P P      . DG  A 1 10 ? -6.208  14.146  -4.285  1.00 0.14 ? 10 DG  A P      1 
ATOM   283  O OP1    . DG  A 1 10 ? -6.726  14.901  -3.121  1.00 0.16 ? 10 DG  A OP1    1 
ATOM   284  O OP2    . DG  A 1 10 ? -6.806  14.369  -5.622  1.00 0.19 ? 10 DG  A OP2    1 
ATOM   285  O "O5'"  . DG  A 1 10 ? -4.616  14.392  -4.401  1.00 0.19 ? 10 DG  A "O5'"  1 
ATOM   286  C "C5'"  . DG  A 1 10 ? -3.817  14.622  -3.231  1.00 0.16 ? 10 DG  A "C5'"  1 
ATOM   287  C "C4'"  . DG  A 1 10 ? -2.362  14.976  -3.545  1.00 0.14 ? 10 DG  A "C4'"  1 
ATOM   288  O "O4'"  . DG  A 1 10 ? -1.590  13.900  -4.122  1.00 0.16 ? 10 DG  A "O4'"  1 
ATOM   289  C "C3'"  . DG  A 1 10 ? -2.204  16.194  -4.471  1.00 0.09 ? 10 DG  A "C3'"  1 
ATOM   290  O "O3'"  . DG  A 1 10 ? -1.344  17.168  -3.854  1.00 0.11 ? 10 DG  A "O3'"  1 
ATOM   291  C "C2'"  . DG  A 1 10 ? -1.600  15.535  -5.719  1.00 0.10 ? 10 DG  A "C2'"  1 
ATOM   292  C "C1'"  . DG  A 1 10 ? -0.724  14.469  -5.112  1.00 0.10 ? 10 DG  A "C1'"  1 
ATOM   293  N N9     . DG  A 1 10 ? -0.347  13.445  -6.109  1.00 0.11 ? 10 DG  A N9     1 
ATOM   294  C C8     . DG  A 1 10 ? -1.131  12.784  -7.006  1.00 0.13 ? 10 DG  A C8     1 
ATOM   295  N N7     . DG  A 1 10 ? -0.527  11.915  -7.763  1.00 0.16 ? 10 DG  A N7     1 
ATOM   296  C C5     . DG  A 1 10 ? 0.795   12.010  -7.322  1.00 0.14 ? 10 DG  A C5     1 
ATOM   297  C C6     . DG  A 1 10 ? 1.954   11.312  -7.755  1.00 0.16 ? 10 DG  A C6     1 
ATOM   298  O O6     . DG  A 1 10 ? 2.057   10.451  -8.622  1.00 0.22 ? 10 DG  A O6     1 
ATOM   299  N N1     . DG  A 1 10 ? 3.081   11.703  -7.056  1.00 0.17 ? 10 DG  A N1     1 
ATOM   300  C C2     . DG  A 1 10 ? 3.104   12.649  -6.058  1.00 0.19 ? 10 DG  A C2     1 
ATOM   301  N N2     . DG  A 1 10 ? 4.361   12.926  -5.451  1.00 0.27 ? 10 DG  A N2     1 
ATOM   302  N N3     . DG  A 1 10 ? 2.023   13.307  -5.645  1.00 0.16 ? 10 DG  A N3     1 
ATOM   303  C C4     . DG  A 1 10 ? 0.908   12.939  -6.317  1.00 0.12 ? 10 DG  A C4     1 
ATOM   304  H "H5'"  . DG  A 1 10 ? -3.831  13.734  -2.599  1.00 0.22 ? 10 DG  A "H5'"  1 
ATOM   305  H "H5''" . DG  A 1 10 ? -4.253  15.453  -2.676  1.00 0.18 ? 10 DG  A "H5''" 1 
ATOM   306  H "H4'"  . DG  A 1 10 ? -1.881  15.245  -2.605  1.00 0.17 ? 10 DG  A "H4'"  1 
ATOM   307  H "H3'"  . DG  A 1 10 ? -3.174  16.663  -4.629  1.00 0.17 ? 10 DG  A "H3'"  1 
ATOM   308  H "H2'"  . DG  A 1 10 ? -2.325  14.982  -6.315  1.00 0.13 ? 10 DG  A "H2'"  1 
ATOM   309  H "H2''" . DG  A 1 10 ? -0.989  16.172  -6.360  1.00 0.15 ? 10 DG  A "H2''" 1 
ATOM   310  H "H1'"  . DG  A 1 10 ? 0.168   14.937  -4.698  1.00 0.14 ? 10 DG  A "H1'"  1 
ATOM   311  H H8     . DG  A 1 10 ? -2.198  12.994  -7.073  1.00 0.14 ? 10 DG  A H8     1 
ATOM   312  H H1     . DG  A 1 10 ? 3.932   11.230  -7.325  1.00 0.25 ? 10 DG  A H1     1 
ATOM   313  H H21    . DG  A 1 10 ? 5.184   12.432  -5.766  1.00 0.39 ? 10 DG  A H21    1 
ATOM   314  H H22    . DG  A 1 10 ? 4.409   13.616  -4.714  1.00 0.36 ? 10 DG  A H22    1 
ATOM   315  P P      . DC  A 1 11 ? -0.804  18.499  -4.599  1.00 0.17 ? 11 DC  A P      1 
ATOM   316  O OP1    . DC  A 1 11 ? -0.785  19.606  -3.615  1.00 0.27 ? 11 DC  A OP1    1 
ATOM   317  O OP2    . DC  A 1 11 ? -1.526  18.671  -5.879  1.00 0.22 ? 11 DC  A OP2    1 
ATOM   318  O "O5'"  . DC  A 1 11 ? 0.722   18.106  -4.948  1.00 0.17 ? 11 DC  A "O5'"  1 
ATOM   319  C "C5'"  . DC  A 1 11 ? 1.744   18.171  -3.942  1.00 0.12 ? 11 DC  A "C5'"  1 
ATOM   320  C "C4'"  . DC  A 1 11 ? 3.105   17.714  -4.457  1.00 0.12 ? 11 DC  A "C4'"  1 
ATOM   321  O "O4'"  . DC  A 1 11 ? 3.078   16.341  -4.888  1.00 0.18 ? 11 DC  A "O4'"  1 
ATOM   322  C "C3'"  . DC  A 1 11 ? 3.581   18.511  -5.675  1.00 0.11 ? 11 DC  A "C3'"  1 
ATOM   323  O "O3'"  . DC  A 1 11 ? 4.098   19.796  -5.325  1.00 0.18 ? 11 DC  A "O3'"  1 
ATOM   324  C "C2'"  . DC  A 1 11 ? 4.669   17.572  -6.144  1.00 0.16 ? 11 DC  A "C2'"  1 
ATOM   325  C "C1'"  . DC  A 1 11 ? 4.000   16.207  -5.983  1.00 0.16 ? 11 DC  A "C1'"  1 
ATOM   326  N N1     . DC  A 1 11 ? 3.430   15.595  -7.212  1.00 0.15 ? 11 DC  A N1     1 
ATOM   327  C C2     . DC  A 1 11 ? 4.295   14.870  -8.028  1.00 0.21 ? 11 DC  A C2     1 
ATOM   328  O O2     . DC  A 1 11 ? 5.487   14.749  -7.761  1.00 0.26 ? 11 DC  A O2     1 
ATOM   329  N N3     . DC  A 1 11 ? 3.798   14.283  -9.143  1.00 0.22 ? 11 DC  A N3     1 
ATOM   330  C C4     . DC  A 1 11 ? 2.506   14.396  -9.461  1.00 0.17 ? 11 DC  A C4     1 
ATOM   331  N N4     . DC  A 1 11 ? 2.026   13.756  -10.642 1.00 0.17 ? 11 DC  A N4     1 
ATOM   332  C C5     . DC  A 1 11 ? 1.603   15.137  -8.642  1.00 0.15 ? 11 DC  A C5     1 
ATOM   333  C C6     . DC  A 1 11 ? 2.102   15.717  -7.533  1.00 0.14 ? 11 DC  A C6     1 
ATOM   334  H "H5'"  . DC  A 1 11 ? 1.465   17.541  -3.098  1.00 0.18 ? 11 DC  A "H5'"  1 
ATOM   335  H "H5''" . DC  A 1 11 ? 1.829   19.202  -3.599  1.00 0.15 ? 11 DC  A "H5''" 1 
ATOM   336  H "H4'"  . DC  A 1 11 ? 3.839   17.824  -3.659  1.00 0.19 ? 11 DC  A "H4'"  1 
ATOM   337  H "H3'"  . DC  A 1 11 ? 2.817   18.605  -6.446  1.00 0.15 ? 11 DC  A "H3'"  1 
ATOM   338  H "HO3'" . DC  A 1 11 ? 3.380   20.274  -4.903  1.00 0.25 ? 11 DC  A "HO3'" 1 
ATOM   339  H "H2'"  . DC  A 1 11 ? 5.097   17.792  -7.122  1.00 0.17 ? 11 DC  A "H2'"  1 
ATOM   340  H "H2''" . DC  A 1 11 ? 5.465   17.655  -5.403  1.00 0.22 ? 11 DC  A "H2''" 1 
ATOM   341  H "H1'"  . DC  A 1 11 ? 4.773   15.526  -5.625  1.00 0.25 ? 11 DC  A "H1'"  1 
ATOM   342  H H41    . DC  A 1 11 ? 2.661   13.161  -11.154 1.00 0.25 ? 11 DC  A H41    1 
ATOM   343  H H42    . DC  A 1 11 ? 1.073   13.896  -10.946 1.00 0.25 ? 11 DC  A H42    1 
ATOM   344  H H5     . DC  A 1 11 ? 0.549   15.234  -8.900  1.00 0.19 ? 11 DC  A H5     1 
ATOM   345  H H6     . DC  A 1 11 ? 1.401   16.275  -6.912  1.00 0.17 ? 11 DC  A H6     1 
ATOM   346  O "O5'"  . DG  B 2 1  ? 9.306   7.296   -14.814 1.00 0.40 ? 1  DG  B "O5'"  1 
ATOM   347  C "C5'"  . DG  B 2 1  ? 10.627  7.848   -14.889 1.00 0.19 ? 1  DG  B "C5'"  1 
ATOM   348  C "C4'"  . DG  B 2 1  ? 11.053  8.577   -13.604 1.00 0.13 ? 1  DG  B "C4'"  1 
ATOM   349  O "O4'"  . DG  B 2 1  ? 10.199  9.699   -13.291 1.00 0.26 ? 1  DG  B "O4'"  1 
ATOM   350  C "C3'"  . DG  B 2 1  ? 11.060  7.702   -12.348 1.00 0.13 ? 1  DG  B "C3'"  1 
ATOM   351  O "O3'"  . DG  B 2 1  ? 12.099  8.150   -11.461 1.00 0.18 ? 1  DG  B "O3'"  1 
ATOM   352  C "C2'"  . DG  B 2 1  ? 9.649   7.961   -11.839 1.00 0.13 ? 1  DG  B "C2'"  1 
ATOM   353  C "C1'"  . DG  B 2 1  ? 9.569   9.472   -12.014 1.00 0.19 ? 1  DG  B "C1'"  1 
ATOM   354  N N9     . DG  B 2 1  ? 8.155   9.895   -12.105 1.00 0.17 ? 1  DG  B N9     1 
ATOM   355  C C8     . DG  B 2 1  ? 7.188   9.454   -12.961 1.00 0.22 ? 1  DG  B C8     1 
ATOM   356  N N7     . DG  B 2 1  ? 6.017   10.000  -12.835 1.00 0.27 ? 1  DG  B N7     1 
ATOM   357  C C5     . DG  B 2 1  ? 6.222   10.897  -11.787 1.00 0.19 ? 1  DG  B C5     1 
ATOM   358  C C6     . DG  B 2 1  ? 5.314   11.797  -11.176 1.00 0.21 ? 1  DG  B C6     1 
ATOM   359  O O6     . DG  B 2 1  ? 4.131   11.992  -11.438 1.00 0.29 ? 1  DG  B O6     1 
ATOM   360  N N1     . DG  B 2 1  ? 5.909   12.520  -10.162 1.00 0.18 ? 1  DG  B N1     1 
ATOM   361  C C2     . DG  B 2 1  ? 7.225   12.398  -9.772  1.00 0.22 ? 1  DG  B C2     1 
ATOM   362  N N2     . DG  B 2 1  ? 7.665   13.215  -8.694  1.00 0.33 ? 1  DG  B N2     1 
ATOM   363  N N3     . DG  B 2 1  ? 8.085   11.556  -10.343 1.00 0.20 ? 1  DG  B N3     1 
ATOM   364  C C4     . DG  B 2 1  ? 7.520   10.839  -11.338 1.00 0.15 ? 1  DG  B C4     1 
ATOM   365  H "H5'"  . DG  B 2 1  ? 10.658  8.556   -15.717 1.00 0.24 ? 1  DG  B "H5'"  1 
ATOM   366  H "H5''" . DG  B 2 1  ? 11.330  7.040   -15.088 1.00 0.33 ? 1  DG  B "H5''" 1 
ATOM   367  H "H4'"  . DG  B 2 1  ? 12.064  8.957   -13.753 1.00 0.30 ? 1  DG  B "H4'"  1 
ATOM   368  H "H3'"  . DG  B 2 1  ? 11.272  6.659   -12.581 1.00 0.20 ? 1  DG  B "H3'"  1 
ATOM   369  H "H2'"  . DG  B 2 1  ? 8.888   7.541   -12.497 1.00 0.37 ? 1  DG  B "H2'"  1 
ATOM   370  H "H2''" . DG  B 2 1  ? 9.442   7.593   -10.834 1.00 0.41 ? 1  DG  B "H2''" 1 
ATOM   371  H "H1'"  . DG  B 2 1  ? 10.111  9.987   -11.221 1.00 0.26 ? 1  DG  B "H1'"  1 
ATOM   372  H H8     . DG  B 2 1  ? 7.394   8.684   -13.704 1.00 0.31 ? 1  DG  B H8     1 
ATOM   373  H H1     . DG  B 2 1  ? 5.288   13.173  -9.704  1.00 0.23 ? 1  DG  B H1     1 
ATOM   374  H H21    . DG  B 2 1  ? 7.022   13.881  -8.290  1.00 0.27 ? 1  DG  B H21    1 
ATOM   375  H H22    . DG  B 2 1  ? 8.610   13.104  -8.356  1.00 0.50 ? 1  DG  B H22    1 
ATOM   376  H "HO5'" . DG  B 2 1  ? 9.339   6.570   -14.188 1.00 0.61 ? 1  DG  B "HO5'" 1 
ATOM   377  P P      . DC  B 2 2  ? 12.363  7.518   -9.998  1.00 0.23 ? 2  DC  B P      1 
ATOM   378  O OP1    . DC  B 2 2  ? 13.818  7.584   -9.729  1.00 0.37 ? 2  DC  B OP1    1 
ATOM   379  O OP2    . DC  B 2 2  ? 11.661  6.216   -9.917  1.00 0.32 ? 2  DC  B OP2    1 
ATOM   380  O "O5'"  . DC  B 2 2  ? 11.606  8.554   -9.023  1.00 0.29 ? 2  DC  B "O5'"  1 
ATOM   381  C "C5'"  . DC  B 2 2  ? 12.128  9.860   -8.718  1.00 0.28 ? 2  DC  B "C5'"  1 
ATOM   382  C "C4'"  . DC  B 2 2  ? 11.238  10.595  -7.711  1.00 0.19 ? 2  DC  B "C4'"  1 
ATOM   383  O "O4'"  . DC  B 2 2  ? 9.898   10.856  -8.182  1.00 0.26 ? 2  DC  B "O4'"  1 
ATOM   384  C "C3'"  . DC  B 2 2  ? 11.112  9.858   -6.369  1.00 0.17 ? 2  DC  B "C3'"  1 
ATOM   385  O "O3'"  . DC  B 2 2  ? 11.309  10.751  -5.256  1.00 0.17 ? 2  DC  B "O3'"  1 
ATOM   386  C "C2'"  . DC  B 2 2  ? 9.751   9.215   -6.557  1.00 0.12 ? 2  DC  B "C2'"  1 
ATOM   387  C "C1'"  . DC  B 2 2  ? 8.991   10.372  -7.181  1.00 0.19 ? 2  DC  B "C1'"  1 
ATOM   388  N N1     . DC  B 2 2  ? 7.706   9.887   -7.737  1.00 0.18 ? 2  DC  B N1     1 
ATOM   389  C C2     . DC  B 2 2  ? 6.521   10.540  -7.410  1.00 0.30 ? 2  DC  B C2     1 
ATOM   390  O O2     . DC  B 2 2  ? 6.500   11.517  -6.669  1.00 0.36 ? 2  DC  B O2     1 
ATOM   391  N N3     . DC  B 2 2  ? 5.360   10.064  -7.929  1.00 0.32 ? 2  DC  B N3     1 
ATOM   392  C C4     . DC  B 2 2  ? 5.349   8.996   -8.731  1.00 0.22 ? 2  DC  B C4     1 
ATOM   393  N N4     . DC  B 2 2  ? 4.103   8.534   -9.261  1.00 0.26 ? 2  DC  B N4     1 
ATOM   394  C C5     . DC  B 2 2  ? 6.563   8.321   -9.069  1.00 0.14 ? 2  DC  B C5     1 
ATOM   395  C C6     . DC  B 2 2  ? 7.700   8.801   -8.555  1.00 0.12 ? 2  DC  B C6     1 
ATOM   396  H "H5'"  . DC  B 2 2  ? 12.176  10.446  -9.635  1.00 0.38 ? 2  DC  B "H5'"  1 
ATOM   397  H "H5''" . DC  B 2 2  ? 13.132  9.760   -8.302  1.00 0.32 ? 2  DC  B "H5''" 1 
ATOM   398  H "H4'"  . DC  B 2 2  ? 11.704  11.557  -7.500  1.00 0.25 ? 2  DC  B "H4'"  1 
ATOM   399  H "H3'"  . DC  B 2 2  ? 11.919  9.128   -6.305  1.00 0.23 ? 2  DC  B "H3'"  1 
ATOM   400  H "H2'"  . DC  B 2 2  ? 9.869   8.449   -7.322  1.00 0.28 ? 2  DC  B "H2'"  1 
ATOM   401  H "H2''" . DC  B 2 2  ? 9.202   8.799   -5.713  1.00 0.27 ? 2  DC  B "H2''" 1 
ATOM   402  H "H1'"  . DC  B 2 2  ? 8.834   11.150  -6.433  1.00 0.34 ? 2  DC  B "H1'"  1 
ATOM   403  H H41    . DC  B 2 2  ? 3.258   9.038   -9.034  1.00 0.42 ? 2  DC  B H41    1 
ATOM   404  H H42    . DC  B 2 2  ? 4.077   7.717   -9.854  1.00 0.38 ? 2  DC  B H42    1 
ATOM   405  H H5     . DC  B 2 2  ? 6.644   7.432   -9.693  1.00 0.31 ? 2  DC  B H5     1 
ATOM   406  H H6     . DC  B 2 2  ? 8.620   8.286   -8.829  1.00 0.36 ? 2  DC  B H6     1 
ATOM   407  P P      . DA  B 2 3  ? 11.187  10.298  -3.706  1.00 0.12 ? 3  DA  B P      1 
ATOM   408  O OP1    . DA  B 2 3  ? 12.241  11.007  -2.945  1.00 0.13 ? 3  DA  B OP1    1 
ATOM   409  O OP2    . DA  B 2 3  ? 11.119  8.819   -3.647  1.00 0.18 ? 3  DA  B OP2    1 
ATOM   410  O "O5'"  . DA  B 2 3  ? 9.749   10.874  -3.240  1.00 0.16 ? 3  DA  B "O5'"  1 
ATOM   411  C "C5'"  . DA  B 2 3  ? 9.565   12.257  -2.885  1.00 0.15 ? 3  DA  B "C5'"  1 
ATOM   412  C "C4'"  . DA  B 2 3  ? 8.218   12.514  -2.199  1.00 0.15 ? 3  DA  B "C4'"  1 
ATOM   413  O "O4'"  . DA  B 2 3  ? 7.065   12.229  -3.012  1.00 0.19 ? 3  DA  B "O4'"  1 
ATOM   414  C "C3'"  . DA  B 2 3  ? 8.012   11.782  -0.869  1.00 0.14 ? 3  DA  B "C3'"  1 
ATOM   415  O "O3'"  . DA  B 2 3  ? 7.527   12.692  0.132   1.00 0.14 ? 3  DA  B "O3'"  1 
ATOM   416  C "C2'"  . DA  B 2 3  ? 7.101   10.646  -1.289  1.00 0.19 ? 3  DA  B "C2'"  1 
ATOM   417  C "C1'"  . DA  B 2 3  ? 6.187   11.358  -2.280  1.00 0.21 ? 3  DA  B "C1'"  1 
ATOM   418  N N9     . DA  B 2 3  ? 5.601   10.438  -3.278  1.00 0.18 ? 3  DA  B N9     1 
ATOM   419  C C8     . DA  B 2 3  ? 6.220   9.489   -4.038  1.00 0.21 ? 3  DA  B C8     1 
ATOM   420  N N7     . DA  B 2 3  ? 5.470   8.831   -4.866  1.00 0.20 ? 3  DA  B N7     1 
ATOM   421  C C5     . DA  B 2 3  ? 4.220   9.399   -4.635  1.00 0.13 ? 3  DA  B C5     1 
ATOM   422  C C6     . DA  B 2 3  ? 2.966   9.155   -5.192  1.00 0.12 ? 3  DA  B C6     1 
ATOM   423  N N6     . DA  B 2 3  ? 2.758   8.171   -6.207  1.00 0.15 ? 3  DA  B N6     1 
ATOM   424  N N1     . DA  B 2 3  ? 1.938   9.887   -4.743  1.00 0.18 ? 3  DA  B N1     1 
ATOM   425  C C2     . DA  B 2 3  ? 2.136   10.804  -3.804  1.00 0.21 ? 3  DA  B C2     1 
ATOM   426  N N3     . DA  B 2 3  ? 3.270   11.127  -3.203  1.00 0.18 ? 3  DA  B N3     1 
ATOM   427  C C4     . DA  B 2 3  ? 4.288   10.375  -3.673  1.00 0.16 ? 3  DA  B C4     1 
ATOM   428  H "H5'"  . DA  B 2 3  ? 9.605   12.855  -3.795  1.00 0.20 ? 3  DA  B "H5'"  1 
ATOM   429  H "H5''" . DA  B 2 3  ? 10.366  12.577  -2.219  1.00 0.21 ? 3  DA  B "H5''" 1 
ATOM   430  H "H4'"  . DA  B 2 3  ? 8.182   13.579  -1.966  1.00 0.18 ? 3  DA  B "H4'"  1 
ATOM   431  H "H3'"  . DA  B 2 3  ? 8.973   11.415  -0.508  1.00 0.12 ? 3  DA  B "H3'"  1 
ATOM   432  H "H2'"  . DA  B 2 3  ? 7.698   9.927   -1.851  1.00 0.19 ? 3  DA  B "H2'"  1 
ATOM   433  H "H2''" . DA  B 2 3  ? 6.564   10.147  -0.481  1.00 0.27 ? 3  DA  B "H2''" 1 
ATOM   434  H "H1'"  . DA  B 2 3  ? 5.422   11.917  -1.741  1.00 0.28 ? 3  DA  B "H1'"  1 
ATOM   435  H H8     . DA  B 2 3  ? 7.287   9.283   -3.957  1.00 0.26 ? 3  DA  B H8     1 
ATOM   436  H H61    . DA  B 2 3  ? 1.839   8.059   -6.612  1.00 0.21 ? 3  DA  B H61    1 
ATOM   437  H H62    . DA  B 2 3  ? 3.533   7.599   -6.510  1.00 0.19 ? 3  DA  B H62    1 
ATOM   438  H H2     . DA  B 2 3  ? 1.255   11.362  -3.487  1.00 0.25 ? 3  DA  B H2     1 
ATOM   439  P P      . DT  B 2 4  ? 7.039   12.237  1.604   1.00 0.16 ? 4  DT  B P      1 
ATOM   440  O OP1    . DT  B 2 4  ? 7.213   13.388  2.519   1.00 0.17 ? 4  DT  B OP1    1 
ATOM   441  O OP2    . DT  B 2 4  ? 7.668   10.938  1.936   1.00 0.20 ? 4  DT  B OP2    1 
ATOM   442  O "O5'"  . DT  B 2 4  ? 5.460   11.985  1.389   1.00 0.17 ? 4  DT  B "O5'"  1 
ATOM   443  C "C5'"  . DT  B 2 4  ? 4.548   13.079  1.196   1.00 0.17 ? 4  DT  B "C5'"  1 
ATOM   444  C "C4'"  . DT  B 2 4  ? 3.096   12.619  1.041   1.00 0.17 ? 4  DT  B "C4'"  1 
ATOM   445  O "O4'"  . DT  B 2 4  ? 2.869   11.784  -0.110  1.00 0.17 ? 4  DT  B "O4'"  1 
ATOM   446  C "C3'"  . DT  B 2 4  ? 2.533   11.866  2.254   1.00 0.16 ? 4  DT  B "C3'"  1 
ATOM   447  O "O3'"  . DT  B 2 4  ? 1.271   12.411  2.669   1.00 0.20 ? 4  DT  B "O3'"  1 
ATOM   448  C "C2'"  . DT  B 2 4  ? 2.459   10.443  1.741   1.00 0.14 ? 4  DT  B "C2'"  1 
ATOM   449  C "C1'"  . DT  B 2 4  ? 2.024   10.698  0.296   1.00 0.12 ? 4  DT  B "C1'"  1 
ATOM   450  N N1     . DT  B 2 4  ? 2.267   9.546   -0.615  1.00 0.08 ? 4  DT  B N1     1 
ATOM   451  C C2     . DT  B 2 4  ? 1.209   9.081   -1.385  1.00 0.16 ? 4  DT  B C2     1 
ATOM   452  O O2     . DT  B 2 4  ? 0.078   9.558   -1.351  1.00 0.25 ? 4  DT  B O2     1 
ATOM   453  N N3     . DT  B 2 4  ? 1.494   8.023   -2.221  1.00 0.16 ? 4  DT  B N3     1 
ATOM   454  C C4     . DT  B 2 4  ? 2.712   7.394   -2.358  1.00 0.12 ? 4  DT  B C4     1 
ATOM   455  O O4     . DT  B 2 4  ? 2.825   6.465   -3.151  1.00 0.16 ? 4  DT  B O4     1 
ATOM   456  C C5     . DT  B 2 4  ? 3.759   7.935   -1.523  1.00 0.09 ? 4  DT  B C5     1 
ATOM   457  C C7     . DT  B 2 4  ? 5.163   7.324   -1.564  1.00 0.18 ? 4  DT  B C7     1 
ATOM   458  C C6     . DT  B 2 4  ? 3.511   8.968   -0.699  1.00 0.09 ? 4  DT  B C6     1 
ATOM   459  H "H5'"  . DT  B 2 4  ? 4.833   13.619  0.294   1.00 0.26 ? 4  DT  B "H5'"  1 
ATOM   460  H "H5''" . DT  B 2 4  ? 4.612   13.755  2.048   1.00 0.19 ? 4  DT  B "H5''" 1 
ATOM   461  H "H4'"  . DT  B 2 4  ? 2.479   13.509  0.922   1.00 0.25 ? 4  DT  B "H4'"  1 
ATOM   462  H "H3'"  . DT  B 2 4  ? 3.218   11.951  3.098   1.00 0.21 ? 4  DT  B "H3'"  1 
ATOM   463  H "H2'"  . DT  B 2 4  ? 3.459   10.013  1.757   1.00 0.26 ? 4  DT  B "H2'"  1 
ATOM   464  H "H2''" . DT  B 2 4  ? 1.705   9.857   2.268   1.00 0.21 ? 4  DT  B "H2''" 1 
ATOM   465  H "H1'"  . DT  B 2 4  ? 0.976   10.996  0.279   1.00 0.20 ? 4  DT  B "H1'"  1 
ATOM   466  H H3     . DT  B 2 4  ? 0.736   7.672   -2.789  1.00 0.24 ? 4  DT  B H3     1 
ATOM   467  H H71    . DT  B 2 4  ? 5.403   6.905   -0.587  1.00 0.44 ? 4  DT  B H71    1 
ATOM   468  H H72    . DT  B 2 4  ? 5.210   6.534   -2.314  1.00 0.28 ? 4  DT  B H72    1 
ATOM   469  H H73    . DT  B 2 4  ? 5.897   8.093   -1.807  1.00 0.36 ? 4  DT  B H73    1 
ATOM   470  H H6     . DT  B 2 4  ? 4.330   9.351   -0.090  1.00 0.19 ? 4  DT  B H6     1 
ATOM   471  P P      . DG  B 2 5  ? 0.500   11.864  3.981   1.00 0.22 ? 5  DG  B P      1 
ATOM   472  O OP1    . DG  B 2 5  ? -0.486  12.892  4.388   1.00 0.31 ? 5  DG  B OP1    1 
ATOM   473  O OP2    . DG  B 2 5  ? 1.509   11.399  4.961   1.00 0.31 ? 5  DG  B OP2    1 
ATOM   474  O "O5'"  . DG  B 2 5  ? -0.294  10.565  3.430   1.00 0.18 ? 5  DG  B "O5'"  1 
ATOM   475  C "C5'"  . DG  B 2 5  ? -1.647  10.664  2.961   1.00 0.22 ? 5  DG  B "C5'"  1 
ATOM   476  C "C4'"  . DG  B 2 5  ? -2.282  9.318   2.599   1.00 0.25 ? 5  DG  B "C4'"  1 
ATOM   477  O "O4'"  . DG  B 2 5  ? -1.723  8.672   1.437   1.00 0.27 ? 5  DG  B "O4'"  1 
ATOM   478  C "C3'"  . DG  B 2 5  ? -2.279  8.272   3.726   1.00 0.24 ? 5  DG  B "C3'"  1 
ATOM   479  O "O3'"  . DG  B 2 5  ? -3.622  7.782   3.897   1.00 0.28 ? 5  DG  B "O3'"  1 
ATOM   480  C "C2'"  . DG  B 2 5  ? -1.296  7.244   3.180   1.00 0.25 ? 5  DG  B "C2'"  1 
ATOM   481  C "C1'"  . DG  B 2 5  ? -1.674  7.266   1.713   1.00 0.26 ? 5  DG  B "C1'"  1 
ATOM   482  N N9     . DG  B 2 5  ? -0.690  6.616   0.831   1.00 0.22 ? 5  DG  B N9     1 
ATOM   483  C C8     . DG  B 2 5  ? 0.668   6.647   0.858   1.00 0.21 ? 5  DG  B C8     1 
ATOM   484  N N7     . DG  B 2 5  ? 1.276   5.975   -0.077  1.00 0.19 ? 5  DG  B N7     1 
ATOM   485  C C5     . DG  B 2 5  ? 0.205   5.445   -0.797  1.00 0.17 ? 5  DG  B C5     1 
ATOM   486  C C6     . DG  B 2 5  ? 0.200   4.613   -1.946  1.00 0.16 ? 5  DG  B C6     1 
ATOM   487  O O6     . DG  B 2 5  ? 1.151   4.170   -2.580  1.00 0.16 ? 5  DG  B O6     1 
ATOM   488  N N1     . DG  B 2 5  ? -1.087  4.305   -2.354  1.00 0.22 ? 5  DG  B N1     1 
ATOM   489  C C2     . DG  B 2 5  ? -2.239  4.741   -1.734  1.00 0.28 ? 5  DG  B C2     1 
ATOM   490  N N2     . DG  B 2 5  ? -3.484  4.317   -2.274  1.00 0.42 ? 5  DG  B N2     1 
ATOM   491  N N3     . DG  B 2 5  ? -2.238  5.521   -0.659  1.00 0.27 ? 5  DG  B N3     1 
ATOM   492  C C4     . DG  B 2 5  ? -0.991  5.832   -0.246  1.00 0.21 ? 5  DG  B C4     1 
ATOM   493  H "H5'"  . DG  B 2 5  ? -1.677  11.307  2.081   1.00 0.31 ? 5  DG  B "H5'"  1 
ATOM   494  H "H5''" . DG  B 2 5  ? -2.248  11.120  3.747   1.00 0.22 ? 5  DG  B "H5''" 1 
ATOM   495  H "H4'"  . DG  B 2 5  ? -3.332  9.509   2.375   1.00 0.31 ? 5  DG  B "H4'"  1 
ATOM   496  H "H3'"  . DG  B 2 5  ? -1.922  8.711   4.657   1.00 0.22 ? 5  DG  B "H3'"  1 
ATOM   497  H "H2'"  . DG  B 2 5  ? -0.280  7.637   3.244   1.00 0.28 ? 5  DG  B "H2'"  1 
ATOM   498  H "H2''" . DG  B 2 5  ? -1.391  6.241   3.596   1.00 0.27 ? 5  DG  B "H2''" 1 
ATOM   499  H "H1'"  . DG  B 2 5  ? -2.639  6.780   1.578   1.00 0.31 ? 5  DG  B "H1'"  1 
ATOM   500  H H8     . DG  B 2 5  ? 1.198   7.204   1.630   1.00 0.26 ? 5  DG  B H8     1 
ATOM   501  H H1     . DG  B 2 5  ? -1.134  3.717   -3.172  1.00 0.25 ? 5  DG  B H1     1 
ATOM   502  H H21    . DG  B 2 5  ? -3.497  3.784   -3.132  1.00 0.31 ? 5  DG  B H21    1 
ATOM   503  H H22    . DG  B 2 5  ? -4.339  4.555   -1.790  1.00 0.67 ? 5  DG  B H22    1 
ATOM   504  P P      . DA  B 2 6  ? -4.061  6.535   4.830   1.00 0.29 ? 6  DA  B P      1 
ATOM   505  O OP1    . DA  B 2 6  ? -5.415  6.818   5.359   1.00 0.35 ? 6  DA  B OP1    1 
ATOM   506  O OP2    . DA  B 2 6  ? -2.958  6.235   5.773   1.00 0.36 ? 6  DA  B OP2    1 
ATOM   507  O "O5'"  . DA  B 2 6  ? -4.164  5.317   3.775   1.00 0.28 ? 6  DA  B "O5'"  1 
ATOM   508  C "C5'"  . DA  B 2 6  ? -5.156  5.304   2.733   1.00 0.20 ? 6  DA  B "C5'"  1 
ATOM   509  C "C4'"  . DA  B 2 6  ? -5.041  4.083   1.814   1.00 0.20 ? 6  DA  B "C4'"  1 
ATOM   510  O "O4'"  . DA  B 2 6  ? -3.749  4.030   1.217   1.00 0.34 ? 6  DA  B "O4'"  1 
ATOM   511  C "C3'"  . DA  B 2 6  ? -5.265  2.736   2.518   1.00 0.15 ? 6  DA  B "C3'"  1 
ATOM   512  O "O3'"  . DA  B 2 6  ? -6.602  2.305   2.201   1.00 0.15 ? 6  DA  B "O3'"  1 
ATOM   513  C "C2'"  . DA  B 2 6  ? -4.104  1.877   1.987   1.00 0.17 ? 6  DA  B "C2'"  1 
ATOM   514  C "C1'"  . DA  B 2 6  ? -3.567  2.679   0.798   1.00 0.26 ? 6  DA  B "C1'"  1 
ATOM   515  N N9     . DA  B 2 6  ? -2.100  2.539   0.633   1.00 0.25 ? 6  DA  B N9     1 
ATOM   516  C C8     . DA  B 2 6  ? -1.115  3.058   1.428   1.00 0.29 ? 6  DA  B C8     1 
ATOM   517  N N7     . DA  B 2 6  ? 0.106   2.797   1.072   1.00 0.30 ? 6  DA  B N7     1 
ATOM   518  C C5     . DA  B 2 6  ? -0.080  2.029   -0.078  1.00 0.25 ? 6  DA  B C5     1 
ATOM   519  C C6     . DA  B 2 6  ? 0.825   1.422   -0.961  1.00 0.24 ? 6  DA  B C6     1 
ATOM   520  N N6     . DA  B 2 6  ? 2.243   1.501   -0.808  1.00 0.32 ? 6  DA  B N6     1 
ATOM   521  N N1     . DA  B 2 6  ? 0.317   0.739   -1.994  1.00 0.19 ? 6  DA  B N1     1 
ATOM   522  C C2     . DA  B 2 6  ? -0.997  0.659   -2.147  1.00 0.19 ? 6  DA  B C2     1 
ATOM   523  N N3     . DA  B 2 6  ? -1.950  1.183   -1.389  1.00 0.21 ? 6  DA  B N3     1 
ATOM   524  C C4     . DA  B 2 6  ? -1.415  1.867   -0.354  1.00 0.23 ? 6  DA  B C4     1 
ATOM   525  H "H5'"  . DA  B 2 6  ? -5.028  6.197   2.121   1.00 0.30 ? 6  DA  B "H5'"  1 
ATOM   526  H "H5''" . DA  B 2 6  ? -6.151  5.320   3.177   1.00 0.18 ? 6  DA  B "H5''" 1 
ATOM   527  H "H4'"  . DA  B 2 6  ? -5.779  4.156   1.016   1.00 0.28 ? 6  DA  B "H4'"  1 
ATOM   528  H "H3'"  . DA  B 2 6  ? -5.110  2.842   3.592   1.00 0.18 ? 6  DA  B "H3'"  1 
ATOM   529  H "H2'"  . DA  B 2 6  ? -3.289  1.955   2.706   1.00 0.22 ? 6  DA  B "H2'"  1 
ATOM   530  H "H2''" . DA  B 2 6  ? -4.385  0.864   1.701   1.00 0.22 ? 6  DA  B "H2''" 1 
ATOM   531  H "H1'"  . DA  B 2 6  ? -4.128  2.449   -0.108  1.00 0.33 ? 6  DA  B "H1'"  1 
ATOM   532  H H8     . DA  B 2 6  ? -1.350  3.666   2.301   1.00 0.33 ? 6  DA  B H8     1 
ATOM   533  H H61    . DA  B 2 6  ? 2.843   1.034   -1.473  1.00 0.34 ? 6  DA  B H61    1 
ATOM   534  H H62    . DA  B 2 6  ? 2.630   2.023   -0.035  1.00 0.41 ? 6  DA  B H62    1 
ATOM   535  H H2     . DA  B 2 6  ? -1.326  0.089   -3.016  1.00 0.20 ? 6  DA  B H2     1 
ATOM   536  P P      . DG  B 2 7  ? -7.460  1.225   3.057   1.00 0.25 ? 7  DG  B P      1 
ATOM   537  O OP1    . DG  B 2 7  ? -8.780  1.826   3.359   1.00 0.35 ? 7  DG  B OP1    1 
ATOM   538  O OP2    . DG  B 2 7  ? -6.617  0.723   4.166   1.00 0.38 ? 7  DG  B OP2    1 
ATOM   539  O "O5'"  . DG  B 2 7  ? -7.699  -0.009  2.046   1.00 0.23 ? 7  DG  B "O5'"  1 
ATOM   540  C "C5'"  . DG  B 2 7  ? -8.435  0.129   0.819   1.00 0.23 ? 7  DG  B "C5'"  1 
ATOM   541  C "C4'"  . DG  B 2 7  ? -8.280  -1.113  -0.061  1.00 0.25 ? 7  DG  B "C4'"  1 
ATOM   542  O "O4'"  . DG  B 2 7  ? -6.888  -1.428  -0.223  1.00 0.25 ? 7  DG  B "O4'"  1 
ATOM   543  C "C3'"  . DG  B 2 7  ? -8.966  -2.405  0.419   1.00 0.29 ? 7  DG  B "C3'"  1 
ATOM   544  O "O3'"  . DG  B 2 7  ? -9.505  -3.156  -0.684  1.00 0.35 ? 7  DG  B "O3'"  1 
ATOM   545  C "C2'"  . DG  B 2 7  ? -7.859  -3.044  1.219   1.00 0.27 ? 7  DG  B "C2'"  1 
ATOM   546  C "C1'"  . DG  B 2 7  ? -6.668  -2.717  0.365   1.00 0.22 ? 7  DG  B "C1'"  1 
ATOM   547  N N9     . DG  B 2 7  ? -5.510  -2.703  1.272   1.00 0.17 ? 7  DG  B N9     1 
ATOM   548  C C8     . DG  B 2 7  ? -5.288  -2.009  2.436   1.00 0.18 ? 7  DG  B C8     1 
ATOM   549  N N7     . DG  B 2 7  ? -4.145  -2.233  3.012   1.00 0.16 ? 7  DG  B N7     1 
ATOM   550  C C5     . DG  B 2 7  ? -3.558  -3.158  2.150   1.00 0.13 ? 7  DG  B C5     1 
ATOM   551  C C6     . DG  B 2 7  ? -2.304  -3.794  2.225   1.00 0.16 ? 7  DG  B C6     1 
ATOM   552  O O6     . DG  B 2 7  ? -1.437  -3.669  3.081   1.00 0.25 ? 7  DG  B O6     1 
ATOM   553  N N1     . DG  B 2 7  ? -2.100  -4.651  1.160   1.00 0.16 ? 7  DG  B N1     1 
ATOM   554  C C2     . DG  B 2 7  ? -2.995  -4.877  0.138   1.00 0.10 ? 7  DG  B C2     1 
ATOM   555  N N2     . DG  B 2 7  ? -2.626  -5.803  -0.875  1.00 0.12 ? 7  DG  B N2     1 
ATOM   556  N N3     . DG  B 2 7  ? -4.176  -4.282  0.062   1.00 0.09 ? 7  DG  B N3     1 
ATOM   557  C C4     . DG  B 2 7  ? -4.387  -3.442  1.095   1.00 0.12 ? 7  DG  B C4     1 
ATOM   558  H "H5'"  . DG  B 2 7  ? -8.010  0.973   0.274   1.00 0.25 ? 7  DG  B "H5'"  1 
ATOM   559  H "H5''" . DG  B 2 7  ? -9.489  0.326   1.014   1.00 0.34 ? 7  DG  B "H5''" 1 
ATOM   560  H "H4'"  . DG  B 2 7  ? -8.683  -0.870  -1.045  1.00 0.30 ? 7  DG  B "H4'"  1 
ATOM   561  H "H3'"  . DG  B 2 7  ? -9.817  -2.141  1.047   1.00 0.33 ? 7  DG  B "H3'"  1 
ATOM   562  H "H2'"  . DG  B 2 7  ? -7.759  -2.483  2.148   1.00 0.28 ? 7  DG  B "H2'"  1 
ATOM   563  H "H2''" . DG  B 2 7  ? -7.849  -4.122  1.375   1.00 0.30 ? 7  DG  B "H2''" 1 
ATOM   564  H "H1'"  . DG  B 2 7  ? -6.568  -3.485  -0.404  1.00 0.22 ? 7  DG  B "H1'"  1 
ATOM   565  H H8     . DG  B 2 7  ? -6.012  -1.319  2.870   1.00 0.26 ? 7  DG  B H8     1 
ATOM   566  H H1     . DG  B 2 7  ? -1.207  -5.123  1.175   1.00 0.18 ? 7  DG  B H1     1 
ATOM   567  H H21    . DG  B 2 7  ? -1.693  -6.187  -0.872  1.00 0.20 ? 7  DG  B H21    1 
ATOM   568  H H22    . DG  B 2 7  ? -3.311  -6.054  -1.574  1.00 0.19 ? 7  DG  B H22    1 
ATOM   569  P P      . DT  B 2 8  ? -10.145 -4.636  -0.532  1.00 0.41 ? 8  DT  B P      1 
ATOM   570  O OP1    . DT  B 2 8  ? -11.108 -4.827  -1.641  1.00 0.53 ? 8  DT  B OP1    1 
ATOM   571  O OP2    . DT  B 2 8  ? -10.601 -4.812  0.866   1.00 0.50 ? 8  DT  B OP2    1 
ATOM   572  O "O5'"  . DT  B 2 8  ? -8.887  -5.625  -0.770  1.00 0.28 ? 8  DT  B "O5'"  1 
ATOM   573  C "C5'"  . DT  B 2 8  ? -8.309  -5.829  -2.071  1.00 0.22 ? 8  DT  B "C5'"  1 
ATOM   574  C "C4'"  . DT  B 2 8  ? -7.231  -6.920  -2.072  1.00 0.15 ? 8  DT  B "C4'"  1 
ATOM   575  O "O4'"  . DT  B 2 8  ? -6.089  -6.642  -1.238  1.00 0.15 ? 8  DT  B "O4'"  1 
ATOM   576  C "C3'"  . DT  B 2 8  ? -7.724  -8.319  -1.684  1.00 0.14 ? 8  DT  B "C3'"  1 
ATOM   577  O "O3'"  . DT  B 2 8  ? -7.259  -9.298  -2.630  1.00 0.16 ? 8  DT  B "O3'"  1 
ATOM   578  C "C2'"  . DT  B 2 8  ? -7.208  -8.439  -0.269  1.00 0.15 ? 8  DT  B "C2'"  1 
ATOM   579  C "C1'"  . DT  B 2 8  ? -5.833  -7.802  -0.429  1.00 0.11 ? 8  DT  B "C1'"  1 
ATOM   580  N N1     . DT  B 2 8  ? -5.241  -7.348  0.854   1.00 0.10 ? 8  DT  B N1     1 
ATOM   581  C C2     . DT  B 2 8  ? -3.932  -7.702  1.138   1.00 0.12 ? 8  DT  B C2     1 
ATOM   582  O O2     . DT  B 2 8  ? -3.233  -8.390  0.398   1.00 0.19 ? 8  DT  B O2     1 
ATOM   583  N N3     . DT  B 2 8  ? -3.432  -7.233  2.330   1.00 0.14 ? 8  DT  B N3     1 
ATOM   584  C C4     . DT  B 2 8  ? -4.100  -6.461  3.253   1.00 0.12 ? 8  DT  B C4     1 
ATOM   585  O O4     . DT  B 2 8  ? -3.524  -6.104  4.276   1.00 0.15 ? 8  DT  B O4     1 
ATOM   586  C C5     . DT  B 2 8  ? -5.456  -6.137  2.891   1.00 0.13 ? 8  DT  B C5     1 
ATOM   587  C C7     . DT  B 2 8  ? -6.309  -5.283  3.839   1.00 0.21 ? 8  DT  B C7     1 
ATOM   588  C C6     . DT  B 2 8  ? -5.973  -6.581  1.727   1.00 0.13 ? 8  DT  B C6     1 
ATOM   589  H "H5'"  . DT  B 2 8  ? -7.849  -4.896  -2.395  1.00 0.27 ? 8  DT  B "H5'"  1 
ATOM   590  H "H5''" . DT  B 2 8  ? -9.091  -6.102  -2.778  1.00 0.29 ? 8  DT  B "H5''" 1 
ATOM   591  H "H4'"  . DT  B 2 8  ? -6.862  -7.003  -3.095  1.00 0.20 ? 8  DT  B "H4'"  1 
ATOM   592  H "H3'"  . DT  B 2 8  ? -8.814  -8.347  -1.705  1.00 0.19 ? 8  DT  B "H3'"  1 
ATOM   593  H "H2'"  . DT  B 2 8  ? -7.805  -7.781  0.363   1.00 0.18 ? 8  DT  B "H2'"  1 
ATOM   594  H "H2''" . DT  B 2 8  ? -7.180  -9.454  0.128   1.00 0.19 ? 8  DT  B "H2''" 1 
ATOM   595  H "H1'"  . DT  B 2 8  ? -5.174  -8.491  -0.957  1.00 0.17 ? 8  DT  B "H1'"  1 
ATOM   596  H H3     . DT  B 2 8  ? -2.475  -7.478  2.543   1.00 0.22 ? 8  DT  B H3     1 
ATOM   597  H H71    . DT  B 2 8  ? -7.182  -5.848  4.164   1.00 0.35 ? 8  DT  B H71    1 
ATOM   598  H H72    . DT  B 2 8  ? -5.723  -5.007  4.716   1.00 0.25 ? 8  DT  B H72    1 
ATOM   599  H H73    . DT  B 2 8  ? -6.632  -4.374  3.334   1.00 0.32 ? 8  DT  B H73    1 
ATOM   600  H H6     . DT  B 2 8  ? -7.000  -6.330  1.463   1.00 0.22 ? 8  DT  B H6     1 
ATOM   601  P P      . DA  B 2 9  ? -7.475  -10.890 -2.448  1.00 0.17 ? 9  DA  B P      1 
ATOM   602  O OP1    . DA  B 2 9  ? -7.513  -11.498 -3.799  1.00 0.24 ? 9  DA  B OP1    1 
ATOM   603  O OP2    . DA  B 2 9  ? -8.605  -11.113 -1.518  1.00 0.28 ? 9  DA  B OP2    1 
ATOM   604  O "O5'"  . DA  B 2 9  ? -6.120  -11.368 -1.705  1.00 0.16 ? 9  DA  B "O5'"  1 
ATOM   605  C "C5'"  . DA  B 2 9  ? -4.902  -11.630 -2.424  1.00 0.16 ? 9  DA  B "C5'"  1 
ATOM   606  C "C4'"  . DA  B 2 9  ? -3.840  -12.316 -1.554  1.00 0.19 ? 9  DA  B "C4'"  1 
ATOM   607  O "O4'"  . DA  B 2 9  ? -3.337  -11.523 -0.458  1.00 0.17 ? 9  DA  B "O4'"  1 
ATOM   608  C "C3'"  . DA  B 2 9  ? -4.299  -13.651 -0.959  1.00 0.20 ? 9  DA  B "C3'"  1 
ATOM   609  O "O3'"  . DA  B 2 9  ? -3.318  -14.677 -1.190  1.00 0.21 ? 9  DA  B "O3'"  1 
ATOM   610  C "C2'"  . DA  B 2 9  ? -4.543  -13.248 0.481   1.00 0.17 ? 9  DA  B "C2'"  1 
ATOM   611  C "C1'"  . DA  B 2 9  ? -3.358  -12.325 0.735   1.00 0.14 ? 9  DA  B "C1'"  1 
ATOM   612  N N9     . DA  B 2 9  ? -3.607  -11.421 1.880   1.00 0.12 ? 9  DA  B N9     1 
ATOM   613  C C8     . DA  B 2 9  ? -4.766  -10.789 2.204   1.00 0.13 ? 9  DA  B C8     1 
ATOM   614  N N7     . DA  B 2 9  ? -4.736  -10.019 3.248   1.00 0.13 ? 9  DA  B N7     1 
ATOM   615  C C5     . DA  B 2 9  ? -3.413  -10.151 3.667   1.00 0.12 ? 9  DA  B C5     1 
ATOM   616  C C6     . DA  B 2 9  ? -2.706  -9.589  4.737   1.00 0.14 ? 9  DA  B C6     1 
ATOM   617  N N6     . DA  B 2 9  ? -3.309  -8.684  5.662   1.00 0.16 ? 9  DA  B N6     1 
ATOM   618  N N1     . DA  B 2 9  ? -1.416  -9.923  4.874   1.00 0.22 ? 9  DA  B N1     1 
ATOM   619  C C2     . DA  B 2 9  ? -0.859  -10.761 4.006   1.00 0.26 ? 9  DA  B C2     1 
ATOM   620  N N3     . DA  B 2 9  ? -1.418  -11.353 2.960   1.00 0.24 ? 9  DA  B N3     1 
ATOM   621  C C4     . DA  B 2 9  ? -2.717  -11.002 2.844   1.00 0.15 ? 9  DA  B C4     1 
ATOM   622  H "H5'"  . DA  B 2 9  ? -4.496  -10.689 -2.793  1.00 0.21 ? 9  DA  B "H5'"  1 
ATOM   623  H "H5''" . DA  B 2 9  ? -5.125  -12.277 -3.273  1.00 0.25 ? 9  DA  B "H5''" 1 
ATOM   624  H "H4'"  . DA  B 2 9  ? -2.991  -12.544 -2.198  1.00 0.23 ? 9  DA  B "H4'"  1 
ATOM   625  H "H3'"  . DA  B 2 9  ? -5.219  -13.971 -1.449  1.00 0.23 ? 9  DA  B "H3'"  1 
ATOM   626  H "H2'"  . DA  B 2 9  ? -5.430  -12.615 0.525   1.00 0.21 ? 9  DA  B "H2'"  1 
ATOM   627  H "H2''" . DA  B 2 9  ? -4.618  -14.081 1.180   1.00 0.22 ? 9  DA  B "H2''" 1 
ATOM   628  H "H1'"  . DA  B 2 9  ? -2.436  -12.897 0.841   1.00 0.19 ? 9  DA  B "H1'"  1 
ATOM   629  H H8     . DA  B 2 9  ? -5.659  -10.949 1.600   1.00 0.25 ? 9  DA  B H8     1 
ATOM   630  H H61    . DA  B 2 9  ? -2.754  -8.267  6.397   1.00 0.27 ? 9  DA  B H61    1 
ATOM   631  H H62    . DA  B 2 9  ? -4.291  -8.465  5.574   1.00 0.24 ? 9  DA  B H62    1 
ATOM   632  H H2     . DA  B 2 9  ? 0.192   -10.992 4.174   1.00 0.35 ? 9  DA  B H2     1 
ATOM   633  P P      . DC  B 2 10 ? -3.397  -16.178 -0.586  1.00 0.19 ? 10 DC  B P      1 
ATOM   634  O OP1    . DC  B 2 10 ? -2.685  -17.085 -1.516  1.00 0.23 ? 10 DC  B OP1    1 
ATOM   635  O OP2    . DC  B 2 10 ? -4.799  -16.472 -0.210  1.00 0.24 ? 10 DC  B OP2    1 
ATOM   636  O "O5'"  . DC  B 2 10 ? -2.534  -16.066 0.773   1.00 0.18 ? 10 DC  B "O5'"  1 
ATOM   637  C "C5'"  . DC  B 2 10 ? -1.129  -15.772 0.738   1.00 0.19 ? 10 DC  B "C5'"  1 
ATOM   638  C "C4'"  . DC  B 2 10 ? -0.547  -15.514 2.128   1.00 0.23 ? 10 DC  B "C4'"  1 
ATOM   639  O "O4'"  . DC  B 2 10 ? -1.141  -14.396 2.819   1.00 0.26 ? 10 DC  B "O4'"  1 
ATOM   640  C "C3'"  . DC  B 2 10 ? -0.578  -16.691 3.112   1.00 0.22 ? 10 DC  B "C3'"  1 
ATOM   641  O "O3'"  . DC  B 2 10 ? 0.731   -16.804 3.701   1.00 0.32 ? 10 DC  B "O3'"  1 
ATOM   642  C "C2'"  . DC  B 2 10 ? -1.706  -16.275 4.057   1.00 0.20 ? 10 DC  B "C2'"  1 
ATOM   643  C "C1'"  . DC  B 2 10 ? -1.336  -14.800 4.183   1.00 0.25 ? 10 DC  B "C1'"  1 
ATOM   644  N N1     . DC  B 2 10 ? -2.364  -13.947 4.830   1.00 0.24 ? 10 DC  B N1     1 
ATOM   645  C C2     . DC  B 2 10 ? -1.958  -13.147 5.886   1.00 0.30 ? 10 DC  B C2     1 
ATOM   646  O O2     . DC  B 2 10 ? -0.806  -13.155 6.312   1.00 0.34 ? 10 DC  B O2     1 
ATOM   647  N N3     . DC  B 2 10 ? -2.878  -12.344 6.468   1.00 0.30 ? 10 DC  B N3     1 
ATOM   648  C C4     . DC  B 2 10 ? -4.141  -12.308 6.053   1.00 0.24 ? 10 DC  B C4     1 
ATOM   649  N N4     . DC  B 2 10 ? -5.037  -11.417 6.718   1.00 0.24 ? 10 DC  B N4     1 
ATOM   650  C C5     . DC  B 2 10 ? -4.584  -13.126 4.972   1.00 0.23 ? 10 DC  B C5     1 
ATOM   651  C C6     . DC  B 2 10 ? -3.665  -13.926 4.392   1.00 0.21 ? 10 DC  B C6     1 
ATOM   652  H "H5'"  . DC  B 2 10 ? -0.978  -14.873 0.140   1.00 0.27 ? 10 DC  B "H5'"  1 
ATOM   653  H "H5''" . DC  B 2 10 ? -0.592  -16.598 0.274   1.00 0.23 ? 10 DC  B "H5''" 1 
ATOM   654  H "H4'"  . DC  B 2 10 ? 0.507   -15.275 1.991   1.00 0.30 ? 10 DC  B "H4'"  1 
ATOM   655  H "H3'"  . DC  B 2 10 ? -0.739  -17.617 2.560   1.00 0.22 ? 10 DC  B "H3'"  1 
ATOM   656  H "H2'"  . DC  B 2 10 ? -2.673  -16.381 3.566   1.00 0.19 ? 10 DC  B "H2'"  1 
ATOM   657  H "H2''" . DC  B 2 10 ? -1.678  -16.743 5.041   1.00 0.29 ? 10 DC  B "H2''" 1 
ATOM   658  H "H1'"  . DC  B 2 10 ? -0.393  -14.707 4.721   1.00 0.28 ? 10 DC  B "H1'"  1 
ATOM   659  H H41    . DC  B 2 10 ? -4.650  -10.809 7.426   1.00 0.24 ? 10 DC  B H41    1 
ATOM   660  H H42    . DC  B 2 10 ? -6.018  -11.401 6.478   1.00 0.28 ? 10 DC  B H42    1 
ATOM   661  H H5     . DC  B 2 10 ? -5.619  -13.106 4.633   1.00 0.26 ? 10 DC  B H5     1 
ATOM   662  H H6     . DC  B 2 10 ? -3.980  -14.560 3.563   1.00 0.25 ? 10 DC  B H6     1 
ATOM   663  P P      . DG  B 2 11 ? 1.105   -17.670 5.014   1.00 0.35 ? 11 DG  B P      1 
ATOM   664  O OP1    . DG  B 2 11 ? 2.476   -18.205 4.836   1.00 0.42 ? 11 DG  B OP1    1 
ATOM   665  O OP2    . DG  B 2 11 ? -0.008  -18.598 5.317   1.00 0.33 ? 11 DG  B OP2    1 
ATOM   666  O "O5'"  . DG  B 2 11 ? 1.142   -16.537 6.172   1.00 0.35 ? 11 DG  B "O5'"  1 
ATOM   667  C "C5'"  . DG  B 2 11 ? 2.103   -16.561 7.246   1.00 0.27 ? 11 DG  B "C5'"  1 
ATOM   668  C "C4'"  . DG  B 2 11 ? 1.479   -16.861 8.619   1.00 0.19 ? 11 DG  B "C4'"  1 
ATOM   669  O "O4'"  . DG  B 2 11 ? 0.557   -15.839 9.072   1.00 0.21 ? 11 DG  B "O4'"  1 
ATOM   670  C "C3'"  . DG  B 2 11 ? 0.690   -18.179 8.649   1.00 0.22 ? 11 DG  B "C3'"  1 
ATOM   671  O "O3'"  . DG  B 2 11 ? 0.815   -18.859 9.903   1.00 0.35 ? 11 DG  B "O3'"  1 
ATOM   672  C "C2'"  . DG  B 2 11 ? -0.679  -17.638 8.396   1.00 0.22 ? 11 DG  B "C2'"  1 
ATOM   673  C "C1'"  . DG  B 2 11 ? -0.709  -16.474 9.317   1.00 0.20 ? 11 DG  B "C1'"  1 
ATOM   674  N N9     . DG  B 2 11 ? -1.896  -15.612 9.115   1.00 0.17 ? 11 DG  B N9     1 
ATOM   675  C C8     . DG  B 2 11 ? -2.931  -15.747 8.230   1.00 0.19 ? 11 DG  B C8     1 
ATOM   676  N N7     . DG  B 2 11 ? -3.842  -14.826 8.269   1.00 0.18 ? 11 DG  B N7     1 
ATOM   677  C C5     . DG  B 2 11 ? -3.373  -13.990 9.282   1.00 0.15 ? 11 DG  B C5     1 
ATOM   678  C C6     . DG  B 2 11 ? -3.935  -12.799 9.799   1.00 0.14 ? 11 DG  B C6     1 
ATOM   679  O O6     . DG  B 2 11 ? -4.966  -12.230 9.460   1.00 0.18 ? 11 DG  B O6     1 
ATOM   680  N N1     . DG  B 2 11 ? -3.164  -12.259 10.808  1.00 0.11 ? 11 DG  B N1     1 
ATOM   681  C C2     . DG  B 2 11 ? -1.987  -12.792 11.278  1.00 0.12 ? 11 DG  B C2     1 
ATOM   682  N N2     . DG  B 2 11 ? -1.344  -12.077 12.333  1.00 0.17 ? 11 DG  B N2     1 
ATOM   683  N N3     . DG  B 2 11 ? -1.446  -13.915 10.797  1.00 0.15 ? 11 DG  B N3     1 
ATOM   684  C C4     . DG  B 2 11 ? -2.190  -14.460 9.804   1.00 0.15 ? 11 DG  B C4     1 
ATOM   685  H "H5'"  . DG  B 2 11 ? 2.597   -15.590 7.295   1.00 0.41 ? 11 DG  B "H5'"  1 
ATOM   686  H "H5''" . DG  B 2 11 ? 2.858   -17.318 7.040   1.00 0.28 ? 11 DG  B "H5''" 1 
ATOM   687  H "H4'"  . DG  B 2 11 ? 2.286   -16.934 9.347   1.00 0.29 ? 11 DG  B "H4'"  1 
ATOM   688  H "H3'"  . DG  B 2 11 ? 0.942   -18.840 7.819   1.00 0.30 ? 11 DG  B "H3'"  1 
ATOM   689  H "HO3'" . DG  B 2 11 ? 1.750   -19.034 10.033  1.00 0.42 ? 11 DG  B "HO3'" 1 
ATOM   690  H "H2'"  . DG  B 2 11 ? -0.651  -17.250 7.378   1.00 0.27 ? 11 DG  B "H2'"  1 
ATOM   691  H "H2''" . DG  B 2 11 ? -1.554  -18.268 8.559   1.00 0.37 ? 11 DG  B "H2''" 1 
ATOM   692  H "H1'"  . DG  B 2 11 ? -0.740  -16.987 10.279  1.00 0.31 ? 11 DG  B "H1'"  1 
ATOM   693  H H8     . DG  B 2 11 ? -3.003  -16.589 7.541   1.00 0.27 ? 11 DG  B H8     1 
ATOM   694  H H1     . DG  B 2 11 ? -3.528  -11.405 11.205  1.00 0.14 ? 11 DG  B H1     1 
ATOM   695  H H21    . DG  B 2 11 ? -1.800  -11.263 12.720  1.00 0.19 ? 11 DG  B H21    1 
ATOM   696  H H22    . DG  B 2 11 ? -0.449  -12.391 12.681  1.00 0.29 ? 11 DG  B H22    1 
ATOM   697  O "O5'"  . DC  A 1 1  ? -6.367  -5.550  15.442  1.00 0.41 ? 1  DC  A "O5'"  2 
ATOM   698  C "C5'"  . DC  A 1 1  ? -6.205  -6.020  16.784  1.00 0.39 ? 1  DC  A "C5'"  2 
ATOM   699  C "C4'"  . DC  A 1 1  ? -5.054  -7.024  16.934  1.00 0.34 ? 1  DC  A "C4'"  2 
ATOM   700  O "O4'"  . DC  A 1 1  ? -5.237  -8.195  16.109  1.00 0.38 ? 1  DC  A "O4'"  2 
ATOM   701  C "C3'"  . DC  A 1 1  ? -3.689  -6.452  16.549  1.00 0.28 ? 1  DC  A "C3'"  2 
ATOM   702  O "O3'"  . DC  A 1 1  ? -2.630  -6.988  17.357  1.00 0.35 ? 1  DC  A "O3'"  2 
ATOM   703  C "C2'"  . DC  A 1 1  ? -3.606  -6.857  15.112  1.00 0.25 ? 1  DC  A "C2'"  2 
ATOM   704  C "C1'"  . DC  A 1 1  ? -4.142  -8.281  15.172  1.00 0.28 ? 1  DC  A "C1'"  2 
ATOM   705  N N1     . DC  A 1 1  ? -4.663  -8.678  13.838  1.00 0.19 ? 1  DC  A N1     2 
ATOM   706  C C2     . DC  A 1 1  ? -4.052  -9.717  13.142  1.00 0.22 ? 1  DC  A C2     2 
ATOM   707  O O2     . DC  A 1 1  ? -3.075  -10.322 13.577  1.00 0.31 ? 1  DC  A O2     2 
ATOM   708  N N3     . DC  A 1 1  ? -4.560  -10.057 11.931  1.00 0.23 ? 1  DC  A N3     2 
ATOM   709  C C4     . DC  A 1 1  ? -5.614  -9.422  11.409  1.00 0.20 ? 1  DC  A C4     2 
ATOM   710  N N4     . DC  A 1 1  ? -6.108  -9.828  10.130  1.00 0.30 ? 1  DC  A N4     2 
ATOM   711  C C5     . DC  A 1 1  ? -6.249  -8.352  12.110  1.00 0.21 ? 1  DC  A C5     2 
ATOM   712  C C6     . DC  A 1 1  ? -5.741  -8.020  13.311  1.00 0.22 ? 1  DC  A C6     2 
ATOM   713  H "H5'"  . DC  A 1 1  ? -7.133  -6.506  17.090  1.00 0.51 ? 1  DC  A "H5'"  2 
ATOM   714  H "H5''" . DC  A 1 1  ? -6.022  -5.163  17.433  1.00 0.45 ? 1  DC  A "H5''" 2 
ATOM   715  H "H4'"  . DC  A 1 1  ? -5.010  -7.345  17.974  1.00 0.37 ? 1  DC  A "H4'"  2 
ATOM   716  H "H3'"  . DC  A 1 1  ? -3.649  -5.364  16.603  1.00 0.36 ? 1  DC  A "H3'"  2 
ATOM   717  H "H2'"  . DC  A 1 1  ? -4.316  -6.264  14.537  1.00 0.29 ? 1  DC  A "H2'"  2 
ATOM   718  H "H2''" . DC  A 1 1  ? -2.591  -6.742  14.730  1.00 0.29 ? 1  DC  A "H2''" 2 
ATOM   719  H "H1'"  . DC  A 1 1  ? -3.390  -8.971  15.556  1.00 0.36 ? 1  DC  A "H1'"  2 
ATOM   720  H H41    . DC  A 1 1  ? -5.682  -10.628 9.683   1.00 0.35 ? 1  DC  A H41    2 
ATOM   721  H H42    . DC  A 1 1  ? -6.865  -9.324  9.692   1.00 0.38 ? 1  DC  A H42    2 
ATOM   722  H H5     . DC  A 1 1  ? -7.109  -7.813  11.711  1.00 0.33 ? 1  DC  A H5     2 
ATOM   723  H H6     . DC  A 1 1  ? -6.201  -7.206  13.870  1.00 0.32 ? 1  DC  A H6     2 
ATOM   724  H "HO5'" . DC  A 1 1  ? -7.043  -4.868  15.466  1.00 0.96 ? 1  DC  A "HO5'" 2 
ATOM   725  P P      . DG  A 1 2  ? -1.151  -6.336  17.316  1.00 0.32 ? 2  DG  A P      2 
ATOM   726  O OP1    . DG  A 1 2  ? -0.454  -6.727  18.563  1.00 0.44 ? 2  DG  A OP1    2 
ATOM   727  O OP2    . DG  A 1 2  ? -1.286  -4.899  16.976  1.00 0.45 ? 2  DG  A OP2    2 
ATOM   728  O "O5'"  . DG  A 1 2  ? -0.453  -7.084  16.065  1.00 0.31 ? 2  DG  A "O5'"  2 
ATOM   729  C "C5'"  . DG  A 1 2  ? 0.277   -8.307  16.243  1.00 0.35 ? 2  DG  A "C5'"  2 
ATOM   730  C "C4'"  . DG  A 1 2  ? 0.939   -8.823  14.963  1.00 0.32 ? 2  DG  A "C4'"  2 
ATOM   731  O "O4'"  . DG  A 1 2  ? 0.029   -9.318  13.959  1.00 0.36 ? 2  DG  A "O4'"  2 
ATOM   732  C "C3'"  . DG  A 1 2  ? 1.848   -7.801  14.258  1.00 0.30 ? 2  DG  A "C3'"  2 
ATOM   733  O "O3'"  . DG  A 1 2  ? 3.142   -8.386  14.058  1.00 0.33 ? 2  DG  A "O3'"  2 
ATOM   734  C "C2'"  . DG  A 1 2  ? 1.055   -7.525  12.991  1.00 0.27 ? 2  DG  A "C2'"  2 
ATOM   735  C "C1'"  . DG  A 1 2  ? 0.541   -8.916  12.681  1.00 0.30 ? 2  DG  A "C1'"  2 
ATOM   736  N N9     . DG  A 1 2  ? -0.571  -8.870  11.717  1.00 0.24 ? 2  DG  A N9     2 
ATOM   737  C C8     . DG  A 1 2  ? -1.671  -8.067  11.718  1.00 0.22 ? 2  DG  A C8     2 
ATOM   738  N N7     . DG  A 1 2  ? -2.529  -8.261  10.763  1.00 0.20 ? 2  DG  A N7     2 
ATOM   739  C C5     . DG  A 1 2  ? -1.934  -9.300  10.048  1.00 0.20 ? 2  DG  A C5     2 
ATOM   740  C C6     . DG  A 1 2  ? -2.381  -9.967  8.884   1.00 0.20 ? 2  DG  A C6     2 
ATOM   741  O O6     . DG  A 1 2  ? -3.414  -9.801  8.241   1.00 0.21 ? 2  DG  A O6     2 
ATOM   742  N N1     . DG  A 1 2  ? -1.489  -10.941 8.491   1.00 0.21 ? 2  DG  A N1     2 
ATOM   743  C C2     . DG  A 1 2  ? -0.310  -11.256 9.122   1.00 0.25 ? 2  DG  A C2     2 
ATOM   744  N N2     . DG  A 1 2  ? 0.464   -12.296 8.531   1.00 0.26 ? 2  DG  A N2     2 
ATOM   745  N N3     . DG  A 1 2  ? 0.119   -10.636 10.219  1.00 0.24 ? 2  DG  A N3     2 
ATOM   746  C C4     . DG  A 1 2  ? -0.740  -9.673  10.623  1.00 0.22 ? 2  DG  A C4     2 
ATOM   747  H "H5'"  . DG  A 1 2  ? -0.388  -9.081  16.627  1.00 0.40 ? 2  DG  A "H5'"  2 
ATOM   748  H "H5''" . DG  A 1 2  ? 1.062   -8.126  16.977  1.00 0.38 ? 2  DG  A "H5''" 2 
ATOM   749  H "H4'"  . DG  A 1 2  ? 1.584   -9.655  15.243  1.00 0.42 ? 2  DG  A "H4'"  2 
ATOM   750  H "H3'"  . DG  A 1 2  ? 1.996   -6.888  14.835  1.00 0.30 ? 2  DG  A "H3'"  2 
ATOM   751  H "H2'"  . DG  A 1 2  ? 0.161   -6.940  13.207  1.00 0.31 ? 2  DG  A "H2'"  2 
ATOM   752  H "H2''" . DG  A 1 2  ? 1.613   -7.058  12.180  1.00 0.28 ? 2  DG  A "H2''" 2 
ATOM   753  H "H1'"  . DG  A 1 2  ? 1.328   -9.605  12.374  1.00 0.34 ? 2  DG  A "H1'"  2 
ATOM   754  H H8     . DG  A 1 2  ? -1.794  -7.294  12.477  1.00 0.23 ? 2  DG  A H8     2 
ATOM   755  H H1     . DG  A 1 2  ? -1.770  -11.445 7.662   1.00 0.22 ? 2  DG  A H1     2 
ATOM   756  H H21    . DG  A 1 2  ? 0.136   -12.707 7.669   1.00 0.29 ? 2  DG  A H21    2 
ATOM   757  H H22    . DG  A 1 2  ? 1.319   -12.603 8.973   1.00 0.33 ? 2  DG  A H22    2 
ATOM   758  P P      . DT  A 1 3  ? 4.380   -7.610  13.375  1.00 0.32 ? 3  DT  A P      2 
ATOM   759  O OP1    . DT  A 1 3  ? 5.622   -8.020  14.070  1.00 0.38 ? 3  DT  A OP1    2 
ATOM   760  O OP2    . DT  A 1 3  ? 4.046   -6.173  13.250  1.00 0.35 ? 3  DT  A OP2    2 
ATOM   761  O "O5'"  . DT  A 1 3  ? 4.375   -8.251  11.899  1.00 0.31 ? 3  DT  A "O5'"  2 
ATOM   762  C "C5'"  . DT  A 1 3  ? 4.780   -9.612  11.683  1.00 0.32 ? 3  DT  A "C5'"  2 
ATOM   763  C "C4'"  . DT  A 1 3  ? 4.647   -10.014 10.218  1.00 0.30 ? 3  DT  A "C4'"  2 
ATOM   764  O "O4'"  . DT  A 1 3  ? 3.290   -9.973  9.737   1.00 0.27 ? 3  DT  A "O4'"  2 
ATOM   765  C "C3'"  . DT  A 1 3  ? 5.486   -9.147  9.269   1.00 0.29 ? 3  DT  A "C3'"  2 
ATOM   766  O "O3'"  . DT  A 1 3  ? 6.275   -9.960  8.386   1.00 0.31 ? 3  DT  A "O3'"  2 
ATOM   767  C "C2'"  . DT  A 1 3  ? 4.422   -8.294  8.624   1.00 0.26 ? 3  DT  A "C2'"  2 
ATOM   768  C "C1'"  . DT  A 1 3  ? 3.303   -9.304  8.471   1.00 0.25 ? 3  DT  A "C1'"  2 
ATOM   769  N N1     . DT  A 1 3  ? 1.974   -8.692  8.201   1.00 0.19 ? 3  DT  A N1     2 
ATOM   770  C C2     . DT  A 1 3  ? 1.252   -9.209  7.132   1.00 0.15 ? 3  DT  A C2     2 
ATOM   771  O O2     . DT  A 1 3  ? 1.653   -10.119 6.411   1.00 0.20 ? 3  DT  A O2     2 
ATOM   772  N N3     . DT  A 1 3  ? 0.023   -8.638  6.899   1.00 0.16 ? 3  DT  A N3     2 
ATOM   773  C C4     . DT  A 1 3  ? -0.552  -7.613  7.618   1.00 0.15 ? 3  DT  A C4     2 
ATOM   774  O O4     . DT  A 1 3  ? -1.667  -7.208  7.300   1.00 0.21 ? 3  DT  A O4     2 
ATOM   775  C C5     . DT  A 1 3  ? 0.258   -7.125  8.713   1.00 0.17 ? 3  DT  A C5     2 
ATOM   776  C C7     . DT  A 1 3  ? -0.251  -5.976  9.587   1.00 0.24 ? 3  DT  A C7     2 
ATOM   777  C C6     . DT  A 1 3  ? 1.466   -7.662  8.973   1.00 0.22 ? 3  DT  A C6     2 
ATOM   778  H "H5'"  . DT  A 1 3  ? 4.153   -10.275 12.279  1.00 0.34 ? 3  DT  A "H5'"  2 
ATOM   779  H "H5''" . DT  A 1 3  ? 5.818   -9.732  11.993  1.00 0.37 ? 3  DT  A "H5''" 2 
ATOM   780  H "H4'"  . DT  A 1 3  ? 5.004   -11.037 10.112  1.00 0.39 ? 3  DT  A "H4'"  2 
ATOM   781  H "H3'"  . DT  A 1 3  ? 6.162   -8.504  9.833   1.00 0.31 ? 3  DT  A "H3'"  2 
ATOM   782  H "H2'"  . DT  A 1 3  ? 4.103   -7.548  9.353   1.00 0.25 ? 3  DT  A "H2'"  2 
ATOM   783  H "H2''" . DT  A 1 3  ? 4.720   -7.819  7.689   1.00 0.30 ? 3  DT  A "H2''" 2 
ATOM   784  H "H1'"  . DT  A 1 3  ? 3.595   -10.004 7.688   1.00 0.31 ? 3  DT  A "H1'"  2 
ATOM   785  H H3     . DT  A 1 3  ? -0.500  -9.018  6.124   1.00 0.20 ? 3  DT  A H3     2 
ATOM   786  H H71    . DT  A 1 3  ? -1.271  -5.710  9.304   1.00 0.47 ? 3  DT  A H71    2 
ATOM   787  H H72    . DT  A 1 3  ? -0.231  -6.265  10.637  1.00 0.45 ? 3  DT  A H72    2 
ATOM   788  H H73    . DT  A 1 3  ? 0.392   -5.107  9.452   1.00 0.52 ? 3  DT  A H73    2 
ATOM   789  H H6     . DT  A 1 3  ? 2.011   -7.248  9.821   1.00 0.28 ? 3  DT  A H6     2 
ATOM   790  P P      . DA  A 1 4  ? 7.311   -9.343  7.306   1.00 0.31 ? 4  DA  A P      2 
ATOM   791  O OP1    . DA  A 1 4  ? 8.492   -10.237 7.248   1.00 0.38 ? 4  DA  A OP1    2 
ATOM   792  O OP2    . DA  A 1 4  ? 7.499   -7.903  7.590   1.00 0.38 ? 4  DA  A OP2    2 
ATOM   793  O "O5'"  . DA  A 1 4  ? 6.499   -9.472  5.917   1.00 0.22 ? 4  DA  A "O5'"  2 
ATOM   794  C "C5'"  . DA  A 1 4  ? 6.409   -10.718 5.208   1.00 0.18 ? 4  DA  A "C5'"  2 
ATOM   795  C "C4'"  . DA  A 1 4  ? 5.721   -10.571 3.848   1.00 0.17 ? 4  DA  A "C4'"  2 
ATOM   796  O "O4'"  . DA  A 1 4  ? 4.337   -10.178 3.919   1.00 0.18 ? 4  DA  A "O4'"  2 
ATOM   797  C "C3'"  . DA  A 1 4  ? 6.426   -9.598  2.896   1.00 0.17 ? 4  DA  A "C3'"  2 
ATOM   798  O "O3'"  . DA  A 1 4  ? 6.618   -10.201 1.608   1.00 0.27 ? 4  DA  A "O3'"  2 
ATOM   799  C "C2'"  . DA  A 1 4  ? 5.478   -8.403  2.947   1.00 0.16 ? 4  DA  A "C2'"  2 
ATOM   800  C "C1'"  . DA  A 1 4  ? 4.119   -9.083  3.016   1.00 0.14 ? 4  DA  A "C1'"  2 
ATOM   801  N N9     . DA  A 1 4  ? 3.108   -8.202  3.643   1.00 0.12 ? 4  DA  A N9     2 
ATOM   802  C C8     . DA  A 1 4  ? 3.244   -7.384  4.726   1.00 0.15 ? 4  DA  A C8     2 
ATOM   803  N N7     . DA  A 1 4  ? 2.187   -6.727  5.091   1.00 0.18 ? 4  DA  A N7     2 
ATOM   804  C C5     . DA  A 1 4  ? 1.247   -7.151  4.155   1.00 0.20 ? 4  DA  A C5     2 
ATOM   805  C C6     . DA  A 1 4  ? -0.099  -6.833  3.971   1.00 0.28 ? 4  DA  A C6     2 
ATOM   806  N N6     . DA  A 1 4  ? -0.785  -5.917  4.824   1.00 0.31 ? 4  DA  A N6     2 
ATOM   807  N N1     . DA  A 1 4  ? -0.746  -7.421  2.955   1.00 0.37 ? 4  DA  A N1     2 
ATOM   808  C C2     . DA  A 1 4  ? -0.098  -8.272  2.168   1.00 0.37 ? 4  DA  A C2     2 
ATOM   809  N N3     . DA  A 1 4  ? 1.169   -8.652  2.240   1.00 0.28 ? 4  DA  A N3     2 
ATOM   810  C C4     . DA  A 1 4  ? 1.795   -8.044  3.271   1.00 0.20 ? 4  DA  A C4     2 
ATOM   811  H "H5'"  . DA  A 1 4  ? 5.840   -11.430 5.809   1.00 0.30 ? 4  DA  A "H5'"  2 
ATOM   812  H "H5''" . DA  A 1 4  ? 7.413   -11.112 5.050   1.00 0.25 ? 4  DA  A "H5''" 2 
ATOM   813  H "H4'"  . DA  A 1 4  ? 5.750   -11.550 3.366   1.00 0.26 ? 4  DA  A "H4'"  2 
ATOM   814  H "H3'"  . DA  A 1 4  ? 7.420   -9.386  3.287   1.00 0.24 ? 4  DA  A "H3'"  2 
ATOM   815  H "H2'"  . DA  A 1 4  ? 5.617   -7.875  3.890   1.00 0.18 ? 4  DA  A "H2'"  2 
ATOM   816  H "H2''" . DA  A 1 4  ? 5.514   -7.714  2.102   1.00 0.26 ? 4  DA  A "H2''" 2 
ATOM   817  H "H1'"  . DA  A 1 4  ? 3.803   -9.414  2.025   1.00 0.19 ? 4  DA  A "H1'"  2 
ATOM   818  H H8     . DA  A 1 4  ? 4.196   -7.284  5.247   1.00 0.21 ? 4  DA  A H8     2 
ATOM   819  H H61    . DA  A 1 4  ? -1.768  -5.732  4.677   1.00 0.44 ? 4  DA  A H61    2 
ATOM   820  H H62    . DA  A 1 4  ? -0.281  -5.458  5.568   1.00 0.31 ? 4  DA  A H62    2 
ATOM   821  H H2     . DA  A 1 4  ? -0.683  -8.713  1.360   1.00 0.45 ? 4  DA  A H2     2 
ATOM   822  P P      . DC  A 1 5  ? 7.165   -9.392  0.320   1.00 0.42 ? 5  DC  A P      2 
ATOM   823  O OP1    . DC  A 1 5  ? 7.823   -10.365 -0.583  1.00 0.60 ? 5  DC  A OP1    2 
ATOM   824  O OP2    . DC  A 1 5  ? 7.913   -8.200  0.779   1.00 0.58 ? 5  DC  A OP2    2 
ATOM   825  O "O5'"  . DC  A 1 5  ? 5.797   -8.888  -0.371  1.00 0.34 ? 5  DC  A "O5'"  2 
ATOM   826  C "C5'"  . DC  A 1 5  ? 4.929   -9.806  -1.053  1.00 0.26 ? 5  DC  A "C5'"  2 
ATOM   827  C "C4'"  . DC  A 1 5  ? 3.719   -9.121  -1.693  1.00 0.19 ? 5  DC  A "C4'"  2 
ATOM   828  O "O4'"  . DC  A 1 5  ? 2.863   -8.489  -0.721  1.00 0.27 ? 5  DC  A "O4'"  2 
ATOM   829  C "C3'"  . DC  A 1 5  ? 4.086   -8.047  -2.730  1.00 0.15 ? 5  DC  A "C3'"  2 
ATOM   830  O "O3'"  . DC  A 1 5  ? 3.249   -8.130  -3.895  1.00 0.17 ? 5  DC  A "O3'"  2 
ATOM   831  C "C2'"  . DC  A 1 5  ? 3.899   -6.783  -1.917  1.00 0.18 ? 5  DC  A "C2'"  2 
ATOM   832  C "C1'"  . DC  A 1 5  ? 2.637   -7.141  -1.148  1.00 0.23 ? 5  DC  A "C1'"  2 
ATOM   833  N N1     . DC  A 1 5  ? 2.346   -6.280  0.038   1.00 0.21 ? 5  DC  A N1     2 
ATOM   834  C C2     . DC  A 1 5  ? 1.020   -5.914  0.264   1.00 0.31 ? 5  DC  A C2     2 
ATOM   835  O O2     . DC  A 1 5  ? 0.122   -6.279  -0.487  1.00 0.41 ? 5  DC  A O2     2 
ATOM   836  N N3     . DC  A 1 5  ? 0.721   -5.142  1.341   1.00 0.31 ? 5  DC  A N3     2 
ATOM   837  C C4     . DC  A 1 5  ? 1.693   -4.737  2.174   1.00 0.23 ? 5  DC  A C4     2 
ATOM   838  N N4     . DC  A 1 5  ? 1.367   -3.925  3.302   1.00 0.25 ? 5  DC  A N4     2 
ATOM   839  C C5     . DC  A 1 5  ? 3.057   -5.098  1.963   1.00 0.19 ? 5  DC  A C5     2 
ATOM   840  C C6     . DC  A 1 5  ? 3.339   -5.863  0.891   1.00 0.17 ? 5  DC  A C6     2 
ATOM   841  H "H5'"  . DC  A 1 5  ? 4.567   -10.547 -0.341  1.00 0.32 ? 5  DC  A "H5'"  2 
ATOM   842  H "H5''" . DC  A 1 5  ? 5.495   -10.313 -1.834  1.00 0.31 ? 5  DC  A "H5''" 2 
ATOM   843  H "H4'"  . DC  A 1 5  ? 3.134   -9.881  -2.212  1.00 0.19 ? 5  DC  A "H4'"  2 
ATOM   844  H "H3'"  . DC  A 1 5  ? 5.117   -8.176  -3.058  1.00 0.20 ? 5  DC  A "H3'"  2 
ATOM   845  H "H2'"  . DC  A 1 5  ? 4.736   -6.706  -1.223  1.00 0.21 ? 5  DC  A "H2'"  2 
ATOM   846  H "H2''" . DC  A 1 5  ? 3.716   -5.892  -2.518  1.00 0.25 ? 5  DC  A "H2''" 2 
ATOM   847  H "H1'"  . DC  A 1 5  ? 1.827   -7.116  -1.876  1.00 0.29 ? 5  DC  A "H1'"  2 
ATOM   848  H H41    . DC  A 1 5  ? 0.401   -3.674  3.453   1.00 0.28 ? 5  DC  A H41    2 
ATOM   849  H H42    . DC  A 1 5  ? 2.095   -3.617  3.932   1.00 0.30 ? 5  DC  A H42    2 
ATOM   850  H H5     . DC  A 1 5  ? 3.844   -4.772  2.642   1.00 0.24 ? 5  DC  A H5     2 
ATOM   851  H H6     . DC  A 1 5  ? 4.387   -6.125  0.748   1.00 0.19 ? 5  DC  A H6     2 
HETATM 852  P P      . EDC A 1 6  ? 3.445   -7.178  -5.191  1.00 0.24 ? 6  EDC A P      2 
HETATM 853  N N1     . EDC A 1 6  ? -0.106  -3.279  -3.025  1.00 0.20 ? 6  EDC A N1     2 
HETATM 854  C C2     . EDC A 1 6  ? -1.113  -2.820  -2.168  1.00 0.22 ? 6  EDC A C2     2 
HETATM 855  O O2     . EDC A 1 6  ? -2.294  -2.932  -2.495  1.00 0.27 ? 6  EDC A O2     2 
HETATM 856  N N3     . EDC A 1 6  ? -0.658  -2.263  -0.985  1.00 0.22 ? 6  EDC A N3     2 
HETATM 857  C C4     . EDC A 1 6  ? 0.632   -2.154  -0.653  1.00 0.25 ? 6  EDC A C4     2 
HETATM 858  N N4     . EDC A 1 6  ? 0.805   -1.578  0.551   1.00 0.29 ? 6  EDC A N4     2 
HETATM 859  C C5     . EDC A 1 6  ? 1.646   -2.621  -1.531  1.00 0.26 ? 6  EDC A C5     2 
HETATM 860  C C6     . EDC A 1 6  ? 1.234   -3.170  -2.693  1.00 0.23 ? 6  EDC A C6     2 
HETATM 861  C C7     . EDC A 1 6  ? -0.528  -1.329  0.951   1.00 0.26 ? 6  EDC A C7     2 
HETATM 862  C C8     . EDC A 1 6  ? -1.387  -1.752  0.003   1.00 0.23 ? 6  EDC A C8     2 
HETATM 863  C "C1'"  . EDC A 1 6  ? -0.540  -3.898  -4.311  1.00 0.22 ? 6  EDC A "C1'"  2 
HETATM 864  C "C2'"  . EDC A 1 6  ? 0.322   -3.615  -5.525  1.00 0.23 ? 6  EDC A "C2'"  2 
HETATM 865  C "C3'"  . EDC A 1 6  ? -0.171  -4.697  -6.476  1.00 0.21 ? 6  EDC A "C3'"  2 
HETATM 866  O "O3'"  . EDC A 1 6  ? -1.433  -4.423  -7.106  1.00 0.15 ? 6  EDC A "O3'"  2 
HETATM 867  C "C4'"  . EDC A 1 6  ? -0.318  -5.882  -5.509  1.00 0.26 ? 6  EDC A "C4'"  2 
HETATM 868  O "O4'"  . EDC A 1 6  ? -0.528  -5.327  -4.195  1.00 0.26 ? 6  EDC A "O4'"  2 
HETATM 869  C "C5'"  . EDC A 1 6  ? 0.838   -6.879  -5.544  1.00 0.35 ? 6  EDC A "C5'"  2 
HETATM 870  O "O5'"  . EDC A 1 6  ? 2.098   -6.293  -5.183  1.00 0.38 ? 6  EDC A "O5'"  2 
HETATM 871  O OP1    . EDC A 1 6  ? 3.439   -8.039  -6.397  1.00 0.32 ? 6  EDC A OP1    2 
HETATM 872  O OP2    . EDC A 1 6  ? 4.586   -6.264  -4.954  1.00 0.32 ? 6  EDC A OP2    2 
HETATM 873  H H5     . EDC A 1 6  ? 2.706   -2.540  -1.291  1.00 0.34 ? 6  EDC A H5     2 
HETATM 874  H H6     . EDC A 1 6  ? 2.023   -3.526  -3.355  1.00 0.29 ? 6  EDC A H6     2 
HETATM 875  H H7     . EDC A 1 6  ? -0.813  -0.872  1.899   1.00 0.28 ? 6  EDC A H7     2 
HETATM 876  H H8     . EDC A 1 6  ? -2.475  -1.694  0.018   1.00 0.25 ? 6  EDC A H8     2 
HETATM 877  H "H1'"  . EDC A 1 6  ? -1.528  -3.523  -4.583  1.00 0.29 ? 6  EDC A "H1'"  2 
HETATM 878  H "H2'"  . EDC A 1 6  ? 1.362   -3.824  -5.270  1.00 0.26 ? 6  EDC A "H2'"  2 
HETATM 879  H "H2''" . EDC A 1 6  ? 0.137   -2.591  -5.847  1.00 0.27 ? 6  EDC A "H2''" 2 
HETATM 880  H "H3'"  . EDC A 1 6  ? 0.540   -4.940  -7.264  1.00 0.28 ? 6  EDC A "H3'"  2 
HETATM 881  H "H4'"  . EDC A 1 6  ? -1.225  -6.414  -5.794  1.00 0.31 ? 6  EDC A "H4'"  2 
HETATM 882  H "H5'"  . EDC A 1 6  ? 0.613   -7.684  -4.845  1.00 0.41 ? 6  EDC A "H5'"  2 
HETATM 883  H "H5''" . EDC A 1 6  ? 0.911   -7.295  -6.549  1.00 0.39 ? 6  EDC A "H5''" 2 
ATOM   884  P P      . DC  A 1 7  ? -1.627  -3.419  -8.361  1.00 0.24 ? 7  DC  A P      2 
ATOM   885  O OP1    . DC  A 1 7  ? -2.417  -4.123  -9.395  1.00 0.34 ? 7  DC  A OP1    2 
ATOM   886  O OP2    . DC  A 1 7  ? -0.311  -2.837  -8.716  1.00 0.34 ? 7  DC  A OP2    2 
ATOM   887  O "O5'"  . DC  A 1 7  ? -2.527  -2.235  -7.746  1.00 0.35 ? 7  DC  A "O5'"  2 
ATOM   888  C "C5'"  . DC  A 1 7  ? -3.825  -2.487  -7.183  1.00 0.38 ? 7  DC  A "C5'"  2 
ATOM   889  C "C4'"  . DC  A 1 7  ? -4.535  -1.192  -6.791  1.00 0.36 ? 7  DC  A "C4'"  2 
ATOM   890  O "O4'"  . DC  A 1 7  ? -3.740  -0.400  -5.887  1.00 0.31 ? 7  DC  A "O4'"  2 
ATOM   891  C "C3'"  . DC  A 1 7  ? -4.915  -0.283  -7.966  1.00 0.39 ? 7  DC  A "C3'"  2 
ATOM   892  O "O3'"  . DC  A 1 7  ? -6.208  0.308   -7.756  1.00 0.38 ? 7  DC  A "O3'"  2 
ATOM   893  C "C2'"  . DC  A 1 7  ? -3.730  0.675   -7.988  1.00 0.32 ? 7  DC  A "C2'"  2 
ATOM   894  C "C1'"  . DC  A 1 7  ? -3.504  0.883   -6.489  1.00 0.25 ? 7  DC  A "C1'"  2 
ATOM   895  N N1     . DC  A 1 7  ? -2.118  1.318   -6.134  1.00 0.18 ? 7  DC  A N1     2 
ATOM   896  C C2     . DC  A 1 7  ? -1.984  2.295   -5.153  1.00 0.14 ? 7  DC  A C2     2 
ATOM   897  O O2     . DC  A 1 7  ? -2.958  2.792   -4.598  1.00 0.15 ? 7  DC  A O2     2 
ATOM   898  N N3     . DC  A 1 7  ? -0.737  2.700   -4.805  1.00 0.18 ? 7  DC  A N3     2 
ATOM   899  C C4     . DC  A 1 7  ? 0.348   2.180   -5.387  1.00 0.21 ? 7  DC  A C4     2 
ATOM   900  N N4     . DC  A 1 7  ? 1.642   2.636   -4.985  1.00 0.29 ? 7  DC  A N4     2 
ATOM   901  C C5     . DC  A 1 7  ? 0.237   1.178   -6.396  1.00 0.20 ? 7  DC  A C5     2 
ATOM   902  C C6     . DC  A 1 7  ? -1.005  0.778   -6.737  1.00 0.20 ? 7  DC  A C6     2 
ATOM   903  H "H5'"  . DC  A 1 7  ? -3.689  -3.084  -6.281  1.00 0.45 ? 7  DC  A "H5'"  2 
ATOM   904  H "H5''" . DC  A 1 7  ? -4.444  -3.043  -7.885  1.00 0.52 ? 7  DC  A "H5''" 2 
ATOM   905  H "H4'"  . DC  A 1 7  ? -5.456  -1.463  -6.275  1.00 0.41 ? 7  DC  A "H4'"  2 
ATOM   906  H "H3'"  . DC  A 1 7  ? -5.012  -0.895  -8.863  1.00 0.43 ? 7  DC  A "H3'"  2 
ATOM   907  H "H2'"  . DC  A 1 7  ? -2.887  0.122   -8.404  1.00 0.36 ? 7  DC  A "H2'"  2 
ATOM   908  H "H2''" . DC  A 1 7  ? -3.883  1.628   -8.493  1.00 0.34 ? 7  DC  A "H2''" 2 
ATOM   909  H "H1'"  . DC  A 1 7  ? -4.246  1.594   -6.125  1.00 0.26 ? 7  DC  A "H1'"  2 
ATOM   910  H H41    . DC  A 1 7  ? 1.708   3.326   -4.250  1.00 0.29 ? 7  DC  A H41    2 
ATOM   911  H H42    . DC  A 1 7  ? 2.467   2.267   -5.435  1.00 0.37 ? 7  DC  A H42    2 
ATOM   912  H H5     . DC  A 1 7  ? 1.124   0.758   -6.868  1.00 0.26 ? 7  DC  A H5     2 
ATOM   913  H H6     . DC  A 1 7  ? -1.078  0.008   -7.506  1.00 0.29 ? 7  DC  A H6     2 
ATOM   914  P P      . DA  A 1 8  ? -6.846  1.414   -8.747  1.00 0.33 ? 8  DA  A P      2 
ATOM   915  O OP1    . DA  A 1 8  ? -8.313  1.215   -8.768  1.00 0.36 ? 8  DA  A OP1    2 
ATOM   916  O OP2    . DA  A 1 8  ? -6.092  1.412   -10.022 1.00 0.39 ? 8  DA  A OP2    2 
ATOM   917  O "O5'"  . DA  A 1 8  ? -6.523  2.795   -7.978  1.00 0.32 ? 8  DA  A "O5'"  2 
ATOM   918  C "C5'"  . DA  A 1 8  ? -7.284  3.182   -6.824  1.00 0.30 ? 8  DA  A "C5'"  2 
ATOM   919  C "C4'"  . DA  A 1 8  ? -6.885  4.546   -6.261  1.00 0.22 ? 8  DA  A "C4'"  2 
ATOM   920  O "O4'"  . DA  A 1 8  ? -5.542  4.587   -5.738  1.00 0.21 ? 8  DA  A "O4'"  2 
ATOM   921  C "C3'"  . DA  A 1 8  ? -7.019  5.707   -7.256  1.00 0.16 ? 8  DA  A "C3'"  2 
ATOM   922  O "O3'"  . DA  A 1 8  ? -7.839  6.732   -6.675  1.00 0.13 ? 8  DA  A "O3'"  2 
ATOM   923  C "C2'"  . DA  A 1 8  ? -5.559  6.066   -7.512  1.00 0.14 ? 8  DA  A "C2'"  2 
ATOM   924  C "C1'"  . DA  A 1 8  ? -4.945  5.829   -6.137  1.00 0.15 ? 8  DA  A "C1'"  2 
ATOM   925  N N9     . DA  A 1 8  ? -3.475  5.643   -6.175  1.00 0.12 ? 8  DA  A N9     2 
ATOM   926  C C8     . DA  A 1 8  ? -2.711  4.919   -7.049  1.00 0.13 ? 8  DA  A C8     2 
ATOM   927  N N7     . DA  A 1 8  ? -1.432  4.921   -6.833  1.00 0.11 ? 8  DA  A N7     2 
ATOM   928  C C5     . DA  A 1 8  ? -1.327  5.724   -5.699  1.00 0.11 ? 8  DA  A C5     2 
ATOM   929  C C6     . DA  A 1 8  ? -0.227  6.137   -4.943  1.00 0.18 ? 8  DA  A C6     2 
ATOM   930  N N6     . DA  A 1 8  ? 1.107   5.740   -5.260  1.00 0.19 ? 8  DA  A N6     2 
ATOM   931  N N1     . DA  A 1 8  ? -0.459  6.928   -3.883  1.00 0.24 ? 8  DA  A N1     2 
ATOM   932  C C2     . DA  A 1 8  ? -1.704  7.287   -3.595  1.00 0.24 ? 8  DA  A C2     2 
ATOM   933  N N3     . DA  A 1 8  ? -2.821  6.963   -4.232  1.00 0.19 ? 8  DA  A N3     2 
ATOM   934  C C4     . DA  A 1 8  ? -2.559  6.168   -5.292  1.00 0.12 ? 8  DA  A C4     2 
ATOM   935  H "H5'"  . DA  A 1 8  ? -7.147  2.436   -6.042  1.00 0.37 ? 8  DA  A "H5'"  2 
ATOM   936  H "H5''" . DA  A 1 8  ? -8.340  3.216   -7.095  1.00 0.34 ? 8  DA  A "H5''" 2 
ATOM   937  H "H4'"  . DA  A 1 8  ? -7.561  4.773   -5.436  1.00 0.25 ? 8  DA  A "H4'"  2 
ATOM   938  H "H3'"  . DA  A 1 8  ? -7.522  5.362   -8.159  1.00 0.23 ? 8  DA  A "H3'"  2 
ATOM   939  H "H2'"  . DA  A 1 8  ? -5.131  5.316   -8.177  1.00 0.20 ? 8  DA  A "H2'"  2 
ATOM   940  H "H2''" . DA  A 1 8  ? -5.371  7.076   -7.880  1.00 0.20 ? 8  DA  A "H2''" 2 
ATOM   941  H "H1'"  . DA  A 1 8  ? -5.222  6.643   -5.468  1.00 0.22 ? 8  DA  A "H1'"  2 
ATOM   942  H H8     . DA  A 1 8  ? -3.134  4.365   -7.888  1.00 0.20 ? 8  DA  A H8     2 
ATOM   943  H H61    . DA  A 1 8  ? 1.866   6.027   -4.658  1.00 0.25 ? 8  DA  A H61    2 
ATOM   944  H H62    . DA  A 1 8  ? 1.277   5.178   -6.082  1.00 0.21 ? 8  DA  A H62    2 
ATOM   945  H H2     . DA  A 1 8  ? -1.827  7.930   -2.724  1.00 0.33 ? 8  DA  A H2     2 
ATOM   946  P P      . DT  A 1 9  ? -8.087  8.191   -7.322  1.00 0.13 ? 9  DT  A P      2 
ATOM   947  O OP1    . DT  A 1 9  ? -9.495  8.576   -7.074  1.00 0.21 ? 9  DT  A OP1    2 
ATOM   948  O OP2    . DT  A 1 9  ? -7.553  8.207   -8.705  1.00 0.23 ? 9  DT  A OP2    2 
ATOM   949  O "O5'"  . DT  A 1 9  ? -7.131  9.102   -6.408  1.00 0.20 ? 9  DT  A "O5'"  2 
ATOM   950  C "C5'"  . DT  A 1 9  ? -7.407  9.269   -5.008  1.00 0.21 ? 9  DT  A "C5'"  2 
ATOM   951  C "C4'"  . DT  A 1 9  ? -6.343  10.114  -4.319  1.00 0.17 ? 9  DT  A "C4'"  2 
ATOM   952  O "O4'"  . DT  A 1 9  ? -5.029  9.528   -4.393  1.00 0.19 ? 9  DT  A "O4'"  2 
ATOM   953  C "C3'"  . DT  A 1 9  ? -6.232  11.542  -4.868  1.00 0.16 ? 9  DT  A "C3'"  2 
ATOM   954  O "O3'"  . DT  A 1 9  ? -6.252  12.516  -3.815  1.00 0.15 ? 9  DT  A "O3'"  2 
ATOM   955  C "C2'"  . DT  A 1 9  ? -4.953  11.464  -5.671  1.00 0.13 ? 9  DT  A "C2'"  2 
ATOM   956  C "C1'"  . DT  A 1 9  ? -4.116  10.561  -4.781  1.00 0.14 ? 9  DT  A "C1'"  2 
ATOM   957  N N1     . DT  A 1 9  ? -2.972  9.975   -5.521  1.00 0.13 ? 9  DT  A N1     2 
ATOM   958  C C2     . DT  A 1 9  ? -1.699  10.145  -5.004  1.00 0.17 ? 9  DT  A C2     2 
ATOM   959  O O2     . DT  A 1 9  ? -1.457  10.754  -3.964  1.00 0.23 ? 9  DT  A O2     2 
ATOM   960  N N3     . DT  A 1 9  ? -0.681  9.579   -5.733  1.00 0.18 ? 9  DT  A N3     2 
ATOM   961  C C4     . DT  A 1 9  ? -0.806  8.872   -6.909  1.00 0.16 ? 9  DT  A C4     2 
ATOM   962  O O4     . DT  A 1 9  ? 0.197   8.416   -7.453  1.00 0.21 ? 9  DT  A O4     2 
ATOM   963  C C5     . DT  A 1 9  ? -2.163  8.740   -7.381  1.00 0.15 ? 9  DT  A C5     2 
ATOM   964  C C7     . DT  A 1 9  ? -2.449  7.985   -8.682  1.00 0.19 ? 9  DT  A C7     2 
ATOM   965  C C6     . DT  A 1 9  ? -3.182  9.281   -6.687  1.00 0.13 ? 9  DT  A C6     2 
ATOM   966  H "H5'"  . DT  A 1 9  ? -7.425  8.289   -4.533  1.00 0.25 ? 9  DT  A "H5'"  2 
ATOM   967  H "H5''" . DT  A 1 9  ? -8.379  9.744   -4.883  1.00 0.24 ? 9  DT  A "H5''" 2 
ATOM   968  H "H4'"  . DT  A 1 9  ? -6.608  10.200  -3.265  1.00 0.23 ? 9  DT  A "H4'"  2 
ATOM   969  H "H3'"  . DT  A 1 9  ? -7.083  11.753  -5.516  1.00 0.22 ? 9  DT  A "H3'"  2 
ATOM   970  H "H2'"  . DT  A 1 9  ? -5.157  10.905  -6.584  1.00 0.16 ? 9  DT  A "H2'"  2 
ATOM   971  H "H2''" . DT  A 1 9  ? -4.475  12.418  -5.890  1.00 0.21 ? 9  DT  A "H2''" 2 
ATOM   972  H "H1'"  . DT  A 1 9  ? -3.800  11.114  -3.897  1.00 0.26 ? 9  DT  A "H1'"  2 
ATOM   973  H H3     . DT  A 1 9  ? 0.250   9.706   -5.360  1.00 0.21 ? 9  DT  A H3     2 
ATOM   974  H H71    . DT  A 1 9  ? -3.128  7.154   -8.493  1.00 0.19 ? 9  DT  A H71    2 
ATOM   975  H H72    . DT  A 1 9  ? -2.906  8.660   -9.405  1.00 0.26 ? 9  DT  A H72    2 
ATOM   976  H H73    . DT  A 1 9  ? -1.520  7.596   -9.102  1.00 0.30 ? 9  DT  A H73    2 
ATOM   977  H H6     . DT  A 1 9  ? -4.201  9.169   -7.056  1.00 0.15 ? 9  DT  A H6     2 
ATOM   978  P P      . DG  A 1 10 ? -6.178  14.100  -4.123  1.00 0.15 ? 10 DG  A P      2 
ATOM   979  O OP1    . DG  A 1 10 ? -6.649  14.823  -2.920  1.00 0.15 ? 10 DG  A OP1    2 
ATOM   980  O OP2    . DG  A 1 10 ? -6.828  14.358  -5.429  1.00 0.21 ? 10 DG  A OP2    2 
ATOM   981  O "O5'"  . DG  A 1 10 ? -4.591  14.347  -4.294  1.00 0.21 ? 10 DG  A "O5'"  2 
ATOM   982  C "C5'"  . DG  A 1 10 ? -3.749  14.552  -3.150  1.00 0.18 ? 10 DG  A "C5'"  2 
ATOM   983  C "C4'"  . DG  A 1 10 ? -2.299  14.885  -3.511  1.00 0.15 ? 10 DG  A "C4'"  2 
ATOM   984  O "O4'"  . DG  A 1 10 ? -1.566  13.804  -4.122  1.00 0.26 ? 10 DG  A "O4'"  2 
ATOM   985  C "C3'"  . DG  A 1 10 ? -2.149  16.109  -4.430  1.00 0.14 ? 10 DG  A "C3'"  2 
ATOM   986  O "O3'"  . DG  A 1 10 ? -1.267  17.067  -3.819  1.00 0.18 ? 10 DG  A "O3'"  2 
ATOM   987  C "C2'"  . DG  A 1 10 ? -1.572  15.460  -5.696  1.00 0.15 ? 10 DG  A "C2'"  2 
ATOM   988  C "C1'"  . DG  A 1 10 ? -0.706  14.377  -5.114  1.00 0.16 ? 10 DG  A "C1'"  2 
ATOM   989  N N9     . DG  A 1 10 ? -0.347  13.368  -6.129  1.00 0.17 ? 10 DG  A N9     2 
ATOM   990  C C8     . DG  A 1 10 ? -1.141  12.724  -7.030  1.00 0.19 ? 10 DG  A C8     2 
ATOM   991  N N7     . DG  A 1 10 ? -0.543  11.867  -7.807  1.00 0.22 ? 10 DG  A N7     2 
ATOM   992  C C5     . DG  A 1 10 ? 0.783   11.956  -7.378  1.00 0.17 ? 10 DG  A C5     2 
ATOM   993  C C6     . DG  A 1 10 ? 1.939   11.268  -7.833  1.00 0.16 ? 10 DG  A C6     2 
ATOM   994  O O6     . DG  A 1 10 ? 2.040   10.421  -8.714  1.00 0.23 ? 10 DG  A O6     2 
ATOM   995  N N1     . DG  A 1 10 ? 3.072   11.650  -7.137  1.00 0.15 ? 10 DG  A N1     2 
ATOM   996  C C2     . DG  A 1 10 ? 3.102   12.580  -6.122  1.00 0.13 ? 10 DG  A C2     2 
ATOM   997  N N2     . DG  A 1 10 ? 4.362   12.851  -5.518  1.00 0.18 ? 10 DG  A N2     2 
ATOM   998  N N3     . DG  A 1 10 ? 2.024   13.228  -5.691  1.00 0.13 ? 10 DG  A N3     2 
ATOM   999  C C4     . DG  A 1 10 ? 0.905   12.868  -6.359  1.00 0.15 ? 10 DG  A C4     2 
ATOM   1000 H "H5'"  . DG  A 1 10 ? -3.755  13.657  -2.526  1.00 0.27 ? 10 DG  A "H5'"  2 
ATOM   1001 H "H5''" . DG  A 1 10 ? -4.153  15.384  -2.572  1.00 0.21 ? 10 DG  A "H5''" 2 
ATOM   1002 H "H4'"  . DG  A 1 10 ? -1.783  15.137  -2.583  1.00 0.25 ? 10 DG  A "H4'"  2 
ATOM   1003 H "H3'"  . DG  A 1 10 ? -3.118  16.590  -4.566  1.00 0.23 ? 10 DG  A "H3'"  2 
ATOM   1004 H "H2'"  . DG  A 1 10 ? -2.306  14.919  -6.292  1.00 0.20 ? 10 DG  A "H2'"  2 
ATOM   1005 H "H2''" . DG  A 1 10 ? -0.963  16.096  -6.338  1.00 0.18 ? 10 DG  A "H2''" 2 
ATOM   1006 H "H1'"  . DG  A 1 10 ? 0.199   14.829  -4.706  1.00 0.21 ? 10 DG  A "H1'"  2 
ATOM   1007 H H8     . DG  A 1 10 ? -2.208  12.935  -7.082  1.00 0.15 ? 10 DG  A H8     2 
ATOM   1008 H H1     . DG  A 1 10 ? 3.921   11.183  -7.423  1.00 0.20 ? 10 DG  A H1     2 
ATOM   1009 H H21    . DG  A 1 10 ? 5.185   12.365  -5.848  1.00 0.31 ? 10 DG  A H21    2 
ATOM   1010 H H22    . DG  A 1 10 ? 4.413   13.527  -4.769  1.00 0.30 ? 10 DG  A H22    2 
ATOM   1011 P P      . DC  A 1 11 ? -0.728  18.403  -4.557  1.00 0.21 ? 11 DC  A P      2 
ATOM   1012 O OP1    . DC  A 1 11 ? -0.675  19.496  -3.560  1.00 0.29 ? 11 DC  A OP1    2 
ATOM   1013 O OP2    . DC  A 1 11 ? -1.478  18.600  -5.818  1.00 0.24 ? 11 DC  A OP2    2 
ATOM   1014 O "O5'"  . DC  A 1 11 ? 0.785   17.999  -4.944  1.00 0.24 ? 11 DC  A "O5'"  2 
ATOM   1015 C "C5'"  . DC  A 1 11 ? 1.834   18.054  -3.965  1.00 0.23 ? 11 DC  A "C5'"  2 
ATOM   1016 C "C4'"  . DC  A 1 11 ? 3.181   17.602  -4.521  1.00 0.18 ? 11 DC  A "C4'"  2 
ATOM   1017 O "O4'"  . DC  A 1 11 ? 3.146   16.234  -4.960  1.00 0.21 ? 11 DC  A "O4'"  2 
ATOM   1018 C "C3'"  . DC  A 1 11 ? 3.622   18.409  -5.746  1.00 0.13 ? 11 DC  A "C3'"  2 
ATOM   1019 O "O3'"  . DC  A 1 11 ? 4.137   19.696  -5.402  1.00 0.19 ? 11 DC  A "O3'"  2 
ATOM   1020 C "C2'"  . DC  A 1 11 ? 4.704   17.479  -6.246  1.00 0.14 ? 11 DC  A "C2'"  2 
ATOM   1021 C "C1'"  . DC  A 1 11 ? 4.045   16.110  -6.076  1.00 0.17 ? 11 DC  A "C1'"  2 
ATOM   1022 N N1     . DC  A 1 11 ? 3.451   15.505  -7.297  1.00 0.13 ? 11 DC  A N1     2 
ATOM   1023 C C2     . DC  A 1 11 ? 4.303   14.796  -8.142  1.00 0.19 ? 11 DC  A C2     2 
ATOM   1024 O O2     . DC  A 1 11 ? 5.504   14.686  -7.904  1.00 0.29 ? 11 DC  A O2     2 
ATOM   1025 N N3     . DC  A 1 11 ? 3.789   14.216  -9.252  1.00 0.21 ? 11 DC  A N3     2 
ATOM   1026 C C4     . DC  A 1 11 ? 2.487   14.321  -9.537  1.00 0.16 ? 11 DC  A C4     2 
ATOM   1027 N N4     . DC  A 1 11 ? 1.986   13.690  -10.715 1.00 0.19 ? 11 DC  A N4     2 
ATOM   1028 C C5     . DC  A 1 11 ? 1.595   15.045  -8.689  1.00 0.13 ? 11 DC  A C5     2 
ATOM   1029 C C6     . DC  A 1 11 ? 2.114   15.617  -7.586  1.00 0.14 ? 11 DC  A C6     2 
ATOM   1030 H "H5'"  . DC  A 1 11 ? 1.577   17.416  -3.119  1.00 0.33 ? 11 DC  A "H5'"  2 
ATOM   1031 H "H5''" . DC  A 1 11 ? 1.929   19.081  -3.615  1.00 0.29 ? 11 DC  A "H5''" 2 
ATOM   1032 H "H4'"  . DC  A 1 11 ? 3.937   17.710  -3.743  1.00 0.21 ? 11 DC  A "H4'"  2 
ATOM   1033 H "H3'"  . DC  A 1 11 ? 2.838   18.499  -6.497  1.00 0.23 ? 11 DC  A "H3'"  2 
ATOM   1034 H "HO3'" . DC  A 1 11 ? 3.428   20.169  -4.961  1.00 0.33 ? 11 DC  A "HO3'" 2 
ATOM   1035 H "H2'"  . DC  A 1 11 ? 5.105   17.705  -7.233  1.00 0.17 ? 11 DC  A "H2'"  2 
ATOM   1036 H "H2''" . DC  A 1 11 ? 5.516   17.564  -5.523  1.00 0.21 ? 11 DC  A "H2''" 2 
ATOM   1037 H "H1'"  . DC  A 1 11 ? 4.830   15.433  -5.742  1.00 0.25 ? 11 DC  A "H1'"  2 
ATOM   1038 H H41    . DC  A 1 11 ? 2.620   13.119  -11.254 1.00 0.22 ? 11 DC  A H41    2 
ATOM   1039 H H42    . DC  A 1 11 ? 1.023   13.814  -10.989 1.00 0.21 ? 11 DC  A H42    2 
ATOM   1040 H H5     . DC  A 1 11 ? 0.533   15.134  -8.918  1.00 0.20 ? 11 DC  A H5     2 
ATOM   1041 H H6     . DC  A 1 11 ? 1.423   16.160  -6.942  1.00 0.22 ? 11 DC  A H6     2 
ATOM   1042 O "O5'"  . DG  B 2 1  ? 9.347   7.336   -15.056 1.00 0.45 ? 1  DG  B "O5'"  2 
ATOM   1043 C "C5'"  . DG  B 2 1  ? 10.677  7.865   -15.107 1.00 0.38 ? 1  DG  B "C5'"  2 
ATOM   1044 C "C4'"  . DG  B 2 1  ? 11.069  8.592   -13.814 1.00 0.25 ? 1  DG  B "C4'"  2 
ATOM   1045 O "O4'"  . DG  B 2 1  ? 10.191  9.703   -13.526 1.00 0.17 ? 1  DG  B "O4'"  2 
ATOM   1046 C "C3'"  . DG  B 2 1  ? 11.045  7.709   -12.565 1.00 0.21 ? 1  DG  B "C3'"  2 
ATOM   1047 O "O3'"  . DG  B 2 1  ? 12.058  8.139   -11.643 1.00 0.22 ? 1  DG  B "O3'"  2 
ATOM   1048 C "C2'"  . DG  B 2 1  ? 9.623   7.960   -12.092 1.00 0.15 ? 1  DG  B "C2'"  2 
ATOM   1049 C "C1'"  . DG  B 2 1  ? 9.542   9.472   -12.260 1.00 0.12 ? 1  DG  B "C1'"  2 
ATOM   1050 N N9     . DG  B 2 1  ? 8.129   9.901   -12.349 1.00 0.10 ? 1  DG  B N9     2 
ATOM   1051 C C8     . DG  B 2 1  ? 7.158   9.487   -13.214 1.00 0.14 ? 1  DG  B C8     2 
ATOM   1052 N N7     . DG  B 2 1  ? 5.991   10.037  -13.075 1.00 0.17 ? 1  DG  B N7     2 
ATOM   1053 C C5     . DG  B 2 1  ? 6.202   10.909  -12.008 1.00 0.13 ? 1  DG  B C5     2 
ATOM   1054 C C6     . DG  B 2 1  ? 5.299   11.802  -11.376 1.00 0.18 ? 1  DG  B C6     2 
ATOM   1055 O O6     . DG  B 2 1  ? 4.117   12.010  -11.634 1.00 0.25 ? 1  DG  B O6     2 
ATOM   1056 N N1     . DG  B 2 1  ? 5.897   12.497  -10.345 1.00 0.18 ? 1  DG  B N1     2 
ATOM   1057 C C2     . DG  B 2 1  ? 7.214   12.356  -9.960  1.00 0.15 ? 1  DG  B C2     2 
ATOM   1058 N N2     . DG  B 2 1  ? 7.662   13.145  -8.867  1.00 0.20 ? 1  DG  B N2     2 
ATOM   1059 N N3     . DG  B 2 1  ? 8.069   11.522  -10.549 1.00 0.12 ? 1  DG  B N3     2 
ATOM   1060 C C4     . DG  B 2 1  ? 7.499   10.832  -11.560 1.00 0.10 ? 1  DG  B C4     2 
ATOM   1061 H "H5'"  . DG  B 2 1  ? 10.739  8.570   -15.935 1.00 0.46 ? 1  DG  B "H5'"  2 
ATOM   1062 H "H5''" . DG  B 2 1  ? 11.377  7.049   -15.286 1.00 0.50 ? 1  DG  B "H5''" 2 
ATOM   1063 H "H4'"  . DG  B 2 1  ? 12.081  8.980   -13.932 1.00 0.38 ? 1  DG  B "H4'"  2 
ATOM   1064 H "H3'"  . DG  B 2 1  ? 11.258  6.667   -12.806 1.00 0.30 ? 1  DG  B "H3'"  2 
ATOM   1065 H "H2'"  . DG  B 2 1  ? 8.890   7.531   -12.777 1.00 0.23 ? 1  DG  B "H2'"  2 
ATOM   1066 H "H2''" . DG  B 2 1  ? 9.389   7.584   -11.096 1.00 0.23 ? 1  DG  B "H2''" 2 
ATOM   1067 H "H1'"  . DG  B 2 1  ? 10.082  9.981   -11.461 1.00 0.19 ? 1  DG  B "H1'"  2 
ATOM   1068 H H8     . DG  B 2 1  ? 7.353   8.733   -13.978 1.00 0.19 ? 1  DG  B H8     2 
ATOM   1069 H H1     . DG  B 2 1  ? 5.281   13.143  -9.874  1.00 0.22 ? 1  DG  B H1     2 
ATOM   1070 H H21    . DG  B 2 1  ? 7.031   13.815  -8.452  1.00 0.20 ? 1  DG  B H21    2 
ATOM   1071 H H22    . DG  B 2 1  ? 8.603   13.008  -8.526  1.00 0.29 ? 1  DG  B H22    2 
ATOM   1072 H "HO5'" . DG  B 2 1  ? 8.780   8.043   -14.741 1.00 0.44 ? 1  DG  B "HO5'" 2 
ATOM   1073 P P      . DC  B 2 2  ? 12.275  7.483   -10.181 1.00 0.24 ? 2  DC  B P      2 
ATOM   1074 O OP1    . DC  B 2 2  ? 13.725  7.502   -9.883  1.00 0.34 ? 2  DC  B OP1    2 
ATOM   1075 O OP2    . DC  B 2 2  ? 11.532  6.203   -10.125 1.00 0.30 ? 2  DC  B OP2    2 
ATOM   1076 O "O5'"  . DC  B 2 2  ? 11.531  8.536   -9.217  1.00 0.23 ? 2  DC  B "O5'"  2 
ATOM   1077 C "C5'"  . DC  B 2 2  ? 12.079  9.830   -8.908  1.00 0.22 ? 2  DC  B "C5'"  2 
ATOM   1078 C "C4'"  . DC  B 2 2  ? 11.207  10.574  -7.894  1.00 0.16 ? 2  DC  B "C4'"  2 
ATOM   1079 O "O4'"  . DC  B 2 2  ? 9.871   10.860  -8.362  1.00 0.18 ? 2  DC  B "O4'"  2 
ATOM   1080 C "C3'"  . DC  B 2 2  ? 11.073  9.831   -6.556  1.00 0.14 ? 2  DC  B "C3'"  2 
ATOM   1081 O "O3'"  . DC  B 2 2  ? 11.293  10.717  -5.443  1.00 0.18 ? 2  DC  B "O3'"  2 
ATOM   1082 C "C2'"  . DC  B 2 2  ? 9.704   9.204   -6.751  1.00 0.13 ? 2  DC  B "C2'"  2 
ATOM   1083 C "C1'"  . DC  B 2 2  ? 8.957   10.369  -7.369  1.00 0.13 ? 2  DC  B "C1'"  2 
ATOM   1084 N N1     . DC  B 2 2  ? 7.679   9.883   -7.938  1.00 0.12 ? 2  DC  B N1     2 
ATOM   1085 C C2     . DC  B 2 2  ? 6.491   10.513  -7.585  1.00 0.21 ? 2  DC  B C2     2 
ATOM   1086 O O2     . DC  B 2 2  ? 6.466   11.469  -6.817  1.00 0.30 ? 2  DC  B O2     2 
ATOM   1087 N N3     . DC  B 2 2  ? 5.332   10.042  -8.110  1.00 0.24 ? 2  DC  B N3     2 
ATOM   1088 C C4     . DC  B 2 2  ? 5.327   8.998   -8.944  1.00 0.18 ? 2  DC  B C4     2 
ATOM   1089 N N4     . DC  B 2 2  ? 4.080   8.542   -9.476  1.00 0.25 ? 2  DC  B N4     2 
ATOM   1090 C C5     . DC  B 2 2  ? 6.544   8.345   -9.309  1.00 0.14 ? 2  DC  B C5     2 
ATOM   1091 C C6     . DC  B 2 2  ? 7.681   8.821   -8.788  1.00 0.14 ? 2  DC  B C6     2 
ATOM   1092 H "H5'"  . DC  B 2 2  ? 12.137  10.421  -9.822  1.00 0.30 ? 2  DC  B "H5'"  2 
ATOM   1093 H "H5''" . DC  B 2 2  ? 13.081  9.710   -8.496  1.00 0.25 ? 2  DC  B "H5''" 2 
ATOM   1094 H "H4'"  . DC  B 2 2  ? 11.689  11.527  -7.679  1.00 0.29 ? 2  DC  B "H4'"  2 
ATOM   1095 H "H3'"  . DC  B 2 2  ? 11.869  9.089   -6.498  1.00 0.20 ? 2  DC  B "H3'"  2 
ATOM   1096 H "H2'"  . DC  B 2 2  ? 9.807   8.441   -7.522  1.00 0.19 ? 2  DC  B "H2'"  2 
ATOM   1097 H "H2''" . DC  B 2 2  ? 9.144   8.791   -5.911  1.00 0.24 ? 2  DC  B "H2''" 2 
ATOM   1098 H "H1'"  . DC  B 2 2  ? 8.796   11.135  -6.614  1.00 0.18 ? 2  DC  B "H1'"  2 
ATOM   1099 H H41    . DC  B 2 2  ? 3.236   9.034   -9.223  1.00 0.37 ? 2  DC  B H41    2 
ATOM   1100 H H42    . DC  B 2 2  ? 4.056   7.744   -10.095 1.00 0.28 ? 2  DC  B H42    2 
ATOM   1101 H H5     . DC  B 2 2  ? 6.628   7.476   -9.961  1.00 0.18 ? 2  DC  B H5     2 
ATOM   1102 H H6     . DC  B 2 2  ? 8.607   8.324   -9.080  1.00 0.22 ? 2  DC  B H6     2 
ATOM   1103 P P      . DA  B 2 3  ? 11.210  10.261  -3.890  1.00 0.23 ? 3  DA  B P      2 
ATOM   1104 O OP1    . DA  B 2 3  ? 12.289  10.965  -3.159  1.00 0.35 ? 3  DA  B OP1    2 
ATOM   1105 O OP2    . DA  B 2 3  ? 11.139  8.783   -3.834  1.00 0.30 ? 3  DA  B OP2    2 
ATOM   1106 O "O5'"  . DA  B 2 3  ? 9.786   10.834  -3.378  1.00 0.20 ? 3  DA  B "O5'"  2 
ATOM   1107 C "C5'"  . DA  B 2 3  ? 9.622   12.209  -2.982  1.00 0.18 ? 3  DA  B "C5'"  2 
ATOM   1108 C "C4'"  . DA  B 2 3  ? 8.289   12.464  -2.267  1.00 0.18 ? 3  DA  B "C4'"  2 
ATOM   1109 O "O4'"  . DA  B 2 3  ? 7.123   12.207  -3.070  1.00 0.23 ? 3  DA  B "O4'"  2 
ATOM   1110 C "C3'"  . DA  B 2 3  ? 8.097   11.707  -0.950  1.00 0.20 ? 3  DA  B "C3'"  2 
ATOM   1111 O "O3'"  . DA  B 2 3  ? 7.635   12.596  0.082   1.00 0.17 ? 3  DA  B "O3'"  2 
ATOM   1112 C "C2'"  . DA  B 2 3  ? 7.167   10.590  -1.378  1.00 0.21 ? 3  DA  B "C2'"  2 
ATOM   1113 C "C1'"  . DA  B 2 3  ? 6.246   11.334  -2.339  1.00 0.21 ? 3  DA  B "C1'"  2 
ATOM   1114 N N9     . DA  B 2 3  ? 5.632   10.432  -3.337  1.00 0.14 ? 3  DA  B N9     2 
ATOM   1115 C C8     . DA  B 2 3  ? 6.230   9.495   -4.129  1.00 0.15 ? 3  DA  B C8     2 
ATOM   1116 N N7     . DA  B 2 3  ? 5.456   8.849   -4.943  1.00 0.17 ? 3  DA  B N7     2 
ATOM   1117 C C5     . DA  B 2 3  ? 4.213   9.411   -4.668  1.00 0.17 ? 3  DA  B C5     2 
ATOM   1118 C C6     . DA  B 2 3  ? 2.946   9.171   -5.193  1.00 0.24 ? 3  DA  B C6     2 
ATOM   1119 N N6     . DA  B 2 3  ? 2.715   8.200   -6.213  1.00 0.36 ? 3  DA  B N6     2 
ATOM   1120 N N1     . DA  B 2 3  ? 1.928   9.894   -4.707  1.00 0.27 ? 3  DA  B N1     2 
ATOM   1121 C C2     . DA  B 2 3  ? 2.150   10.798  -3.760  1.00 0.25 ? 3  DA  B C2     2 
ATOM   1122 N N3     . DA  B 2 3  ? 3.300   11.116  -3.188  1.00 0.18 ? 3  DA  B N3     2 
ATOM   1123 C C4     . DA  B 2 3  ? 4.309   10.373  -3.695  1.00 0.15 ? 3  DA  B C4     2 
ATOM   1124 H "H5'"  . DA  B 2 3  ? 9.654   12.829  -3.877  1.00 0.23 ? 3  DA  B "H5'"  2 
ATOM   1125 H "H5''" . DA  B 2 3  ? 10.438  12.502  -2.321  1.00 0.23 ? 3  DA  B "H5''" 2 
ATOM   1126 H "H4'"  . DA  B 2 3  ? 8.268   13.523  -2.012  1.00 0.24 ? 3  DA  B "H4'"  2 
ATOM   1127 H "H3'"  . DA  B 2 3  ? 9.059   11.321  -0.612  1.00 0.20 ? 3  DA  B "H3'"  2 
ATOM   1128 H "H2'"  . DA  B 2 3  ? 7.746   9.877   -1.965  1.00 0.20 ? 3  DA  B "H2'"  2 
ATOM   1129 H "H2''" . DA  B 2 3  ? 6.641   10.081  -0.573  1.00 0.26 ? 3  DA  B "H2''" 2 
ATOM   1130 H "H1'"  . DA  B 2 3  ? 5.497   11.893  -1.777  1.00 0.27 ? 3  DA  B "H1'"  2 
ATOM   1131 H H8     . DA  B 2 3  ? 7.299   9.291   -4.081  1.00 0.19 ? 3  DA  B H8     2 
ATOM   1132 H H61    . DA  B 2 3  ? 1.787   8.077   -6.594  1.00 0.46 ? 3  DA  B H61    2 
ATOM   1133 H H62    . DA  B 2 3  ? 3.487   7.641   -6.548  1.00 0.38 ? 3  DA  B H62    2 
ATOM   1134 H H2     . DA  B 2 3  ? 1.277   11.350  -3.411  1.00 0.29 ? 3  DA  B H2     2 
ATOM   1135 P P      . DT  B 2 4  ? 7.158   12.106  1.547   1.00 0.16 ? 4  DT  B P      2 
ATOM   1136 O OP1    . DT  B 2 4  ? 7.365   13.226  2.495   1.00 0.18 ? 4  DT  B OP1    2 
ATOM   1137 O OP2    . DT  B 2 4  ? 7.770   10.787  1.832   1.00 0.21 ? 4  DT  B OP2    2 
ATOM   1138 O "O5'"  . DT  B 2 4  ? 5.570   11.884  1.352   1.00 0.19 ? 4  DT  B "O5'"  2 
ATOM   1139 C "C5'"  . DT  B 2 4  ? 4.672   12.995  1.206   1.00 0.20 ? 4  DT  B "C5'"  2 
ATOM   1140 C "C4'"  . DT  B 2 4  ? 3.208   12.562  1.077   1.00 0.19 ? 4  DT  B "C4'"  2 
ATOM   1141 O "O4'"  . DT  B 2 4  ? 2.940   11.750  -0.082  1.00 0.19 ? 4  DT  B "O4'"  2 
ATOM   1142 C "C3'"  . DT  B 2 4  ? 2.660   11.800  2.290   1.00 0.15 ? 4  DT  B "C3'"  2 
ATOM   1143 O "O3'"  . DT  B 2 4  ? 1.412   12.353  2.740   1.00 0.21 ? 4  DT  B "O3'"  2 
ATOM   1144 C "C2'"  . DT  B 2 4  ? 2.558   10.385  1.760   1.00 0.13 ? 4  DT  B "C2'"  2 
ATOM   1145 C "C1'"  . DT  B 2 4  ? 2.098   10.661  0.325   1.00 0.16 ? 4  DT  B "C1'"  2 
ATOM   1146 N N1     . DT  B 2 4  ? 2.328   9.521   -0.602  1.00 0.13 ? 4  DT  B N1     2 
ATOM   1147 C C2     . DT  B 2 4  ? 1.257   9.053   -1.354  1.00 0.22 ? 4  DT  B C2     2 
ATOM   1148 O O2     . DT  B 2 4  ? 0.122   9.521   -1.289  1.00 0.26 ? 4  DT  B O2     2 
ATOM   1149 N N3     . DT  B 2 4  ? 1.531   8.004   -2.205  1.00 0.24 ? 4  DT  B N3     2 
ATOM   1150 C C4     . DT  B 2 4  ? 2.753   7.387   -2.372  1.00 0.23 ? 4  DT  B C4     2 
ATOM   1151 O O4     . DT  B 2 4  ? 2.861   6.463   -3.172  1.00 0.29 ? 4  DT  B O4     2 
ATOM   1152 C C5     . DT  B 2 4  ? 3.812   7.930   -1.556  1.00 0.14 ? 4  DT  B C5     2 
ATOM   1153 C C7     . DT  B 2 4  ? 5.219   7.332   -1.633  1.00 0.17 ? 4  DT  B C7     2 
ATOM   1154 C C6     . DT  B 2 4  ? 3.574   8.954   -0.718  1.00 0.09 ? 4  DT  B C6     2 
ATOM   1155 H "H5'"  . DT  B 2 4  ? 4.944   13.549  0.306   1.00 0.28 ? 4  DT  B "H5'"  2 
ATOM   1156 H "H5''" . DT  B 2 4  ? 4.768   13.655  2.068   1.00 0.27 ? 4  DT  B "H5''" 2 
ATOM   1157 H "H4'"  . DT  B 2 4  ? 2.604   13.464  0.985   1.00 0.26 ? 4  DT  B "H4'"  2 
ATOM   1158 H "H3'"  . DT  B 2 4  ? 3.363   11.869  3.121   1.00 0.25 ? 4  DT  B "H3'"  2 
ATOM   1159 H "H2'"  . DT  B 2 4  ? 3.555   9.944   1.749   1.00 0.22 ? 4  DT  B "H2'"  2 
ATOM   1160 H "H2''" . DT  B 2 4  ? 1.807   9.803   2.292   1.00 0.24 ? 4  DT  B "H2''" 2 
ATOM   1161 H "H1'"  . DT  B 2 4  ? 1.051   10.962  0.332   1.00 0.26 ? 4  DT  B "H1'"  2 
ATOM   1162 H H3     . DT  B 2 4  ? 0.765   7.651   -2.760  1.00 0.29 ? 4  DT  B H3     2 
ATOM   1163 H H71    . DT  B 2 4  ? 5.257   6.545   -2.385  1.00 0.27 ? 4  DT  B H71    2 
ATOM   1164 H H72    . DT  B 2 4  ? 5.942   8.107   -1.889  1.00 0.20 ? 4  DT  B H72    2 
ATOM   1165 H H73    . DT  B 2 4  ? 5.486   6.910   -0.663  1.00 0.24 ? 4  DT  B H73    2 
ATOM   1166 H H6     . DT  B 2 4  ? 4.406   9.339   -0.126  1.00 0.13 ? 4  DT  B H6     2 
ATOM   1167 P P      . DG  B 2 5  ? 0.666   11.798  4.063   1.00 0.21 ? 5  DG  B P      2 
ATOM   1168 O OP1    . DG  B 2 5  ? -0.326  12.816  4.481   1.00 0.30 ? 5  DG  B OP1    2 
ATOM   1169 O OP2    . DG  B 2 5  ? 1.695   11.350  5.029   1.00 0.27 ? 5  DG  B OP2    2 
ATOM   1170 O "O5'"  . DG  B 2 5  ? -0.122  10.488  3.529   1.00 0.19 ? 5  DG  B "O5'"  2 
ATOM   1171 C "C5'"  . DG  B 2 5  ? -1.480  10.573  3.069   1.00 0.23 ? 5  DG  B "C5'"  2 
ATOM   1172 C "C4'"  . DG  B 2 5  ? -2.103  9.223   2.692   1.00 0.27 ? 5  DG  B "C4'"  2 
ATOM   1173 O "O4'"  . DG  B 2 5  ? -1.542  8.597   1.524   1.00 0.34 ? 5  DG  B "O4'"  2 
ATOM   1174 C "C3'"  . DG  B 2 5  ? -2.095  8.160   3.804   1.00 0.24 ? 5  DG  B "C3'"  2 
ATOM   1175 O "O3'"  . DG  B 2 5  ? -3.440  7.677   3.976   1.00 0.32 ? 5  DG  B "O3'"  2 
ATOM   1176 C "C2'"  . DG  B 2 5  ? -1.123  7.133   3.233   1.00 0.28 ? 5  DG  B "C2'"  2 
ATOM   1177 C "C1'"  . DG  B 2 5  ? -1.508  7.186   1.771   1.00 0.32 ? 5  DG  B "C1'"  2 
ATOM   1178 N N9     . DG  B 2 5  ? -0.537  6.547   0.869   1.00 0.30 ? 5  DG  B N9     2 
ATOM   1179 C C8     . DG  B 2 5  ? 0.822   6.590   0.875   1.00 0.30 ? 5  DG  B C8     2 
ATOM   1180 N N7     . DG  B 2 5  ? 1.419   5.936   -0.078  1.00 0.28 ? 5  DG  B N7     2 
ATOM   1181 C C5     . DG  B 2 5  ? 0.342   5.402   -0.786  1.00 0.27 ? 5  DG  B C5     2 
ATOM   1182 C C6     . DG  B 2 5  ? 0.327   4.585   -1.945  1.00 0.27 ? 5  DG  B C6     2 
ATOM   1183 O O6     . DG  B 2 5  ? 1.271   4.158   -2.599  1.00 0.32 ? 5  DG  B O6     2 
ATOM   1184 N N1     . DG  B 2 5  ? -0.964  4.269   -2.333  1.00 0.27 ? 5  DG  B N1     2 
ATOM   1185 C C2     . DG  B 2 5  ? -2.109  4.684   -1.690  1.00 0.28 ? 5  DG  B C2     2 
ATOM   1186 N N2     . DG  B 2 5  ? -3.359  4.241   -2.207  1.00 0.35 ? 5  DG  B N2     2 
ATOM   1187 N N3     . DG  B 2 5  ? -2.099  5.452   -0.606  1.00 0.28 ? 5  DG  B N3     2 
ATOM   1188 C C4     . DG  B 2 5  ? -0.848  5.771   -0.211  1.00 0.28 ? 5  DG  B C4     2 
ATOM   1189 H "H5'"  . DG  B 2 5  ? -1.521  11.225  2.196   1.00 0.32 ? 5  DG  B "H5'"  2 
ATOM   1190 H "H5''" . DG  B 2 5  ? -2.083  11.011  3.863   1.00 0.24 ? 5  DG  B "H5''" 2 
ATOM   1191 H "H4'"  . DG  B 2 5  ? -3.155  9.408   2.471   1.00 0.32 ? 5  DG  B "H4'"  2 
ATOM   1192 H "H3'"  . DG  B 2 5  ? -1.725  8.581   4.739   1.00 0.21 ? 5  DG  B "H3'"  2 
ATOM   1193 H "H2'"  . DG  B 2 5  ? -0.105  7.513   3.297   1.00 0.28 ? 5  DG  B "H2'"  2 
ATOM   1194 H "H2''" . DG  B 2 5  ? -1.226  6.125   3.634   1.00 0.34 ? 5  DG  B "H2''" 2 
ATOM   1195 H "H1'"  . DG  B 2 5  ? -2.488  6.726   1.632   1.00 0.40 ? 5  DG  B "H1'"  2 
ATOM   1196 H H8     . DG  B 2 5  ? 1.359   7.142   1.645   1.00 0.30 ? 5  DG  B H8     2 
ATOM   1197 H H1     . DG  B 2 5  ? -1.022  3.691   -3.160  1.00 0.28 ? 5  DG  B H1     2 
ATOM   1198 H H21    . DG  B 2 5  ? -3.388  3.764   -3.097  1.00 0.31 ? 5  DG  B H21    2 
ATOM   1199 H H22    . DG  B 2 5  ? -4.197  4.412   -1.671  1.00 0.52 ? 5  DG  B H22    2 
ATOM   1200 P P      . DA  B 2 6  ? -3.888  6.411   4.881   1.00 0.28 ? 6  DA  B P      2 
ATOM   1201 O OP1    . DA  B 2 6  ? -5.205  6.725   5.484   1.00 0.31 ? 6  DA  B OP1    2 
ATOM   1202 O OP2    . DA  B 2 6  ? -2.757  6.030   5.757   1.00 0.34 ? 6  DA  B OP2    2 
ATOM   1203 O "O5'"  . DA  B 2 6  ? -4.092  5.240   3.786   1.00 0.22 ? 6  DA  B "O5'"  2 
ATOM   1204 C "C5'"  . DA  B 2 6  ? -5.122  5.307   2.784   1.00 0.16 ? 6  DA  B "C5'"  2 
ATOM   1205 C "C4'"  . DA  B 2 6  ? -5.095  4.117   1.819   1.00 0.27 ? 6  DA  B "C4'"  2 
ATOM   1206 O "O4'"  . DA  B 2 6  ? -3.823  4.038   1.181   1.00 0.43 ? 6  DA  B "O4'"  2 
ATOM   1207 C "C3'"  . DA  B 2 6  ? -5.357  2.757   2.485   1.00 0.22 ? 6  DA  B "C3'"  2 
ATOM   1208 O "O3'"  . DA  B 2 6  ? -6.690  2.338   2.134   1.00 0.24 ? 6  DA  B "O3'"  2 
ATOM   1209 C "C2'"  . DA  B 2 6  ? -4.207  1.886   1.957   1.00 0.25 ? 6  DA  B "C2'"  2 
ATOM   1210 C "C1'"  . DA  B 2 6  ? -3.647  2.681   0.776   1.00 0.36 ? 6  DA  B "C1'"  2 
ATOM   1211 N N9     . DA  B 2 6  ? -2.176  2.531   0.653   1.00 0.33 ? 6  DA  B N9     2 
ATOM   1212 C C8     . DA  B 2 6  ? -1.212  3.016   1.494   1.00 0.39 ? 6  DA  B C8     2 
ATOM   1213 N N7     . DA  B 2 6  ? 0.017   2.759   1.168   1.00 0.43 ? 6  DA  B N7     2 
ATOM   1214 C C5     . DA  B 2 6  ? -0.137  2.029   -0.011  1.00 0.36 ? 6  DA  B C5     2 
ATOM   1215 C C6     . DA  B 2 6  ? 0.791   1.444   -0.884  1.00 0.37 ? 6  DA  B C6     2 
ATOM   1216 N N6     . DA  B 2 6  ? 2.203   1.509   -0.683  1.00 0.49 ? 6  DA  B N6     2 
ATOM   1217 N N1     . DA  B 2 6  ? 0.313   0.797   -1.954  1.00 0.29 ? 6  DA  B N1     2 
ATOM   1218 C C2     . DA  B 2 6  ? -0.997  0.732   -2.151  1.00 0.25 ? 6  DA  B C2     2 
ATOM   1219 N N3     . DA  B 2 6  ? -1.971  1.238   -1.406  1.00 0.26 ? 6  DA  B N3     2 
ATOM   1220 C C4     . DA  B 2 6  ? -1.464  1.885   -0.333  1.00 0.30 ? 6  DA  B C4     2 
ATOM   1221 H "H5'"  . DA  B 2 6  ? -4.976  6.215   2.200   1.00 0.27 ? 6  DA  B "H5'"  2 
ATOM   1222 H "H5''" . DA  B 2 6  ? -6.099  5.353   3.267   1.00 0.18 ? 6  DA  B "H5''" 2 
ATOM   1223 H "H4'"  . DA  B 2 6  ? -5.853  4.252   1.048   1.00 0.39 ? 6  DA  B "H4'"  2 
ATOM   1224 H "H3'"  . DA  B 2 6  ? -5.227  2.833   3.565   1.00 0.22 ? 6  DA  B "H3'"  2 
ATOM   1225 H "H2'"  . DA  B 2 6  ? -3.398  1.942   2.686   1.00 0.26 ? 6  DA  B "H2'"  2 
ATOM   1226 H "H2''" . DA  B 2 6  ? -4.505  0.879   1.663   1.00 0.29 ? 6  DA  B "H2''" 2 
ATOM   1227 H "H1'"  . DA  B 2 6  ? -4.185  2.456   -0.146  1.00 0.42 ? 6  DA  B "H1'"  2 
ATOM   1228 H H8     . DA  B 2 6  ? -1.464  3.598   2.380   1.00 0.45 ? 6  DA  B H8     2 
ATOM   1229 H H61    . DA  B 2 6  ? 2.823   1.062   -1.343  1.00 0.52 ? 6  DA  B H61    2 
ATOM   1230 H H62    . DA  B 2 6  ? 2.568   2.000   0.121   1.00 0.62 ? 6  DA  B H62    2 
ATOM   1231 H H2     . DA  B 2 6  ? -1.300  0.190   -3.047  1.00 0.23 ? 6  DA  B H2     2 
ATOM   1232 P P      . DG  B 2 7  ? -7.567  1.265   2.981   1.00 0.32 ? 7  DG  B P      2 
ATOM   1233 O OP1    . DG  B 2 7  ? -8.899  1.864   3.227   1.00 0.41 ? 7  DG  B OP1    2 
ATOM   1234 O OP2    . DG  B 2 7  ? -6.759  0.790   4.127   1.00 0.46 ? 7  DG  B OP2    2 
ATOM   1235 O "O5'"  . DG  B 2 7  ? -7.764  0.010   1.988   1.00 0.28 ? 7  DG  B "O5'"  2 
ATOM   1236 C "C5'"  . DG  B 2 7  ? -8.484  0.105   0.747   1.00 0.27 ? 7  DG  B "C5'"  2 
ATOM   1237 C "C4'"  . DG  B 2 7  ? -8.331  -1.174  -0.078  1.00 0.30 ? 7  DG  B "C4'"  2 
ATOM   1238 O "O4'"  . DG  B 2 7  ? -6.941  -1.503  -0.220  1.00 0.28 ? 7  DG  B "O4'"  2 
ATOM   1239 C "C3'"  . DG  B 2 7  ? -9.026  -2.439  0.460   1.00 0.31 ? 7  DG  B "C3'"  2 
ATOM   1240 O "O3'"  . DG  B 2 7  ? -9.576  -3.232  -0.607  1.00 0.37 ? 7  DG  B "O3'"  2 
ATOM   1241 C "C2'"  . DG  B 2 7  ? -7.923  -3.056  1.283   1.00 0.26 ? 7  DG  B "C2'"  2 
ATOM   1242 C "C1'"  . DG  B 2 7  ? -6.727  -2.769  0.421   1.00 0.22 ? 7  DG  B "C1'"  2 
ATOM   1243 N N9     . DG  B 2 7  ? -5.565  -2.719  1.324   1.00 0.15 ? 7  DG  B N9     2 
ATOM   1244 C C8     . DG  B 2 7  ? -5.346  -2.002  2.477   1.00 0.13 ? 7  DG  B C8     2 
ATOM   1245 N N7     . DG  B 2 7  ? -4.197  -2.200  3.050   1.00 0.09 ? 7  DG  B N7     2 
ATOM   1246 C C5     . DG  B 2 7  ? -3.601  -3.130  2.200   1.00 0.08 ? 7  DG  B C5     2 
ATOM   1247 C C6     . DG  B 2 7  ? -2.335  -3.744  2.281   1.00 0.14 ? 7  DG  B C6     2 
ATOM   1248 O O6     . DG  B 2 7  ? -1.469  -3.592  3.132   1.00 0.21 ? 7  DG  B O6     2 
ATOM   1249 N N1     . DG  B 2 7  ? -2.120  -4.615  1.230   1.00 0.15 ? 7  DG  B N1     2 
ATOM   1250 C C2     . DG  B 2 7  ? -3.013  -4.873  0.214   1.00 0.12 ? 7  DG  B C2     2 
ATOM   1251 N N2     . DG  B 2 7  ? -2.634  -5.806  -0.784  1.00 0.15 ? 7  DG  B N2     2 
ATOM   1252 N N3     . DG  B 2 7  ? -4.205  -4.298  0.133   1.00 0.11 ? 7  DG  B N3     2 
ATOM   1253 C C4     . DG  B 2 7  ? -4.428  -3.444  1.153   1.00 0.09 ? 7  DG  B C4     2 
ATOM   1254 H "H5'"  . DG  B 2 7  ? -8.047  0.922   0.173   1.00 0.32 ? 7  DG  B "H5'"  2 
ATOM   1255 H "H5''" . DG  B 2 7  ? -9.539  0.316   0.924   1.00 0.36 ? 7  DG  B "H5''" 2 
ATOM   1256 H "H4'"  . DG  B 2 7  ? -8.730  -0.975  -1.072  1.00 0.36 ? 7  DG  B "H4'"  2 
ATOM   1257 H "H3'"  . DG  B 2 7  ? -9.873  -2.143  1.079   1.00 0.35 ? 7  DG  B "H3'"  2 
ATOM   1258 H "H2'"  . DG  B 2 7  ? -7.824  -2.466  2.194   1.00 0.27 ? 7  DG  B "H2'"  2 
ATOM   1259 H "H2''" . DG  B 2 7  ? -7.917  -4.129  1.474   1.00 0.29 ? 7  DG  B "H2''" 2 
ATOM   1260 H "H1'"  . DG  B 2 7  ? -6.629  -3.567  -0.315  1.00 0.25 ? 7  DG  B "H1'"  2 
ATOM   1261 H H8     . DG  B 2 7  ? -6.074  -1.314  2.907   1.00 0.20 ? 7  DG  B H8     2 
ATOM   1262 H H1     . DG  B 2 7  ? -1.218  -5.070  1.248   1.00 0.24 ? 7  DG  B H1     2 
ATOM   1263 H H21    . DG  B 2 7  ? -1.692  -6.172  -0.781  1.00 0.23 ? 7  DG  B H21    2 
ATOM   1264 H H22    . DG  B 2 7  ? -3.313  -6.081  -1.479  1.00 0.22 ? 7  DG  B H22    2 
ATOM   1265 P P      . DT  B 2 8  ? -10.260 -4.681  -0.382  1.00 0.41 ? 8  DT  B P      2 
ATOM   1266 O OP1    . DT  B 2 8  ? -11.246 -4.890  -1.467  1.00 0.57 ? 8  DT  B OP1    2 
ATOM   1267 O OP2    . DT  B 2 8  ? -10.698 -4.788  1.029   1.00 0.50 ? 8  DT  B OP2    2 
ATOM   1268 O "O5'"  . DT  B 2 8  ? -9.035  -5.712  -0.600  1.00 0.29 ? 8  DT  B "O5'"  2 
ATOM   1269 C "C5'"  . DT  B 2 8  ? -8.476  -5.961  -1.900  1.00 0.21 ? 8  DT  B "C5'"  2 
ATOM   1270 C "C4'"  . DT  B 2 8  ? -7.396  -7.048  -1.882  1.00 0.10 ? 8  DT  B "C4'"  2 
ATOM   1271 O "O4'"  . DT  B 2 8  ? -6.245  -6.731  -1.074  1.00 0.15 ? 8  DT  B "O4'"  2 
ATOM   1272 C "C3'"  . DT  B 2 8  ? -7.877  -8.434  -1.434  1.00 0.10 ? 8  DT  B "C3'"  2 
ATOM   1273 O "O3'"  . DT  B 2 8  ? -7.433  -9.439  -2.361  1.00 0.10 ? 8  DT  B "O3'"  2 
ATOM   1274 C "C2'"  . DT  B 2 8  ? -7.321  -8.510  -0.030  1.00 0.12 ? 8  DT  B "C2'"  2 
ATOM   1275 C "C1'"  . DT  B 2 8  ? -5.957  -7.862  -0.238  1.00 0.07 ? 8  DT  B "C1'"  2 
ATOM   1276 N N1     . DT  B 2 8  ? -5.343  -7.358  1.018   1.00 0.08 ? 8  DT  B N1     2 
ATOM   1277 C C2     . DT  B 2 8  ? -4.018  -7.679  1.275   1.00 0.13 ? 8  DT  B C2     2 
ATOM   1278 O O2     . DT  B 2 8  ? -3.326  -8.373  0.534   1.00 0.23 ? 8  DT  B O2     2 
ATOM   1279 N N3     . DT  B 2 8  ? -3.496  -7.167  2.440   1.00 0.15 ? 8  DT  B N3     2 
ATOM   1280 C C4     . DT  B 2 8  ? -4.155  -6.383  3.361   1.00 0.16 ? 8  DT  B C4     2 
ATOM   1281 O O4     . DT  B 2 8  ? -3.560  -5.989  4.357   1.00 0.20 ? 8  DT  B O4     2 
ATOM   1282 C C5     . DT  B 2 8  ? -5.527  -6.098  3.025   1.00 0.17 ? 8  DT  B C5     2 
ATOM   1283 C C7     . DT  B 2 8  ? -6.371  -5.237  3.973   1.00 0.27 ? 8  DT  B C7     2 
ATOM   1284 C C6     . DT  B 2 8  ? -6.066  -6.583  1.890   1.00 0.13 ? 8  DT  B C6     2 
ATOM   1285 H "H5'"  . DT  B 2 8  ? -8.026  -5.039  -2.266  1.00 0.27 ? 8  DT  B "H5'"  2 
ATOM   1286 H "H5''" . DT  B 2 8  ? -9.269  -6.264  -2.585  1.00 0.28 ? 8  DT  B "H5''" 2 
ATOM   1287 H "H4'"  . DT  B 2 8  ? -7.042  -7.167  -2.905  1.00 0.17 ? 8  DT  B "H4'"  2 
ATOM   1288 H "H3'"  . DT  B 2 8  ? -8.967  -8.462  -1.425  1.00 0.20 ? 8  DT  B "H3'"  2 
ATOM   1289 H "H2'"  . DT  B 2 8  ? -7.908  -7.844  0.604   1.00 0.18 ? 8  DT  B "H2'"  2 
ATOM   1290 H "H2''" . DT  B 2 8  ? -7.279  -9.514  0.392   1.00 0.16 ? 8  DT  B "H2''" 2 
ATOM   1291 H "H1'"  . DT  B 2 8  ? -5.302  -8.558  -0.760  1.00 0.16 ? 8  DT  B "H1'"  2 
ATOM   1292 H H3     . DT  B 2 8  ? -2.529  -7.388  2.635   1.00 0.23 ? 8  DT  B H3     2 
ATOM   1293 H H71    . DT  B 2 8  ? -6.732  -4.347  3.457   1.00 0.33 ? 8  DT  B H71    2 
ATOM   1294 H H72    . DT  B 2 8  ? -7.224  -5.810  4.340   1.00 0.33 ? 8  DT  B H72    2 
ATOM   1295 H H73    . DT  B 2 8  ? -5.768  -4.926  4.826   1.00 0.34 ? 8  DT  B H73    2 
ATOM   1296 H H6     . DT  B 2 8  ? -7.104  -6.356  1.648   1.00 0.16 ? 8  DT  B H6     2 
ATOM   1297 P P      . DA  B 2 9  ? -7.647  -11.026 -2.137  1.00 0.14 ? 9  DA  B P      2 
ATOM   1298 O OP1    . DA  B 2 9  ? -7.797  -11.660 -3.466  1.00 0.18 ? 9  DA  B OP1    2 
ATOM   1299 O OP2    . DA  B 2 9  ? -8.697  -11.224 -1.111  1.00 0.21 ? 9  DA  B OP2    2 
ATOM   1300 O "O5'"  . DA  B 2 9  ? -6.239  -11.493 -1.498  1.00 0.25 ? 9  DA  B "O5'"  2 
ATOM   1301 C "C5'"  . DA  B 2 9  ? -5.062  -11.698 -2.301  1.00 0.26 ? 9  DA  B "C5'"  2 
ATOM   1302 C "C4'"  . DA  B 2 9  ? -3.927  -12.358 -1.508  1.00 0.20 ? 9  DA  B "C4'"  2 
ATOM   1303 O "O4'"  . DA  B 2 9  ? -3.398  -11.571 -0.422  1.00 0.18 ? 9  DA  B "O4'"  2 
ATOM   1304 C "C3'"  . DA  B 2 9  ? -4.300  -13.723 -0.926  1.00 0.17 ? 9  DA  B "C3'"  2 
ATOM   1305 O "O3'"  . DA  B 2 9  ? -3.287  -14.698 -1.222  1.00 0.17 ? 9  DA  B "O3'"  2 
ATOM   1306 C "C2'"  . DA  B 2 9  ? -4.523  -13.354 0.529   1.00 0.15 ? 9  DA  B "C2'"  2 
ATOM   1307 C "C1'"  . DA  B 2 9  ? -3.379  -12.376 0.770   1.00 0.12 ? 9  DA  B "C1'"  2 
ATOM   1308 N N9     . DA  B 2 9  ? -3.660  -11.469 1.905   1.00 0.09 ? 9  DA  B N9     2 
ATOM   1309 C C8     . DA  B 2 9  ? -4.848  -10.902 2.251   1.00 0.11 ? 9  DA  B C8     2 
ATOM   1310 N N7     . DA  B 2 9  ? -4.839  -10.113 3.281   1.00 0.13 ? 9  DA  B N7     2 
ATOM   1311 C C5     . DA  B 2 9  ? -3.501  -10.158 3.667   1.00 0.10 ? 9  DA  B C5     2 
ATOM   1312 C C6     . DA  B 2 9  ? -2.805  -9.536  4.708   1.00 0.12 ? 9  DA  B C6     2 
ATOM   1313 N N6     . DA  B 2 9  ? -3.439  -8.653  5.636   1.00 0.16 ? 9  DA  B N6     2 
ATOM   1314 N N1     . DA  B 2 9  ? -1.493  -9.788  4.818   1.00 0.15 ? 9  DA  B N1     2 
ATOM   1315 C C2     . DA  B 2 9  ? -0.908  -10.605 3.950   1.00 0.17 ? 9  DA  B C2     2 
ATOM   1316 N N3     . DA  B 2 9  ? -1.454  -11.249 2.928   1.00 0.15 ? 9  DA  B N3     2 
ATOM   1317 C C4     . DA  B 2 9  ? -2.775  -10.979 2.841   1.00 0.11 ? 9  DA  B C4     2 
ATOM   1318 H "H5'"  . DA  B 2 9  ? -4.714  -10.735 -2.675  1.00 0.31 ? 9  DA  B "H5'"  2 
ATOM   1319 H "H5''" . DA  B 2 9  ? -5.315  -12.336 -3.147  1.00 0.38 ? 9  DA  B "H5''" 2 
ATOM   1320 H "H4'"  . DA  B 2 9  ? -3.109  -12.536 -2.206  1.00 0.23 ? 9  DA  B "H4'"  2 
ATOM   1321 H "H3'"  . DA  B 2 9  ? -5.217  -14.078 -1.399  1.00 0.23 ? 9  DA  B "H3'"  2 
ATOM   1322 H "H2'"  . DA  B 2 9  ? -5.439  -12.769 0.605   1.00 0.20 ? 9  DA  B "H2'"  2 
ATOM   1323 H "H2''" . DA  B 2 9  ? -4.537  -14.201 1.216   1.00 0.23 ? 9  DA  B "H2''" 2 
ATOM   1324 H "H1'"  . DA  B 2 9  ? -2.435  -12.910 0.880   1.00 0.17 ? 9  DA  B "H1'"  2 
ATOM   1325 H H8     . DA  B 2 9  ? -5.747  -11.121 1.677   1.00 0.16 ? 9  DA  B H8     2 
ATOM   1326 H H61    . DA  B 2 9  ? -2.897  -8.197  6.354   1.00 0.17 ? 9  DA  B H61    2 
ATOM   1327 H H62    . DA  B 2 9  ? -4.434  -8.490  5.563   1.00 0.24 ? 9  DA  B H62    2 
ATOM   1328 H H2     . DA  B 2 9  ? 0.160   -10.767 4.094   1.00 0.25 ? 9  DA  B H2     2 
ATOM   1329 P P      . DC  B 2 10 ? -3.270  -16.211 -0.650  1.00 0.14 ? 10 DC  B P      2 
ATOM   1330 O OP1    . DC  B 2 10 ? -2.508  -17.054 -1.599  1.00 0.17 ? 10 DC  B OP1    2 
ATOM   1331 O OP2    . DC  B 2 10 ? -4.650  -16.599 -0.275  1.00 0.22 ? 10 DC  B OP2    2 
ATOM   1332 O "O5'"  . DC  B 2 10 ? -2.411  -16.066 0.706   1.00 0.14 ? 10 DC  B "O5'"  2 
ATOM   1333 C "C5'"  . DC  B 2 10 ? -1.030  -15.672 0.671   1.00 0.16 ? 10 DC  B "C5'"  2 
ATOM   1334 C "C4'"  . DC  B 2 10 ? -0.477  -15.365 2.063   1.00 0.25 ? 10 DC  B "C4'"  2 
ATOM   1335 O "O4'"  . DC  B 2 10 ? -1.160  -14.290 2.739   1.00 0.27 ? 10 DC  B "O4'"  2 
ATOM   1336 C "C3'"  . DC  B 2 10 ? -0.436  -16.541 3.049   1.00 0.26 ? 10 DC  B "C3'"  2 
ATOM   1337 O "O3'"  . DC  B 2 10 ? 0.874   -16.574 3.650   1.00 0.36 ? 10 DC  B "O3'"  2 
ATOM   1338 C "C2'"  . DC  B 2 10 ? -1.593  -16.196 3.986   1.00 0.23 ? 10 DC  B "C2'"  2 
ATOM   1339 C "C1'"  . DC  B 2 10 ? -1.325  -14.698 4.102   1.00 0.27 ? 10 DC  B "C1'"  2 
ATOM   1340 N N1     . DC  B 2 10 ? -2.391  -13.897 4.757   1.00 0.26 ? 10 DC  B N1     2 
ATOM   1341 C C2     . DC  B 2 10 ? -1.996  -13.022 5.754   1.00 0.33 ? 10 DC  B C2     2 
ATOM   1342 O O2     . DC  B 2 10 ? -0.826  -12.926 6.116   1.00 0.42 ? 10 DC  B O2     2 
ATOM   1343 N N3     . DC  B 2 10 ? -2.939  -12.261 6.349   1.00 0.33 ? 10 DC  B N3     2 
ATOM   1344 C C4     . DC  B 2 10 ? -4.220  -12.332 6.006   1.00 0.28 ? 10 DC  B C4     2 
ATOM   1345 N N4     . DC  B 2 10 ? -5.134  -11.474 6.690   1.00 0.30 ? 10 DC  B N4     2 
ATOM   1346 C C5     . DC  B 2 10 ? -4.657  -13.229 4.983   1.00 0.24 ? 10 DC  B C5     2 
ATOM   1347 C C6     . DC  B 2 10 ? -3.712  -13.988 4.388   1.00 0.23 ? 10 DC  B C6     2 
ATOM   1348 H "H5'"  . DC  B 2 10 ? -0.939  -14.772 0.065   1.00 0.23 ? 10 DC  B "H5'"  2 
ATOM   1349 H "H5''" . DC  B 2 10 ? -0.432  -16.464 0.221   1.00 0.26 ? 10 DC  B "H5''" 2 
ATOM   1350 H "H4'"  . DC  B 2 10 ? 0.559   -15.052 1.933   1.00 0.32 ? 10 DC  B "H4'"  2 
ATOM   1351 H "H3'"  . DC  B 2 10 ? -0.535  -17.476 2.498   1.00 0.29 ? 10 DC  B "H3'"  2 
ATOM   1352 H "H2'"  . DC  B 2 10 ? -2.552  -16.368 3.498   1.00 0.27 ? 10 DC  B "H2'"  2 
ATOM   1353 H "H2''" . DC  B 2 10 ? -1.529  -16.659 4.972   1.00 0.32 ? 10 DC  B "H2''" 2 
ATOM   1354 H "H1'"  . DC  B 2 10 ? -0.384  -14.543 4.629   1.00 0.25 ? 10 DC  B "H1'"  2 
ATOM   1355 H H41    . DC  B 2 10 ? -4.749  -10.831 7.366   1.00 0.30 ? 10 DC  B H41    2 
ATOM   1356 H H42    . DC  B 2 10 ? -6.124  -11.518 6.495   1.00 0.38 ? 10 DC  B H42    2 
ATOM   1357 H H5     . DC  B 2 10 ? -5.708  -13.296 4.700   1.00 0.26 ? 10 DC  B H5     2 
ATOM   1358 H H6     . DC  B 2 10 ? -4.025  -14.680 3.607   1.00 0.24 ? 10 DC  B H6     2 
ATOM   1359 P P      . DG  B 2 11 ? 1.296   -17.434 4.955   1.00 0.38 ? 11 DG  B P      2 
ATOM   1360 O OP1    . DG  B 2 11 ? 2.677   -17.929 4.751   1.00 0.49 ? 11 DG  B OP1    2 
ATOM   1361 O OP2    . DG  B 2 11 ? 0.215   -18.398 5.265   1.00 0.37 ? 11 DG  B OP2    2 
ATOM   1362 O "O5'"  . DG  B 2 11 ? 1.319   -16.316 6.131   1.00 0.34 ? 11 DG  B "O5'"  2 
ATOM   1363 C "C5'"  . DG  B 2 11 ? 2.305   -16.322 7.183   1.00 0.21 ? 11 DG  B "C5'"  2 
ATOM   1364 C "C4'"  . DG  B 2 11 ? 1.740   -16.698 8.563   1.00 0.25 ? 11 DG  B "C4'"  2 
ATOM   1365 O "O4'"  . DG  B 2 11 ? 0.783   -15.739 9.072   1.00 0.24 ? 11 DG  B "O4'"  2 
ATOM   1366 C "C3'"  . DG  B 2 11 ? 1.016   -18.052 8.578   1.00 0.39 ? 11 DG  B "C3'"  2 
ATOM   1367 O "O3'"  . DG  B 2 11 ? 1.192   -18.747 9.817   1.00 0.65 ? 11 DG  B "O3'"  2 
ATOM   1368 C "C2'"  . DG  B 2 11 ? -0.380  -17.570 8.351   1.00 0.40 ? 11 DG  B "C2'"  2 
ATOM   1369 C "C1'"  . DG  B 2 11 ? -0.457  -16.432 9.296   1.00 0.29 ? 11 DG  B "C1'"  2 
ATOM   1370 N N9     . DG  B 2 11 ? -1.670  -15.608 9.109   1.00 0.24 ? 11 DG  B N9     2 
ATOM   1371 C C8     . DG  B 2 11 ? -2.693  -15.750 8.213   1.00 0.25 ? 11 DG  B C8     2 
ATOM   1372 N N7     . DG  B 2 11 ? -3.631  -14.859 8.268   1.00 0.22 ? 11 DG  B N7     2 
ATOM   1373 C C5     . DG  B 2 11 ? -3.198  -14.037 9.306   1.00 0.15 ? 11 DG  B C5     2 
ATOM   1374 C C6     . DG  B 2 11 ? -3.799  -12.878 9.852   1.00 0.12 ? 11 DG  B C6     2 
ATOM   1375 O O6     . DG  B 2 11 ? -4.842  -12.324 9.519   1.00 0.13 ? 11 DG  B O6     2 
ATOM   1376 N N1     . DG  B 2 11 ? -3.051  -12.346 10.883  1.00 0.14 ? 11 DG  B N1     2 
ATOM   1377 C C2     . DG  B 2 11 ? -1.864  -12.857 11.348  1.00 0.19 ? 11 DG  B C2     2 
ATOM   1378 N N2     . DG  B 2 11 ? -1.257  -12.153 12.432  1.00 0.22 ? 11 DG  B N2     2 
ATOM   1379 N N3     . DG  B 2 11 ? -1.285  -13.947 10.841  1.00 0.20 ? 11 DG  B N3     2 
ATOM   1380 C C4     . DG  B 2 11 ? -2.006  -14.486 9.827   1.00 0.18 ? 11 DG  B C4     2 
ATOM   1381 H "H5'"  . DG  B 2 11 ? 2.755   -15.331 7.246   1.00 0.42 ? 11 DG  B "H5'"  2 
ATOM   1382 H "H5''" . DG  B 2 11 ? 3.093   -17.035 6.931   1.00 0.22 ? 11 DG  B "H5''" 2 
ATOM   1383 H "H4'"  . DG  B 2 11 ? 2.571   -16.748 9.264   1.00 0.41 ? 11 DG  B "H4'"  2 
ATOM   1384 H "H3'"  . DG  B 2 11 ? 1.290   -18.684 7.733   1.00 0.43 ? 11 DG  B "H3'"  2 
ATOM   1385 H "HO3'" . DG  B 2 11 ? 2.136   -18.865 9.945   1.00 0.77 ? 11 DG  B "HO3'" 2 
ATOM   1386 H "H2'"  . DG  B 2 11 ? -0.375  -17.169 7.337   1.00 0.43 ? 11 DG  B "H2'"  2 
ATOM   1387 H "H2''" . DG  B 2 11 ? -1.228  -18.239 8.499   1.00 0.61 ? 11 DG  B "H2''" 2 
ATOM   1388 H "H1'"  . DG  B 2 11 ? -0.470  -16.966 10.247  1.00 0.45 ? 11 DG  B "H1'"  2 
ATOM   1389 H H8     . DG  B 2 11 ? -2.736  -16.577 7.505   1.00 0.32 ? 11 DG  B H8     2 
ATOM   1390 H H1     . DG  B 2 11 ? -3.446  -11.514 11.300  1.00 0.18 ? 11 DG  B H1     2 
ATOM   1391 H H21    . DG  B 2 11 ? -1.758  -11.384 12.853  1.00 0.24 ? 11 DG  B H21    2 
ATOM   1392 H H22    . DG  B 2 11 ? -0.346  -12.430 12.769  1.00 0.32 ? 11 DG  B H22    2 
# 
